data_4Q0B
#
_entry.id   4Q0B
#
_cell.length_a   89.716
_cell.length_b   131.051
_cell.length_c   141.631
_cell.angle_alpha   90.00
_cell.angle_beta   100.69
_cell.angle_gamma   90.00
#
_symmetry.space_group_name_H-M   'P 1 21 1'
#
loop_
_entity.id
_entity.type
_entity.pdbx_description
1 polymer 'HIV-1 reverse transcriptase, p66 subunit'
2 polymer 'HIV-1 reverse transcriptase, p51 subunit'
3 polymer "5'-R(*AP*UP*GP*GP*UP*CP*GP*GP*CP*GP*CP*CP*CP*G)-3'"
4 polymer "5'-R(P*AP*CP*AP*GP*GP*GP*AP*CP*UP*GP*UP*G)-3'"
5 polymer "5'-D(*A*CP*AP*GP*TP*CP*CP*CP*TP*GP*TP*TP*CP*GP*GP*GP*CP*GP*CP*CP*G)-3'"
6 non-polymer "11-CYCLOPROPYL-5,11-DIHYDRO-4-METHYL-6H-DIPYRIDO[3,2-B:2',3'-E][1,4]DIAZEPIN-6-ONE"
7 non-polymer 'MANGANESE (II) ION'
8 non-polymer 'SULFATE ION'
#
loop_
_entity_poly.entity_id
_entity_poly.type
_entity_poly.pdbx_seq_one_letter_code
_entity_poly.pdbx_strand_id
1 'polypeptide(L)'
;MVPISPIETVPVKLKPGMDGPKVKQWPLTEEKIKALVEICTEMEKEGKISKIGPENPYNTPVFAIKKKDSTKWRKLVDFR
ELNKRTQDFWEVQLGIPHPAGLKKKKSVTVLDVGDAYFSVPLDEDFRKYTAFTIPSINNETPGIRYQYNVLPQGWKGSPA
IFQSSMTKILEPFKKQNPDIVIYQYMDDLYVGSDLEIGQHRTKIEELRQHLLRWGLTTPDKKHQKEPPFLWMGYELHPDK
WTVQPIVLPEKDSWTVNDICKLVGKLNWASQIYPGIKVRQLSKLLRGTKALTEVIPLTEEAELELAENREILKEPVHGVY
YDPSKDLIAEIQKQGQGQWTYQIYQEPFKNLKTGKYARMRGAHTNDVKQLTEAVQKITTESIVIWGKTPKFKLPIQKETW
ETWWTEYWQATWIPEWEFVNTPPLVKLWYQLEKEPIVGAETFYVDGAANRETKLGKAGYVTNKGRQKVVPLTNTTNQKTE
LQAIYLALQDSGLEVNIVTNSQYALGIIQAQPDKSESELVNQIIEQLIKKEKVYLAWVPAHKGIGGNEQVDKLVSA
;
A,C
2 'polypeptide(L)'
;PISPIETVPVKLKPGMDGPKVKQWPLTEEKIKALVEICTEMEKEGKISKIGPENPYNTPVFAIKKKDSTKWRKLVDFREL
NKRTQDFWEVQLGIPHPAGLKKKKSVTVLDVGDAYFSVPLDEDFRKYTAFTIPSINNETPGIRYQYNVLPQGWKGSPAIF
QSSMTKILEPFKKQNPDIVIYQYMDDLYVGSDLEIGQHRTKIEELRQHLLRWGLTTPDKKHQKEPPFLWMGYELHPDKWT
VQPIVLPEKDSWTVNDIQKLVGKLNWASQIYPGIKVRQLSKLLRGTKALTEVIPLTEEAELELAENREILKEPVHGVYYD
PSKDLIAEIQKQGQGQWTYQIYQEPFKNLKTGKYARMRGAHTNDVKQLTEAVQKITTESIVIWGKTPKFKLPIQKETWET
WWTEYWQATWIPEWEFVNTPPLVKLWYQ
;
B,D
3 'polyribonucleotide' AUGGUCGGCGCCCG T,E
4 'polyribonucleotide' ACAGGGACUGUG t,e
5 'polydeoxyribonucleotide'
;(DA)(DC)(DA)(DG)(DT)(DC)(DC)(DC)(DT)(DG)(DT)(DT)(DC)(DG)(DG)(DG)(DC)(DG)(DC)(DC)
(DG)
;
P,F
#
# COMPACT_ATOMS: atom_id res chain seq x y z
N VAL A 2 18.96 58.67 -6.62
CA VAL A 2 17.69 58.12 -6.14
C VAL A 2 16.53 58.52 -7.07
N PRO A 3 15.69 57.54 -7.46
CA PRO A 3 14.33 57.64 -8.01
C PRO A 3 13.33 57.44 -6.85
N ILE A 4 12.02 57.39 -7.09
CA ILE A 4 11.07 57.27 -5.97
C ILE A 4 10.18 56.01 -6.13
N SER A 5 9.23 55.79 -5.20
CA SER A 5 8.56 54.48 -5.04
C SER A 5 6.99 54.39 -4.98
N PRO A 6 6.32 54.28 -6.15
CA PRO A 6 4.88 54.55 -6.03
C PRO A 6 4.01 53.52 -5.29
N ILE A 7 4.00 52.28 -5.75
CA ILE A 7 2.99 51.30 -5.33
C ILE A 7 3.55 49.88 -5.33
N GLU A 8 3.05 49.03 -4.43
CA GLU A 8 3.68 47.72 -4.14
C GLU A 8 4.03 46.89 -5.38
N THR A 9 5.17 46.23 -5.37
CA THR A 9 5.70 45.66 -6.59
C THR A 9 5.43 44.17 -6.52
N VAL A 10 5.25 43.55 -7.68
CA VAL A 10 4.89 42.14 -7.69
C VAL A 10 6.07 41.34 -8.24
N PRO A 11 6.64 40.46 -7.38
CA PRO A 11 7.80 39.59 -7.61
C PRO A 11 7.68 38.79 -8.89
N VAL A 12 8.72 38.78 -9.71
CA VAL A 12 8.70 38.01 -10.94
C VAL A 12 9.99 37.23 -11.10
N LYS A 13 9.88 35.93 -11.34
CA LYS A 13 11.04 35.08 -11.59
C LYS A 13 11.17 34.70 -13.07
N LEU A 14 12.12 33.83 -13.36
CA LEU A 14 12.30 33.32 -14.71
C LEU A 14 12.18 31.82 -14.70
N LYS A 15 11.72 31.27 -15.84
CA LYS A 15 11.57 29.83 -15.95
C LYS A 15 12.92 29.28 -15.57
N PRO A 16 12.99 28.49 -14.49
CA PRO A 16 14.27 28.14 -13.90
C PRO A 16 15.24 27.69 -14.99
N GLY A 17 16.52 27.99 -14.83
CA GLY A 17 17.50 27.68 -15.85
C GLY A 17 17.22 28.33 -17.20
N MET A 18 17.08 29.65 -17.16
CA MET A 18 17.02 30.47 -18.35
C MET A 18 17.48 31.88 -17.95
N ASP A 19 17.86 32.70 -18.94
CA ASP A 19 18.38 34.04 -18.65
C ASP A 19 18.08 35.01 -19.78
N GLY A 20 18.21 36.31 -19.50
CA GLY A 20 17.82 37.35 -20.44
C GLY A 20 18.41 37.27 -21.83
N PRO A 21 17.68 37.82 -22.80
CA PRO A 21 17.99 37.69 -24.23
C PRO A 21 19.05 38.63 -24.79
N LYS A 22 19.65 38.23 -25.91
CA LYS A 22 20.56 39.08 -26.68
C LYS A 22 20.16 38.92 -28.14
N VAL A 23 19.69 39.99 -28.78
CA VAL A 23 19.07 39.84 -30.09
C VAL A 23 19.49 40.87 -31.15
N LYS A 24 19.40 40.45 -32.42
CA LYS A 24 19.58 41.31 -33.58
C LYS A 24 18.26 42.02 -33.93
N GLN A 25 18.33 43.24 -34.46
CA GLN A 25 17.14 44.03 -34.79
C GLN A 25 16.33 43.45 -35.97
N TRP A 26 15.03 43.76 -36.00
CA TRP A 26 14.13 43.32 -37.09
C TRP A 26 13.33 44.55 -37.58
N PRO A 27 13.03 44.63 -38.89
CA PRO A 27 12.45 45.84 -39.52
C PRO A 27 11.22 46.48 -38.84
N LEU A 28 11.25 47.82 -38.87
CA LEU A 28 10.16 48.69 -38.44
C LEU A 28 10.25 49.97 -39.28
N THR A 29 9.12 50.61 -39.57
CA THR A 29 9.13 51.78 -40.47
C THR A 29 10.12 52.87 -40.02
N GLU A 30 10.81 53.46 -41.00
CA GLU A 30 11.95 54.35 -40.75
C GLU A 30 11.66 55.79 -40.24
N GLU A 31 10.49 56.34 -40.53
CA GLU A 31 10.15 57.72 -40.14
C GLU A 31 9.88 58.07 -38.66
N LYS A 32 8.94 57.40 -38.00
CA LYS A 32 8.54 57.78 -36.63
C LYS A 32 9.58 57.57 -35.50
N ILE A 33 10.51 56.64 -35.67
CA ILE A 33 11.49 56.29 -34.63
C ILE A 33 12.56 57.31 -34.20
N LYS A 34 12.70 58.42 -34.90
CA LYS A 34 13.68 59.41 -34.48
C LYS A 34 13.06 60.13 -33.30
N ALA A 35 11.74 60.06 -33.27
CA ALA A 35 10.95 60.75 -32.28
C ALA A 35 11.26 60.10 -30.94
N LEU A 36 11.51 58.78 -30.93
CA LEU A 36 11.64 58.18 -29.62
C LEU A 36 13.00 58.52 -29.03
N VAL A 37 13.99 58.82 -29.86
CA VAL A 37 15.26 59.22 -29.28
C VAL A 37 15.02 60.35 -28.26
N GLU A 38 14.09 61.26 -28.61
CA GLU A 38 13.80 62.34 -27.67
C GLU A 38 12.94 61.79 -26.59
N ILE A 39 11.90 61.07 -26.98
CA ILE A 39 10.94 60.64 -26.01
C ILE A 39 11.75 59.87 -24.94
N CYS A 40 12.81 59.15 -25.39
CA CYS A 40 13.60 58.43 -24.39
C CYS A 40 14.23 59.28 -23.29
N THR A 41 14.63 60.50 -23.64
CA THR A 41 15.28 61.36 -22.69
C THR A 41 14.24 61.87 -21.70
N GLU A 42 13.00 61.89 -22.16
CA GLU A 42 11.92 62.32 -21.30
C GLU A 42 11.88 61.29 -20.21
N MET A 43 11.82 60.02 -20.61
CA MET A 43 11.64 58.99 -19.62
C MET A 43 12.80 58.97 -18.63
N GLU A 44 14.01 59.31 -19.09
CA GLU A 44 15.15 59.32 -18.17
C GLU A 44 14.83 60.11 -16.91
N LYS A 45 14.24 61.28 -17.12
CA LYS A 45 13.94 62.20 -16.03
C LYS A 45 12.74 61.81 -15.19
N GLU A 46 11.80 61.07 -15.77
CA GLU A 46 10.57 60.74 -15.05
C GLU A 46 10.69 59.51 -14.17
N GLY A 47 11.73 58.72 -14.41
CA GLY A 47 11.95 57.52 -13.64
C GLY A 47 11.54 56.27 -14.38
N LYS A 48 11.22 56.39 -15.66
CA LYS A 48 10.69 55.26 -16.43
C LYS A 48 11.81 54.53 -17.16
N ILE A 49 13.04 55.03 -17.02
CA ILE A 49 14.18 54.48 -17.74
C ILE A 49 15.45 54.71 -16.90
N SER A 50 16.51 53.96 -17.19
CA SER A 50 17.83 54.18 -16.60
C SER A 50 18.84 53.57 -17.54
N LYS A 51 20.12 53.50 -17.13
CA LYS A 51 21.11 52.78 -17.90
C LYS A 51 22.30 52.41 -17.01
N ILE A 52 23.04 51.40 -17.43
CA ILE A 52 24.35 51.00 -16.88
C ILE A 52 25.12 50.36 -18.05
N GLY A 53 26.42 50.60 -18.15
CA GLY A 53 27.21 49.99 -19.21
C GLY A 53 27.58 48.51 -19.21
N PRO A 54 28.27 48.03 -18.16
CA PRO A 54 28.78 46.65 -18.10
C PRO A 54 27.73 45.55 -17.92
N GLU A 55 26.70 45.82 -17.13
CA GLU A 55 25.92 44.76 -16.49
C GLU A 55 24.90 44.08 -17.39
N ASN A 56 24.63 44.63 -18.56
CA ASN A 56 23.59 44.09 -19.41
C ASN A 56 24.08 43.33 -20.63
N PRO A 57 23.98 41.99 -20.58
CA PRO A 57 24.08 41.22 -21.82
C PRO A 57 22.71 41.07 -22.46
N TYR A 58 22.03 42.19 -22.67
CA TYR A 58 20.64 42.14 -23.11
C TYR A 58 20.34 43.09 -24.27
N ASN A 59 19.67 42.54 -25.28
CA ASN A 59 19.30 43.27 -26.48
C ASN A 59 17.99 42.71 -26.98
N THR A 60 17.10 43.58 -27.45
CA THR A 60 15.79 43.17 -27.93
C THR A 60 15.42 43.93 -29.21
N PRO A 61 14.73 43.26 -30.14
CA PRO A 61 14.26 43.82 -31.42
C PRO A 61 12.91 44.57 -31.31
N VAL A 62 12.33 44.95 -32.45
CA VAL A 62 11.03 45.67 -32.49
C VAL A 62 10.07 45.15 -33.58
N PHE A 63 8.87 44.73 -33.14
CA PHE A 63 7.75 44.33 -34.01
C PHE A 63 6.44 44.87 -33.42
N ALA A 64 5.64 45.57 -34.24
CA ALA A 64 4.49 46.32 -33.73
C ALA A 64 3.13 46.05 -34.39
N ILE A 65 2.08 46.55 -33.75
CA ILE A 65 0.70 46.48 -34.24
C ILE A 65 0.10 47.89 -34.33
N LYS A 66 -0.71 48.13 -35.35
CA LYS A 66 -1.19 49.49 -35.63
C LYS A 66 -2.63 49.65 -35.14
N LYS A 67 -3.00 50.85 -34.68
CA LYS A 67 -4.38 51.13 -34.30
C LYS A 67 -5.01 52.33 -35.03
N LYS A 68 -6.28 52.19 -35.42
CA LYS A 68 -7.07 53.27 -36.04
C LYS A 68 -7.55 54.30 -35.00
N ASP A 69 -8.00 55.47 -35.46
CA ASP A 69 -8.55 56.52 -34.60
C ASP A 69 -7.56 57.16 -33.60
N SER A 70 -6.41 57.62 -34.10
CA SER A 70 -5.43 58.29 -33.24
C SER A 70 -5.05 59.69 -33.73
N THR A 71 -4.95 60.63 -32.81
CA THR A 71 -4.48 61.98 -33.13
C THR A 71 -2.97 62.09 -32.86
N LYS A 72 -2.39 61.01 -32.34
CA LYS A 72 -0.94 60.91 -32.11
C LYS A 72 -0.45 59.47 -32.26
N TRP A 73 0.84 59.30 -32.51
CA TRP A 73 1.42 57.99 -32.78
C TRP A 73 1.89 57.27 -31.49
N ARG A 74 1.71 55.94 -31.45
CA ARG A 74 1.99 55.14 -30.26
C ARG A 74 3.23 54.23 -30.44
N LYS A 75 4.23 54.39 -29.57
CA LYS A 75 5.51 53.68 -29.70
C LYS A 75 5.43 52.21 -29.25
N LEU A 76 6.37 51.36 -29.70
CA LEU A 76 6.44 49.96 -29.24
C LEU A 76 7.84 49.31 -29.30
N VAL A 77 8.08 48.34 -28.43
CA VAL A 77 9.32 47.53 -28.40
C VAL A 77 9.03 46.02 -28.27
N ASP A 78 9.88 45.18 -28.86
CA ASP A 78 9.63 43.72 -28.92
C ASP A 78 10.53 42.97 -27.95
N PHE A 79 9.93 42.42 -26.90
CA PHE A 79 10.67 41.61 -25.93
C PHE A 79 10.53 40.12 -26.20
N ARG A 80 9.98 39.77 -27.35
CA ARG A 80 9.55 38.40 -27.65
C ARG A 80 10.53 37.33 -27.18
N GLU A 81 11.82 37.61 -27.31
CA GLU A 81 12.81 36.69 -26.78
C GLU A 81 12.76 36.70 -25.26
N LEU A 82 12.68 37.89 -24.67
CA LEU A 82 12.56 38.03 -23.21
C LEU A 82 11.26 37.37 -22.79
N ASN A 83 10.20 37.67 -23.55
CA ASN A 83 8.89 37.11 -23.26
C ASN A 83 9.00 35.60 -23.08
N LYS A 84 9.37 34.88 -24.15
CA LYS A 84 9.40 33.42 -24.13
C LYS A 84 10.20 32.83 -22.96
N ARG A 85 11.12 33.65 -22.45
CA ARG A 85 12.05 33.30 -21.39
C ARG A 85 11.55 33.74 -20.01
N THR A 86 10.36 34.32 -19.97
CA THR A 86 9.82 34.92 -18.76
C THR A 86 8.77 34.01 -18.15
N GLN A 87 8.69 34.02 -16.82
CA GLN A 87 7.79 33.13 -16.11
C GLN A 87 6.37 33.32 -16.58
N ASP A 88 5.55 32.27 -16.52
CA ASP A 88 4.14 32.44 -16.80
C ASP A 88 3.36 33.08 -15.64
N PHE A 89 2.22 33.68 -15.98
CA PHE A 89 1.35 34.30 -14.98
C PHE A 89 -0.02 33.66 -15.02
N TRP A 90 -0.82 33.89 -13.97
CA TRP A 90 -2.21 33.52 -14.06
C TRP A 90 -2.87 34.68 -14.75
N GLU A 91 -3.42 34.48 -15.95
CA GLU A 91 -3.96 35.63 -16.70
C GLU A 91 -5.15 36.24 -15.99
N VAL A 92 -5.21 37.57 -15.94
CA VAL A 92 -6.31 38.16 -15.22
C VAL A 92 -7.62 38.28 -16.04
N GLN A 93 -7.52 38.34 -17.37
CA GLN A 93 -8.72 38.48 -18.20
C GLN A 93 -9.26 37.14 -18.63
N LEU A 94 -10.33 36.73 -17.99
CA LEU A 94 -10.86 35.40 -18.22
C LEU A 94 -11.91 35.53 -19.28
N GLY A 95 -11.93 36.70 -19.88
CA GLY A 95 -13.00 37.06 -20.76
C GLY A 95 -13.77 38.14 -20.04
N ILE A 96 -14.80 38.62 -20.70
CA ILE A 96 -15.56 39.78 -20.27
C ILE A 96 -17.03 39.59 -19.93
N PRO A 97 -17.53 40.41 -19.00
CA PRO A 97 -18.95 40.32 -18.66
C PRO A 97 -19.81 40.64 -19.87
N HIS A 98 -20.95 39.97 -19.96
CA HIS A 98 -21.95 40.23 -20.99
C HIS A 98 -22.94 41.27 -20.46
N PRO A 99 -23.31 42.24 -21.30
CA PRO A 99 -24.24 43.30 -20.88
C PRO A 99 -25.46 42.79 -20.15
N ALA A 100 -26.05 41.68 -20.57
CA ALA A 100 -27.27 41.24 -19.94
C ALA A 100 -27.08 40.81 -18.48
N GLY A 101 -25.85 40.81 -17.99
CA GLY A 101 -25.64 40.37 -16.62
C GLY A 101 -25.46 41.52 -15.67
N LEU A 102 -25.29 42.71 -16.24
CA LEU A 102 -25.13 43.93 -15.47
C LEU A 102 -26.46 44.31 -14.80
N LYS A 103 -26.40 44.82 -13.58
CA LYS A 103 -27.61 45.33 -12.96
C LYS A 103 -27.76 46.75 -13.44
N LYS A 104 -29.01 47.20 -13.62
CA LYS A 104 -29.24 48.58 -14.02
C LYS A 104 -28.70 49.47 -12.91
N LYS A 105 -27.92 50.46 -13.29
CA LYS A 105 -27.31 51.36 -12.34
C LYS A 105 -27.76 52.75 -12.76
N LYS A 106 -28.23 53.53 -11.79
CA LYS A 106 -28.70 54.86 -12.06
C LYS A 106 -27.62 55.77 -12.69
N SER A 107 -26.41 55.72 -12.14
CA SER A 107 -25.35 56.61 -12.59
C SER A 107 -24.10 55.81 -13.03
N VAL A 108 -23.62 55.98 -14.27
CA VAL A 108 -22.44 55.22 -14.73
C VAL A 108 -21.40 56.03 -15.53
N THR A 109 -20.19 56.15 -14.99
CA THR A 109 -19.17 57.01 -15.59
C THR A 109 -17.92 56.22 -16.00
N VAL A 110 -17.12 56.79 -16.90
CA VAL A 110 -15.88 56.15 -17.30
C VAL A 110 -14.65 57.04 -17.27
N LEU A 111 -13.73 56.68 -16.38
CA LEU A 111 -12.46 57.37 -16.30
C LEU A 111 -11.43 56.54 -17.05
N ASP A 112 -10.62 57.19 -17.87
CA ASP A 112 -9.61 56.50 -18.66
C ASP A 112 -8.26 56.90 -18.10
N VAL A 113 -7.55 55.91 -17.57
CA VAL A 113 -6.27 56.12 -16.91
C VAL A 113 -5.13 56.36 -17.90
N GLY A 114 -4.47 57.51 -17.79
CA GLY A 114 -3.38 57.83 -18.68
C GLY A 114 -2.03 57.39 -18.15
N ASP A 115 -1.13 57.12 -19.08
CA ASP A 115 0.19 56.54 -18.82
C ASP A 115 0.08 55.32 -17.93
N ALA A 116 -0.93 54.50 -18.20
CA ALA A 116 -1.27 53.36 -17.37
C ALA A 116 -0.15 52.32 -17.21
N TYR A 117 0.39 51.84 -18.32
CA TYR A 117 1.44 50.83 -18.27
C TYR A 117 2.76 51.39 -17.76
N PHE A 118 3.04 52.65 -18.06
CA PHE A 118 4.29 53.20 -17.61
C PHE A 118 4.11 53.75 -16.19
N SER A 119 2.91 53.59 -15.63
CA SER A 119 2.62 54.05 -14.28
C SER A 119 2.84 52.98 -13.22
N VAL A 120 3.27 51.80 -13.64
CA VAL A 120 3.43 50.68 -12.74
C VAL A 120 4.88 50.26 -12.56
N PRO A 121 5.39 50.29 -11.31
CA PRO A 121 6.77 49.93 -11.05
C PRO A 121 7.04 48.49 -11.43
N LEU A 122 8.08 48.27 -12.23
CA LEU A 122 8.52 46.92 -12.53
C LEU A 122 9.22 46.36 -11.30
N ASP A 123 9.35 45.04 -11.23
CA ASP A 123 10.01 44.43 -10.11
C ASP A 123 11.44 44.90 -10.12
N GLU A 124 11.94 45.31 -8.96
CA GLU A 124 13.32 45.80 -8.85
C GLU A 124 14.28 44.90 -9.62
N ASP A 125 14.51 43.69 -9.13
CA ASP A 125 15.58 42.85 -9.65
C ASP A 125 15.36 42.38 -11.09
N PHE A 126 14.17 42.52 -11.61
CA PHE A 126 13.95 41.95 -12.93
C PHE A 126 14.27 43.03 -13.90
N ARG A 127 14.40 44.23 -13.35
CA ARG A 127 14.57 45.40 -14.15
C ARG A 127 15.74 45.04 -15.04
N LYS A 128 16.71 44.32 -14.45
CA LYS A 128 17.96 44.13 -15.21
C LYS A 128 17.74 43.59 -16.64
N TYR A 129 16.80 42.67 -16.82
CA TYR A 129 16.70 41.94 -18.10
C TYR A 129 16.20 42.80 -19.26
N THR A 130 15.93 44.07 -18.99
CA THR A 130 15.25 44.90 -19.98
C THR A 130 16.03 45.50 -21.15
N ALA A 131 17.37 45.55 -21.09
CA ALA A 131 18.14 46.35 -22.05
C ALA A 131 17.82 46.12 -23.53
N PHE A 132 17.74 47.21 -24.29
CA PHE A 132 17.26 47.19 -25.68
C PHE A 132 17.83 48.30 -26.59
N THR A 133 17.77 48.08 -27.92
CA THR A 133 18.24 49.07 -28.91
C THR A 133 17.44 49.04 -30.25
N ILE A 134 17.21 50.22 -30.83
CA ILE A 134 16.40 50.39 -32.05
C ILE A 134 16.99 51.58 -32.87
N PRO A 135 16.92 51.51 -34.22
CA PRO A 135 17.53 52.51 -35.13
C PRO A 135 17.16 54.00 -34.89
N SER A 136 18.18 54.87 -34.88
CA SER A 136 18.05 56.30 -34.57
C SER A 136 17.08 57.06 -35.48
N ILE A 137 17.47 57.26 -36.73
CA ILE A 137 16.58 57.78 -37.76
C ILE A 137 16.71 56.87 -38.99
N ASN A 138 17.87 56.87 -39.61
CA ASN A 138 18.27 55.73 -40.44
C ASN A 138 19.29 54.94 -39.63
N ASN A 139 20.52 55.47 -39.58
CA ASN A 139 21.54 55.21 -38.53
C ASN A 139 22.84 55.92 -38.90
N GLU A 140 23.69 56.20 -37.92
CA GLU A 140 24.99 56.81 -38.21
C GLU A 140 26.16 56.11 -37.48
N THR A 141 26.24 56.33 -36.17
CA THR A 141 27.19 55.65 -35.29
C THR A 141 26.56 54.38 -34.70
N PRO A 142 27.37 53.41 -34.24
CA PRO A 142 26.80 52.15 -33.76
C PRO A 142 25.68 52.20 -32.68
N GLY A 143 25.83 52.94 -31.58
CA GLY A 143 24.72 53.05 -30.63
C GLY A 143 24.95 53.17 -29.12
N ILE A 144 23.84 53.12 -28.37
CA ILE A 144 23.86 53.08 -26.89
C ILE A 144 22.66 52.27 -26.32
N ARG A 145 22.58 52.09 -25.00
CA ARG A 145 21.54 51.26 -24.36
C ARG A 145 21.16 51.65 -22.92
N TYR A 146 20.21 50.90 -22.36
CA TYR A 146 19.49 51.31 -21.14
C TYR A 146 18.71 50.16 -20.46
N GLN A 147 17.97 50.47 -19.39
CA GLN A 147 17.11 49.50 -18.71
C GLN A 147 15.72 50.08 -18.40
N TYR A 148 14.71 49.22 -18.23
CA TYR A 148 13.32 49.63 -17.98
C TYR A 148 12.93 49.63 -16.50
N ASN A 149 12.29 50.70 -16.05
CA ASN A 149 11.77 50.84 -14.69
C ASN A 149 10.28 50.58 -14.45
N VAL A 150 9.52 50.20 -15.48
CA VAL A 150 8.07 50.01 -15.38
C VAL A 150 7.59 48.87 -16.28
N LEU A 151 6.28 48.73 -16.44
CA LEU A 151 5.75 47.63 -17.24
C LEU A 151 5.86 47.99 -18.71
N PRO A 152 6.73 47.29 -19.45
CA PRO A 152 7.10 47.43 -20.86
C PRO A 152 6.01 46.97 -21.82
N GLN A 153 5.89 47.67 -22.95
CA GLN A 153 4.87 47.31 -23.91
C GLN A 153 5.19 46.04 -24.66
N GLY A 154 4.25 45.11 -24.55
CA GLY A 154 4.30 43.83 -25.20
C GLY A 154 4.89 42.79 -24.29
N TRP A 155 5.15 43.18 -23.06
CA TRP A 155 5.58 42.21 -22.06
C TRP A 155 4.37 41.51 -21.43
N LYS A 156 4.52 40.23 -21.07
CA LYS A 156 3.42 39.42 -20.50
C LYS A 156 2.88 39.92 -19.12
N GLY A 157 3.80 40.47 -18.33
CA GLY A 157 3.37 40.77 -16.97
C GLY A 157 2.80 42.14 -16.94
N SER A 158 2.88 42.82 -18.08
CA SER A 158 2.47 44.19 -18.04
C SER A 158 0.99 43.94 -17.77
N PRO A 159 0.29 43.22 -18.68
CA PRO A 159 -1.13 43.04 -18.40
C PRO A 159 -1.44 42.33 -17.10
N ALA A 160 -0.72 41.24 -16.78
CA ALA A 160 -1.10 40.56 -15.53
C ALA A 160 -0.97 41.39 -14.24
N ILE A 161 0.19 42.02 -14.12
CA ILE A 161 0.53 42.79 -12.95
C ILE A 161 -0.24 44.10 -12.89
N PHE A 162 -0.42 44.76 -14.03
CA PHE A 162 -1.30 45.91 -14.03
C PHE A 162 -2.62 45.51 -13.44
N GLN A 163 -3.35 44.60 -14.09
CA GLN A 163 -4.67 44.25 -13.58
C GLN A 163 -4.70 44.00 -12.10
N SER A 164 -3.69 43.28 -11.62
CA SER A 164 -3.69 42.92 -10.21
C SER A 164 -3.35 44.06 -9.27
N SER A 165 -2.44 44.91 -9.69
CA SER A 165 -2.03 46.04 -8.88
C SER A 165 -3.17 47.03 -8.74
N MET A 166 -3.76 47.38 -9.89
CA MET A 166 -4.93 48.25 -9.95
C MET A 166 -6.03 47.74 -9.03
N THR A 167 -6.41 46.50 -9.23
CA THR A 167 -7.34 45.84 -8.31
C THR A 167 -6.97 45.98 -6.83
N LYS A 168 -5.68 45.82 -6.54
CA LYS A 168 -5.14 45.83 -5.17
C LYS A 168 -5.36 47.22 -4.57
N ILE A 169 -5.17 48.22 -5.42
CA ILE A 169 -5.38 49.63 -5.09
C ILE A 169 -6.83 49.92 -4.77
N LEU A 170 -7.72 49.44 -5.65
CA LEU A 170 -9.15 49.71 -5.53
C LEU A 170 -9.79 49.05 -4.33
N GLU A 171 -9.27 47.90 -3.91
CA GLU A 171 -9.91 47.17 -2.81
C GLU A 171 -10.32 48.03 -1.62
N PRO A 172 -9.41 48.90 -1.11
CA PRO A 172 -9.78 49.69 0.07
C PRO A 172 -10.81 50.80 -0.16
N PHE A 173 -10.86 51.38 -1.35
CA PHE A 173 -11.91 52.36 -1.66
C PHE A 173 -13.24 51.66 -1.64
N LYS A 174 -13.27 50.53 -2.33
CA LYS A 174 -14.48 49.73 -2.46
C LYS A 174 -15.00 49.24 -1.10
N LYS A 175 -14.09 48.86 -0.21
CA LYS A 175 -14.51 48.31 1.07
C LYS A 175 -15.15 49.43 1.86
N GLN A 176 -14.65 50.62 1.58
CA GLN A 176 -15.16 51.84 2.19
C GLN A 176 -16.37 52.37 1.45
N ASN A 177 -16.72 51.75 0.34
CA ASN A 177 -17.92 52.17 -0.41
C ASN A 177 -18.80 51.05 -0.96
N PRO A 178 -19.32 50.17 -0.08
CA PRO A 178 -20.00 48.92 -0.45
C PRO A 178 -21.06 49.04 -1.54
N ASP A 179 -21.73 50.18 -1.64
CA ASP A 179 -22.87 50.27 -2.55
C ASP A 179 -22.49 50.90 -3.91
N ILE A 180 -21.23 51.27 -4.10
CA ILE A 180 -20.73 51.56 -5.44
C ILE A 180 -20.47 50.27 -6.22
N VAL A 181 -20.36 50.36 -7.55
CA VAL A 181 -20.05 49.21 -8.38
C VAL A 181 -19.03 49.57 -9.48
N ILE A 182 -17.85 48.94 -9.44
CA ILE A 182 -16.78 49.22 -10.42
C ILE A 182 -16.46 48.02 -11.33
N TYR A 183 -16.03 48.30 -12.55
CA TYR A 183 -15.48 47.28 -13.46
C TYR A 183 -14.29 47.83 -14.23
N GLN A 184 -13.23 47.04 -14.32
CA GLN A 184 -12.02 47.47 -15.01
C GLN A 184 -11.79 46.76 -16.31
N TYR A 185 -11.74 47.50 -17.39
CA TYR A 185 -11.33 46.87 -18.63
C TYR A 185 -10.12 47.59 -19.15
N MET A 186 -9.00 46.88 -19.20
CA MET A 186 -7.73 47.50 -19.55
C MET A 186 -7.51 48.66 -18.59
N ASP A 187 -7.24 49.82 -19.17
CA ASP A 187 -6.94 51.04 -18.45
C ASP A 187 -8.17 51.88 -18.17
N ASP A 188 -9.35 51.40 -18.53
CA ASP A 188 -10.51 52.21 -18.25
C ASP A 188 -11.25 51.65 -17.08
N LEU A 189 -11.75 52.54 -16.22
CA LEU A 189 -12.60 52.09 -15.14
C LEU A 189 -14.00 52.63 -15.38
N TYR A 190 -15.01 51.79 -15.11
CA TYR A 190 -16.38 52.23 -15.17
C TYR A 190 -16.98 52.09 -13.79
N VAL A 191 -17.52 53.18 -13.28
CA VAL A 191 -18.06 53.24 -11.92
C VAL A 191 -19.55 53.54 -12.00
N GLY A 192 -20.34 52.95 -11.11
CA GLY A 192 -21.77 53.22 -11.09
C GLY A 192 -22.50 53.03 -9.78
N SER A 193 -23.60 53.75 -9.60
CA SER A 193 -24.32 53.73 -8.32
C SER A 193 -25.81 54.07 -8.46
N ASP A 194 -26.57 53.74 -7.42
CA ASP A 194 -27.98 54.11 -7.37
C ASP A 194 -28.15 55.39 -6.56
N LEU A 195 -27.04 56.01 -6.17
CA LEU A 195 -27.11 57.29 -5.46
C LEU A 195 -27.52 58.40 -6.41
N GLU A 196 -27.73 59.60 -5.87
CA GLU A 196 -28.15 60.75 -6.67
C GLU A 196 -27.00 61.32 -7.52
N ILE A 197 -27.33 61.86 -8.69
CA ILE A 197 -26.33 62.23 -9.70
C ILE A 197 -25.12 63.05 -9.23
N GLY A 198 -25.38 63.99 -8.34
CA GLY A 198 -24.28 64.80 -7.84
C GLY A 198 -23.42 64.13 -6.80
N GLN A 199 -24.00 63.46 -5.79
CA GLN A 199 -23.17 62.81 -4.77
C GLN A 199 -22.41 61.66 -5.42
N HIS A 200 -22.95 61.20 -6.55
CA HIS A 200 -22.26 60.19 -7.31
C HIS A 200 -21.02 60.90 -7.84
N ARG A 201 -21.20 62.08 -8.43
CA ARG A 201 -20.01 62.82 -8.91
C ARG A 201 -19.04 63.27 -7.79
N THR A 202 -19.55 63.34 -6.56
CA THR A 202 -18.76 63.56 -5.35
C THR A 202 -17.76 62.43 -5.20
N LYS A 203 -18.28 61.21 -5.23
CA LYS A 203 -17.41 60.06 -5.08
C LYS A 203 -16.55 59.87 -6.33
N ILE A 204 -16.97 60.38 -7.47
CA ILE A 204 -16.15 60.28 -8.67
C ILE A 204 -14.89 61.13 -8.54
N GLU A 205 -15.03 62.30 -7.96
CA GLU A 205 -13.80 63.08 -7.80
C GLU A 205 -13.01 62.48 -6.64
N GLU A 206 -13.66 62.21 -5.51
CA GLU A 206 -13.01 61.60 -4.35
C GLU A 206 -12.23 60.30 -4.70
N LEU A 207 -12.67 59.61 -5.75
CA LEU A 207 -11.92 58.49 -6.27
C LEU A 207 -10.79 58.94 -7.18
N ARG A 208 -11.00 59.96 -8.03
CA ARG A 208 -9.84 60.44 -8.81
C ARG A 208 -8.72 60.87 -7.85
N GLN A 209 -9.15 61.18 -6.63
CA GLN A 209 -8.32 61.53 -5.49
C GLN A 209 -7.57 60.29 -5.08
N HIS A 210 -8.30 59.21 -4.80
CA HIS A 210 -7.68 57.95 -4.31
C HIS A 210 -6.67 57.35 -5.33
N LEU A 211 -6.95 57.59 -6.60
CA LEU A 211 -6.08 57.11 -7.64
C LEU A 211 -4.89 58.01 -7.66
N LEU A 212 -5.10 59.30 -7.42
CA LEU A 212 -3.94 60.18 -7.44
C LEU A 212 -3.04 59.81 -6.25
N ARG A 213 -3.64 59.54 -5.09
CA ARG A 213 -2.92 59.15 -3.87
C ARG A 213 -2.04 57.94 -4.15
N TRP A 214 -2.39 57.16 -5.19
CA TRP A 214 -1.47 56.10 -5.68
C TRP A 214 -0.68 56.40 -6.97
N GLY A 215 -0.80 57.61 -7.51
CA GLY A 215 -0.06 57.98 -8.72
C GLY A 215 -0.75 57.62 -10.03
N LEU A 216 -2.08 57.51 -9.94
CA LEU A 216 -2.96 57.13 -11.04
C LEU A 216 -3.75 58.33 -11.62
N THR A 217 -3.50 58.66 -12.87
CA THR A 217 -4.02 59.89 -13.45
C THR A 217 -5.42 59.74 -14.06
N THR A 218 -6.33 60.61 -13.64
CA THR A 218 -7.70 60.61 -14.14
C THR A 218 -8.08 61.97 -14.75
N PRO A 219 -7.86 62.14 -16.07
CA PRO A 219 -8.15 63.45 -16.69
C PRO A 219 -9.60 63.94 -16.63
N ASP A 220 -9.89 65.17 -17.08
CA ASP A 220 -11.29 65.62 -17.04
C ASP A 220 -11.97 65.49 -18.41
N LYS A 221 -11.24 64.92 -19.37
CA LYS A 221 -11.78 64.52 -20.68
C LYS A 221 -12.82 63.43 -20.38
N LYS A 222 -12.75 62.98 -19.12
CA LYS A 222 -13.68 62.05 -18.50
C LYS A 222 -15.09 62.54 -18.72
N HIS A 223 -15.98 61.59 -18.99
CA HIS A 223 -17.32 61.94 -19.34
C HIS A 223 -18.47 61.29 -18.56
N GLN A 224 -19.21 62.18 -17.89
CA GLN A 224 -20.53 61.92 -17.32
C GLN A 224 -21.56 62.09 -18.46
N LYS A 225 -21.21 62.96 -19.42
CA LYS A 225 -22.05 63.30 -20.59
C LYS A 225 -21.90 62.45 -21.89
N GLU A 226 -20.85 61.63 -22.02
CA GLU A 226 -20.69 60.67 -23.16
C GLU A 226 -21.61 59.41 -23.31
N PRO A 227 -22.03 58.76 -22.19
CA PRO A 227 -22.87 57.56 -22.33
C PRO A 227 -24.08 57.72 -23.25
N PRO A 228 -24.35 56.72 -24.12
CA PRO A 228 -23.87 55.34 -24.23
C PRO A 228 -22.35 55.21 -24.34
N PHE A 229 -21.76 54.23 -23.64
CA PHE A 229 -20.34 53.96 -23.83
C PHE A 229 -20.26 52.90 -24.92
N LEU A 230 -19.27 53.06 -25.79
CA LEU A 230 -19.05 52.12 -26.89
C LEU A 230 -17.97 51.15 -26.54
N TRP A 231 -18.39 49.91 -26.29
CA TRP A 231 -17.43 48.89 -25.92
C TRP A 231 -17.56 47.53 -26.58
N MET A 232 -16.59 47.17 -27.42
CA MET A 232 -16.63 45.86 -28.09
C MET A 232 -17.91 45.47 -28.80
N GLY A 233 -18.42 46.31 -29.68
CA GLY A 233 -19.61 45.97 -30.41
C GLY A 233 -20.85 46.25 -29.59
N TYR A 234 -20.67 46.87 -28.43
CA TYR A 234 -21.81 47.14 -27.58
C TYR A 234 -22.00 48.65 -27.40
N GLU A 235 -23.24 49.03 -27.14
CA GLU A 235 -23.58 50.38 -26.76
C GLU A 235 -24.30 50.27 -25.44
N LEU A 236 -23.77 50.94 -24.42
CA LEU A 236 -24.27 50.72 -23.06
C LEU A 236 -24.73 52.00 -22.38
N HIS A 237 -26.01 52.03 -22.05
CA HIS A 237 -26.61 53.06 -21.23
C HIS A 237 -27.05 52.38 -19.96
N PRO A 238 -26.98 53.07 -18.83
CA PRO A 238 -27.39 52.59 -17.52
C PRO A 238 -28.78 51.92 -17.47
N ASP A 239 -29.73 52.40 -18.30
CA ASP A 239 -31.09 51.82 -18.43
C ASP A 239 -31.29 50.66 -19.42
N LYS A 240 -30.58 50.70 -20.55
CA LYS A 240 -30.77 49.73 -21.60
C LYS A 240 -29.49 49.57 -22.42
N TRP A 241 -29.32 48.38 -23.01
CA TRP A 241 -28.12 48.07 -23.78
C TRP A 241 -28.50 47.58 -25.16
N THR A 242 -27.57 47.72 -26.09
CA THR A 242 -27.79 47.14 -27.40
C THR A 242 -26.50 46.84 -28.11
N VAL A 243 -26.56 45.95 -29.08
CA VAL A 243 -25.42 45.71 -29.92
C VAL A 243 -25.19 46.97 -30.73
N GLN A 244 -23.94 47.20 -31.09
CA GLN A 244 -23.61 48.28 -31.98
C GLN A 244 -24.11 47.92 -33.37
N PRO A 245 -24.51 48.94 -34.16
CA PRO A 245 -25.31 48.74 -35.38
C PRO A 245 -24.64 47.76 -36.34
N ILE A 246 -25.45 46.85 -36.86
CA ILE A 246 -24.96 45.78 -37.70
C ILE A 246 -25.21 46.04 -39.17
N VAL A 247 -24.14 45.95 -39.96
CA VAL A 247 -24.22 46.14 -41.41
C VAL A 247 -24.23 44.79 -42.15
N LEU A 248 -25.39 44.44 -42.72
CA LEU A 248 -25.56 43.19 -43.45
C LEU A 248 -25.26 43.35 -44.93
N PRO A 249 -24.26 42.61 -45.43
CA PRO A 249 -23.92 42.67 -46.85
C PRO A 249 -25.09 42.40 -47.80
N GLU A 250 -25.30 43.29 -48.78
CA GLU A 250 -26.31 43.10 -49.82
C GLU A 250 -25.76 42.54 -51.14
N LYS A 251 -24.48 42.17 -51.14
CA LYS A 251 -23.74 41.84 -52.36
C LYS A 251 -24.42 40.86 -53.33
N ASP A 252 -24.38 41.16 -54.62
CA ASP A 252 -24.90 40.25 -55.64
C ASP A 252 -23.95 39.08 -55.87
N SER A 253 -22.66 39.38 -55.70
CA SER A 253 -21.57 38.42 -55.85
C SER A 253 -21.36 37.62 -54.55
N TRP A 254 -21.50 36.30 -54.59
CA TRP A 254 -21.32 35.55 -53.35
C TRP A 254 -20.11 34.64 -53.36
N THR A 255 -19.09 35.02 -52.60
CA THR A 255 -17.93 34.18 -52.37
C THR A 255 -18.04 33.64 -50.95
N VAL A 256 -17.48 32.46 -50.74
CA VAL A 256 -17.48 31.85 -49.42
C VAL A 256 -16.95 32.69 -48.23
N ASN A 257 -16.06 33.66 -48.47
CA ASN A 257 -15.62 34.54 -47.37
C ASN A 257 -16.69 35.58 -47.02
N ASP A 258 -17.54 35.89 -47.99
CA ASP A 258 -18.67 36.79 -47.78
C ASP A 258 -19.65 36.07 -46.87
N ILE A 259 -20.00 34.84 -47.25
CA ILE A 259 -20.89 34.01 -46.44
C ILE A 259 -20.32 33.81 -45.04
N CYS A 260 -19.00 33.60 -44.92
CA CYS A 260 -18.37 33.50 -43.59
C CYS A 260 -18.64 34.73 -42.73
N LYS A 261 -18.11 35.88 -43.15
CA LYS A 261 -18.32 37.11 -42.38
C LYS A 261 -19.81 37.30 -42.09
N LEU A 262 -20.62 36.89 -43.06
CA LEU A 262 -22.07 36.97 -42.95
C LEU A 262 -22.52 36.19 -41.72
N VAL A 263 -22.28 34.89 -41.72
CA VAL A 263 -22.65 34.03 -40.59
C VAL A 263 -22.21 34.59 -39.26
N GLY A 264 -20.92 34.93 -39.16
CA GLY A 264 -20.43 35.47 -37.90
C GLY A 264 -21.23 36.67 -37.43
N LYS A 265 -21.68 37.43 -38.42
CA LYS A 265 -22.46 38.62 -38.13
C LYS A 265 -23.87 38.27 -37.70
N LEU A 266 -24.49 37.33 -38.38
CA LEU A 266 -25.80 36.91 -37.94
C LEU A 266 -25.80 36.38 -36.52
N ASN A 267 -24.90 35.48 -36.19
CA ASN A 267 -24.83 35.02 -34.81
C ASN A 267 -24.59 36.11 -33.76
N TRP A 268 -23.77 37.06 -34.17
CA TRP A 268 -23.51 38.13 -33.24
C TRP A 268 -24.77 38.95 -33.11
N ALA A 269 -25.56 39.04 -34.16
CA ALA A 269 -26.82 39.75 -34.01
C ALA A 269 -27.76 38.91 -33.14
N SER A 270 -27.53 37.60 -33.14
CA SER A 270 -28.49 36.66 -32.55
C SER A 270 -28.45 36.74 -31.05
N GLN A 271 -27.44 37.44 -30.53
CA GLN A 271 -27.42 37.55 -29.07
C GLN A 271 -28.53 38.46 -28.54
N ILE A 272 -29.07 39.30 -29.42
CA ILE A 272 -30.06 40.31 -29.03
C ILE A 272 -31.32 40.24 -29.91
N TYR A 273 -31.18 40.34 -31.24
CA TYR A 273 -32.30 40.23 -32.19
C TYR A 273 -32.77 38.77 -32.26
N PRO A 274 -33.99 38.49 -31.77
CA PRO A 274 -34.53 37.12 -31.75
C PRO A 274 -34.83 36.51 -33.13
N GLY A 275 -34.55 35.21 -33.25
CA GLY A 275 -35.04 34.43 -34.37
C GLY A 275 -34.12 34.30 -35.57
N ILE A 276 -32.85 34.63 -35.36
CA ILE A 276 -31.85 34.53 -36.41
C ILE A 276 -31.58 33.06 -36.76
N LYS A 277 -31.56 32.76 -38.05
CA LYS A 277 -31.28 31.41 -38.55
C LYS A 277 -30.05 31.40 -39.48
N VAL A 278 -29.05 30.58 -39.17
CA VAL A 278 -27.94 30.46 -40.09
C VAL A 278 -27.90 29.18 -40.94
N ARG A 279 -28.85 28.27 -40.75
CA ARG A 279 -28.72 26.91 -41.31
C ARG A 279 -28.36 26.82 -42.80
N GLN A 280 -29.17 27.49 -43.61
CA GLN A 280 -29.09 27.28 -45.04
C GLN A 280 -27.90 28.05 -45.55
N LEU A 281 -27.59 29.17 -44.92
CA LEU A 281 -26.43 29.91 -45.30
C LEU A 281 -25.22 29.05 -44.95
N SER A 282 -25.34 28.33 -43.83
CA SER A 282 -24.28 27.47 -43.34
C SER A 282 -24.02 26.18 -44.12
N LYS A 283 -24.99 25.76 -44.95
CA LYS A 283 -24.80 24.53 -45.72
C LYS A 283 -23.78 24.70 -46.85
N LEU A 284 -23.78 25.87 -47.49
CA LEU A 284 -22.81 26.23 -48.52
C LEU A 284 -21.35 25.99 -48.08
N LEU A 285 -21.06 26.27 -46.81
CA LEU A 285 -19.70 26.22 -46.28
C LEU A 285 -19.06 24.82 -46.19
N ARG A 286 -19.84 23.77 -46.45
CA ARG A 286 -19.33 22.41 -46.26
C ARG A 286 -18.21 22.03 -47.22
N GLY A 287 -17.08 21.59 -46.67
CA GLY A 287 -15.99 21.05 -47.46
C GLY A 287 -15.50 21.89 -48.63
N THR A 288 -15.18 23.16 -48.38
CA THR A 288 -14.62 23.99 -49.44
C THR A 288 -13.13 24.24 -49.21
N LYS A 289 -12.35 24.22 -50.30
CA LYS A 289 -10.90 24.36 -50.23
C LYS A 289 -10.41 25.80 -50.05
N ALA A 290 -10.96 26.73 -50.84
CA ALA A 290 -10.48 28.09 -50.78
C ALA A 290 -11.53 29.03 -50.21
N LEU A 291 -11.06 29.96 -49.39
CA LEU A 291 -11.92 30.96 -48.78
C LEU A 291 -12.33 32.00 -49.80
N THR A 292 -11.67 32.00 -50.95
CA THR A 292 -11.98 32.96 -52.00
C THR A 292 -12.92 32.44 -53.10
N GLU A 293 -13.38 31.19 -52.95
CA GLU A 293 -14.18 30.53 -53.98
C GLU A 293 -15.56 31.14 -54.21
N VAL A 294 -16.14 30.85 -55.36
CA VAL A 294 -17.45 31.38 -55.74
C VAL A 294 -18.56 30.38 -55.41
N ILE A 295 -19.59 30.85 -54.70
CA ILE A 295 -20.73 29.99 -54.41
C ILE A 295 -22.05 30.73 -54.65
N PRO A 296 -23.01 30.05 -55.28
CA PRO A 296 -24.37 30.58 -55.43
C PRO A 296 -25.23 30.31 -54.20
N LEU A 297 -26.18 31.20 -53.96
CA LEU A 297 -27.12 31.07 -52.86
C LEU A 297 -28.34 30.28 -53.30
N THR A 298 -28.72 29.27 -52.52
CA THR A 298 -29.96 28.55 -52.80
C THR A 298 -31.16 29.41 -52.37
N GLU A 299 -32.35 29.06 -52.88
CA GLU A 299 -33.61 29.80 -52.60
C GLU A 299 -34.01 29.85 -51.12
N GLU A 300 -33.82 28.75 -50.42
CA GLU A 300 -34.11 28.67 -48.99
C GLU A 300 -33.24 29.65 -48.21
N ALA A 301 -31.93 29.55 -48.41
CA ALA A 301 -30.96 30.40 -47.73
C ALA A 301 -31.22 31.88 -47.94
N GLU A 302 -31.77 32.22 -49.10
CA GLU A 302 -32.13 33.59 -49.40
C GLU A 302 -33.47 33.99 -48.79
N LEU A 303 -34.45 33.09 -48.77
CA LEU A 303 -35.73 33.38 -48.10
C LEU A 303 -35.48 33.60 -46.60
N GLU A 304 -34.51 32.87 -46.09
CA GLU A 304 -34.06 33.00 -44.72
C GLU A 304 -33.31 34.31 -44.54
N LEU A 305 -32.30 34.56 -45.39
CA LEU A 305 -31.53 35.81 -45.35
C LEU A 305 -32.49 37.01 -45.38
N ALA A 306 -33.59 36.83 -46.12
CA ALA A 306 -34.66 37.82 -46.21
C ALA A 306 -35.28 38.01 -44.85
N GLU A 307 -35.83 36.93 -44.29
CA GLU A 307 -36.51 37.01 -43.00
C GLU A 307 -35.61 37.69 -41.97
N ASN A 308 -34.32 37.39 -42.07
CA ASN A 308 -33.31 37.93 -41.18
C ASN A 308 -33.09 39.43 -41.42
N ARG A 309 -33.14 39.84 -42.69
CA ARG A 309 -32.92 41.24 -43.01
C ARG A 309 -34.07 42.06 -42.45
N GLU A 310 -35.23 41.43 -42.41
CA GLU A 310 -36.42 42.09 -41.91
C GLU A 310 -36.34 42.10 -40.39
N ILE A 311 -35.56 41.17 -39.84
CA ILE A 311 -35.35 41.15 -38.40
C ILE A 311 -34.46 42.33 -38.01
N LEU A 312 -33.46 42.62 -38.84
CA LEU A 312 -32.53 43.72 -38.57
C LEU A 312 -33.11 45.09 -38.88
N LYS A 313 -34.14 45.12 -39.73
CA LYS A 313 -34.78 46.38 -40.11
C LYS A 313 -35.03 47.27 -38.88
N GLU A 314 -35.96 46.86 -38.01
CA GLU A 314 -36.28 47.61 -36.80
C GLU A 314 -35.20 47.46 -35.74
N PRO A 315 -35.01 48.48 -34.90
CA PRO A 315 -33.91 48.40 -33.92
C PRO A 315 -34.30 47.62 -32.69
N VAL A 316 -33.35 47.42 -31.79
CA VAL A 316 -33.66 46.70 -30.57
C VAL A 316 -32.69 46.96 -29.44
N HIS A 317 -33.17 46.71 -28.23
CA HIS A 317 -32.39 47.00 -27.04
C HIS A 317 -32.68 45.88 -26.03
N GLY A 318 -31.69 45.61 -25.20
CA GLY A 318 -31.81 44.65 -24.12
C GLY A 318 -32.11 45.37 -22.82
N VAL A 319 -32.72 44.68 -21.86
CA VAL A 319 -32.80 45.26 -20.54
C VAL A 319 -31.60 44.84 -19.69
N TYR A 320 -31.60 45.13 -18.40
CA TYR A 320 -30.56 44.66 -17.48
C TYR A 320 -31.20 43.76 -16.45
N TYR A 321 -30.41 43.22 -15.57
CA TYR A 321 -30.90 42.17 -14.69
C TYR A 321 -31.41 42.77 -13.37
N ASP A 322 -32.53 42.26 -12.86
CA ASP A 322 -33.10 42.75 -11.60
C ASP A 322 -33.15 41.52 -10.73
N PRO A 323 -32.08 41.34 -9.95
CA PRO A 323 -31.77 40.22 -9.05
C PRO A 323 -32.89 39.84 -8.12
N SER A 324 -33.79 40.79 -7.89
CA SER A 324 -34.94 40.58 -7.02
C SER A 324 -35.98 39.72 -7.71
N LYS A 325 -36.00 39.82 -9.04
CA LYS A 325 -36.99 39.14 -9.87
C LYS A 325 -36.48 37.88 -10.59
N ASP A 326 -37.40 36.93 -10.80
CA ASP A 326 -37.05 35.66 -11.40
C ASP A 326 -36.52 35.85 -12.81
N LEU A 327 -35.72 34.88 -13.25
CA LEU A 327 -35.20 34.80 -14.62
C LEU A 327 -36.00 33.85 -15.46
N ILE A 328 -36.36 34.24 -16.67
CA ILE A 328 -37.18 33.32 -17.43
C ILE A 328 -36.58 33.13 -18.78
N ALA A 329 -36.37 31.86 -19.12
CA ALA A 329 -35.80 31.51 -20.42
C ALA A 329 -36.75 30.55 -21.10
N GLU A 330 -37.17 30.95 -22.28
CA GLU A 330 -38.13 30.22 -23.06
C GLU A 330 -37.55 29.94 -24.44
N ILE A 331 -37.72 28.70 -24.86
CA ILE A 331 -37.12 28.18 -26.05
C ILE A 331 -38.29 27.83 -26.93
N GLN A 332 -38.20 28.17 -28.20
CA GLN A 332 -39.19 27.75 -29.17
C GLN A 332 -38.40 26.99 -30.21
N LYS A 333 -38.97 25.88 -30.64
CA LYS A 333 -38.34 25.09 -31.69
C LYS A 333 -38.48 25.74 -33.02
N GLN A 334 -37.34 26.03 -33.61
CA GLN A 334 -37.33 26.65 -34.91
C GLN A 334 -37.13 25.77 -36.11
N GLY A 335 -37.03 24.47 -35.91
CA GLY A 335 -36.93 23.58 -37.06
C GLY A 335 -35.58 23.48 -37.74
N GLN A 336 -35.41 22.38 -38.49
CA GLN A 336 -34.15 22.03 -39.16
C GLN A 336 -33.06 21.87 -38.13
N GLY A 337 -33.43 21.27 -37.01
CA GLY A 337 -32.56 21.07 -35.86
C GLY A 337 -31.91 22.36 -35.39
N GLN A 338 -32.65 23.47 -35.52
CA GLN A 338 -32.26 24.82 -35.07
C GLN A 338 -33.21 25.22 -33.97
N TRP A 339 -32.75 25.99 -33.00
CA TRP A 339 -33.58 26.28 -31.83
C TRP A 339 -33.42 27.72 -31.44
N THR A 340 -34.46 28.37 -30.92
CA THR A 340 -34.17 29.72 -30.41
C THR A 340 -34.67 30.00 -29.05
N TYR A 341 -34.00 30.93 -28.38
CA TYR A 341 -34.42 31.21 -27.05
C TYR A 341 -34.37 32.67 -26.69
N GLN A 342 -35.27 33.01 -25.78
CA GLN A 342 -35.30 34.30 -25.17
C GLN A 342 -35.29 34.20 -23.67
N ILE A 343 -34.50 35.05 -23.07
CA ILE A 343 -34.41 35.17 -21.64
C ILE A 343 -34.78 36.62 -21.23
N TYR A 344 -35.86 36.72 -20.46
CA TYR A 344 -36.49 37.99 -20.07
C TYR A 344 -36.89 37.78 -18.63
N GLN A 345 -37.42 38.82 -17.99
CA GLN A 345 -37.90 38.75 -16.59
C GLN A 345 -39.31 39.28 -16.57
N GLU A 346 -39.41 40.54 -17.01
CA GLU A 346 -40.70 41.14 -17.34
C GLU A 346 -40.93 40.80 -18.82
N PRO A 347 -42.12 40.30 -19.14
CA PRO A 347 -42.52 39.87 -20.48
C PRO A 347 -42.25 40.91 -21.56
N PHE A 348 -41.65 40.45 -22.64
CA PHE A 348 -41.46 41.26 -23.85
C PHE A 348 -40.39 42.30 -23.65
N LYS A 349 -39.85 42.37 -22.45
CA LYS A 349 -38.64 43.12 -22.30
C LYS A 349 -37.60 42.01 -22.09
N ASN A 350 -36.79 41.81 -23.13
CA ASN A 350 -35.83 40.73 -23.14
C ASN A 350 -34.49 41.20 -22.55
N LEU A 351 -33.85 40.32 -21.76
CA LEU A 351 -32.45 40.50 -21.40
C LEU A 351 -31.59 40.10 -22.60
N LYS A 352 -31.85 38.90 -23.11
CA LYS A 352 -31.19 38.47 -24.35
C LYS A 352 -31.88 37.36 -25.09
N THR A 353 -31.44 37.16 -26.32
CA THR A 353 -31.88 36.03 -27.11
C THR A 353 -30.66 35.21 -27.51
N GLY A 354 -30.86 34.12 -28.24
CA GLY A 354 -29.75 33.40 -28.81
C GLY A 354 -30.24 32.24 -29.64
N LYS A 355 -29.35 31.62 -30.42
CA LYS A 355 -29.68 30.37 -31.12
C LYS A 355 -28.92 29.11 -30.57
N TYR A 356 -29.50 27.92 -30.70
CA TYR A 356 -28.72 26.67 -30.63
C TYR A 356 -29.07 25.83 -31.86
N ALA A 357 -28.14 25.75 -32.80
CA ALA A 357 -28.39 25.01 -34.05
C ALA A 357 -27.65 23.71 -34.18
N ARG A 358 -26.78 23.42 -33.22
CA ARG A 358 -25.74 22.42 -33.46
C ARG A 358 -26.32 21.04 -33.49
N MET A 359 -26.10 20.39 -34.61
CA MET A 359 -26.63 19.07 -34.86
C MET A 359 -25.49 18.23 -34.37
N ARG A 360 -25.81 17.48 -33.32
CA ARG A 360 -24.83 16.83 -32.50
C ARG A 360 -25.05 15.32 -32.63
N GLY A 361 -24.09 14.63 -33.23
CA GLY A 361 -24.26 13.22 -33.48
C GLY A 361 -24.58 12.82 -34.91
N ALA A 362 -24.38 11.55 -35.19
CA ALA A 362 -24.60 11.01 -36.53
C ALA A 362 -26.09 10.82 -36.79
N HIS A 363 -26.81 10.43 -35.76
CA HIS A 363 -28.26 10.32 -35.83
C HIS A 363 -28.84 10.96 -34.57
N THR A 364 -29.88 11.78 -34.69
CA THR A 364 -30.38 12.45 -33.47
C THR A 364 -31.89 12.64 -33.44
N ASN A 365 -32.39 13.28 -32.39
CA ASN A 365 -33.80 13.67 -32.36
C ASN A 365 -34.18 14.97 -31.60
N ASP A 366 -35.46 15.34 -31.64
CA ASP A 366 -35.81 16.61 -31.05
C ASP A 366 -35.66 16.54 -29.54
N VAL A 367 -36.06 15.48 -28.87
CA VAL A 367 -35.83 15.43 -27.42
C VAL A 367 -34.35 15.61 -27.05
N LYS A 368 -33.46 14.82 -27.66
CA LYS A 368 -32.01 14.98 -27.43
C LYS A 368 -31.59 16.40 -27.66
N GLN A 369 -31.89 16.89 -28.85
CA GLN A 369 -31.57 18.26 -29.18
C GLN A 369 -32.12 19.35 -28.29
N LEU A 370 -33.34 19.17 -27.79
CA LEU A 370 -33.94 20.09 -26.82
C LEU A 370 -33.13 20.07 -25.55
N THR A 371 -32.92 18.87 -25.03
CA THR A 371 -32.08 18.66 -23.90
C THR A 371 -30.77 19.41 -24.08
N GLU A 372 -30.17 19.32 -25.25
CA GLU A 372 -28.98 20.11 -25.54
C GLU A 372 -29.17 21.63 -25.44
N ALA A 373 -30.14 22.20 -26.15
CA ALA A 373 -30.42 23.62 -26.00
C ALA A 373 -30.60 24.02 -24.54
N VAL A 374 -31.40 23.24 -23.82
CA VAL A 374 -31.61 23.49 -22.42
C VAL A 374 -30.26 23.50 -21.67
N GLN A 375 -29.34 22.59 -21.99
CA GLN A 375 -28.04 22.65 -21.32
C GLN A 375 -27.19 23.85 -21.68
N LYS A 376 -27.18 24.18 -22.97
CA LYS A 376 -26.45 25.36 -23.35
C LYS A 376 -26.92 26.53 -22.57
N ILE A 377 -28.23 26.74 -22.60
CA ILE A 377 -28.81 27.88 -21.91
C ILE A 377 -28.52 27.85 -20.40
N THR A 378 -28.66 26.72 -19.75
CA THR A 378 -28.34 26.65 -18.34
C THR A 378 -26.90 27.06 -18.10
N THR A 379 -25.98 26.52 -18.86
CA THR A 379 -24.59 26.92 -18.66
C THR A 379 -24.39 28.44 -18.79
N GLU A 380 -24.81 29.00 -19.93
CA GLU A 380 -24.77 30.44 -20.18
C GLU A 380 -25.38 31.26 -19.05
N SER A 381 -26.58 30.88 -18.64
CA SER A 381 -27.22 31.51 -17.51
C SER A 381 -26.39 31.46 -16.26
N ILE A 382 -25.65 30.39 -16.04
CA ILE A 382 -24.89 30.37 -14.81
C ILE A 382 -23.72 31.33 -14.97
N VAL A 383 -23.08 31.33 -16.13
CA VAL A 383 -22.01 32.31 -16.36
C VAL A 383 -22.49 33.75 -16.11
N ILE A 384 -23.59 34.13 -16.74
CA ILE A 384 -23.99 35.52 -16.66
C ILE A 384 -24.71 35.95 -15.36
N TRP A 385 -25.82 35.28 -15.03
CA TRP A 385 -26.62 35.64 -13.86
C TRP A 385 -26.38 34.73 -12.67
N GLY A 386 -25.62 33.69 -12.90
CA GLY A 386 -25.32 32.75 -11.85
C GLY A 386 -26.50 31.94 -11.35
N LYS A 387 -27.48 31.74 -12.22
CA LYS A 387 -28.64 30.95 -11.81
C LYS A 387 -29.31 30.37 -13.07
N THR A 388 -30.15 29.38 -12.82
CA THR A 388 -30.91 28.70 -13.84
C THR A 388 -32.33 29.19 -13.95
N PRO A 389 -32.80 29.45 -15.16
CA PRO A 389 -34.09 29.88 -15.67
C PRO A 389 -35.30 28.90 -15.55
N LYS A 390 -36.49 29.49 -15.71
CA LYS A 390 -37.80 28.81 -15.79
C LYS A 390 -37.98 28.41 -17.28
N PHE A 391 -38.34 27.14 -17.64
CA PHE A 391 -38.13 26.86 -19.00
C PHE A 391 -39.43 26.96 -19.59
N LYS A 392 -39.53 27.57 -20.74
CA LYS A 392 -40.83 27.46 -21.29
C LYS A 392 -40.58 26.62 -22.51
N LEU A 393 -41.12 25.40 -22.53
CA LEU A 393 -40.64 24.49 -23.55
C LEU A 393 -41.72 23.90 -24.44
N PRO A 394 -41.45 23.87 -25.76
CA PRO A 394 -42.49 23.34 -26.62
C PRO A 394 -42.65 21.86 -26.51
N ILE A 395 -42.77 21.33 -25.30
CA ILE A 395 -42.89 19.90 -25.15
C ILE A 395 -43.83 19.48 -24.00
N GLN A 396 -44.79 18.63 -24.30
CA GLN A 396 -45.69 18.10 -23.27
C GLN A 396 -44.93 17.36 -22.16
N LYS A 397 -45.32 17.56 -20.91
CA LYS A 397 -44.64 16.90 -19.80
C LYS A 397 -44.77 15.38 -19.94
N GLU A 398 -45.72 14.93 -20.73
CA GLU A 398 -45.78 13.52 -21.01
C GLU A 398 -44.83 13.14 -22.14
N THR A 399 -44.72 13.95 -23.21
CA THR A 399 -43.69 13.72 -24.24
C THR A 399 -42.36 13.49 -23.54
N TRP A 400 -41.92 14.53 -22.85
CA TRP A 400 -40.67 14.47 -22.13
C TRP A 400 -40.53 13.31 -21.19
N GLU A 401 -41.51 13.11 -20.32
CA GLU A 401 -41.42 12.02 -19.42
C GLU A 401 -41.22 10.71 -20.10
N THR A 402 -41.94 10.48 -21.19
CA THR A 402 -41.74 9.22 -21.92
C THR A 402 -40.30 9.09 -22.42
N TRP A 403 -39.79 10.16 -23.03
CA TRP A 403 -38.40 10.10 -23.47
C TRP A 403 -37.43 9.81 -22.32
N TRP A 404 -37.19 10.77 -21.43
CA TRP A 404 -36.14 10.57 -20.44
C TRP A 404 -36.40 9.27 -19.69
N THR A 405 -37.63 8.88 -19.50
CA THR A 405 -37.76 7.70 -18.69
C THR A 405 -37.43 6.42 -19.43
N GLU A 406 -37.54 6.40 -20.76
CA GLU A 406 -37.12 5.21 -21.54
C GLU A 406 -35.66 5.13 -21.84
N TYR A 407 -35.09 6.28 -22.17
CA TYR A 407 -33.71 6.40 -22.61
C TYR A 407 -32.62 5.79 -21.68
N TRP A 408 -31.56 5.25 -22.27
CA TRP A 408 -30.54 4.48 -21.54
C TRP A 408 -29.57 5.37 -20.86
N GLN A 409 -29.41 6.55 -21.41
CA GLN A 409 -28.54 7.52 -20.81
C GLN A 409 -29.22 8.28 -19.68
N ALA A 410 -28.42 8.82 -18.78
CA ALA A 410 -28.95 9.66 -17.74
C ALA A 410 -29.17 11.00 -18.37
N THR A 411 -30.39 11.49 -18.26
CA THR A 411 -30.74 12.73 -18.92
C THR A 411 -31.74 13.51 -18.05
N TRP A 412 -31.62 14.84 -18.06
CA TRP A 412 -32.46 15.65 -17.21
C TRP A 412 -32.65 17.07 -17.67
N ILE A 413 -33.83 17.62 -17.41
CA ILE A 413 -34.04 19.06 -17.62
C ILE A 413 -34.43 19.61 -16.27
N PRO A 414 -33.91 20.78 -15.91
CA PRO A 414 -34.31 21.32 -14.62
C PRO A 414 -35.76 21.78 -14.62
N GLU A 415 -36.14 22.46 -13.53
CA GLU A 415 -37.51 22.91 -13.29
C GLU A 415 -37.89 23.75 -14.48
N TRP A 416 -38.98 23.32 -15.10
CA TRP A 416 -39.44 23.90 -16.34
C TRP A 416 -40.94 23.80 -16.42
N GLU A 417 -41.54 24.67 -17.22
CA GLU A 417 -42.98 24.66 -17.42
C GLU A 417 -43.28 24.66 -18.90
N PHE A 418 -44.29 23.90 -19.28
CA PHE A 418 -44.70 23.77 -20.68
C PHE A 418 -45.31 25.03 -21.27
N VAL A 419 -44.93 25.34 -22.50
CA VAL A 419 -45.51 26.44 -23.22
C VAL A 419 -46.10 25.85 -24.48
N ASN A 420 -47.38 26.06 -24.71
CA ASN A 420 -47.99 25.45 -25.88
C ASN A 420 -47.81 26.30 -27.12
N THR A 421 -46.58 26.36 -27.61
CA THR A 421 -46.30 27.08 -28.82
C THR A 421 -45.81 26.09 -29.87
N PRO A 422 -46.52 26.00 -30.97
CA PRO A 422 -46.13 25.11 -32.05
C PRO A 422 -45.01 25.69 -32.88
N PRO A 423 -44.30 24.84 -33.62
CA PRO A 423 -44.58 23.40 -33.61
C PRO A 423 -44.14 22.79 -32.30
N LEU A 424 -44.91 21.88 -31.75
CA LEU A 424 -44.54 21.25 -30.49
C LEU A 424 -43.61 20.06 -30.71
N VAL A 425 -42.66 19.85 -29.79
CA VAL A 425 -41.74 18.73 -29.87
C VAL A 425 -42.34 17.37 -29.52
N LYS A 426 -42.26 16.44 -30.46
CA LYS A 426 -42.83 15.11 -30.22
C LYS A 426 -41.92 13.96 -30.51
N LEU A 427 -42.30 12.81 -29.96
CA LEU A 427 -41.63 11.60 -30.32
C LEU A 427 -42.38 10.97 -31.52
N TRP A 428 -41.68 10.78 -32.63
CA TRP A 428 -42.36 10.33 -33.84
C TRP A 428 -42.70 8.86 -33.97
N TYR A 429 -42.06 8.03 -33.18
CA TYR A 429 -42.44 6.64 -33.12
C TYR A 429 -41.92 6.13 -31.81
N GLN A 430 -42.42 5.00 -31.36
CA GLN A 430 -41.86 4.34 -30.20
C GLN A 430 -41.68 2.89 -30.54
N LEU A 431 -40.60 2.25 -30.14
CA LEU A 431 -40.59 0.79 -30.35
C LEU A 431 -41.30 0.09 -29.20
N GLU A 432 -42.12 -0.89 -29.54
CA GLU A 432 -42.78 -1.71 -28.56
C GLU A 432 -41.78 -2.36 -27.60
N LYS A 433 -42.19 -2.64 -26.37
CA LYS A 433 -41.26 -3.25 -25.43
C LYS A 433 -41.35 -4.76 -25.43
N GLU A 434 -42.37 -5.27 -26.11
CA GLU A 434 -42.60 -6.71 -26.10
C GLU A 434 -43.12 -7.12 -27.48
N PRO A 435 -42.82 -8.35 -27.92
CA PRO A 435 -43.22 -8.96 -29.19
C PRO A 435 -44.69 -8.75 -29.50
N ILE A 436 -45.04 -8.62 -30.77
CA ILE A 436 -46.43 -8.43 -31.20
C ILE A 436 -47.16 -9.64 -31.72
N VAL A 437 -48.14 -10.09 -30.95
CA VAL A 437 -49.00 -11.16 -31.42
C VAL A 437 -49.65 -10.90 -32.77
N GLY A 438 -49.58 -11.91 -33.62
CA GLY A 438 -50.15 -11.85 -34.95
C GLY A 438 -49.45 -10.94 -35.93
N ALA A 439 -48.23 -10.55 -35.61
CA ALA A 439 -47.38 -9.94 -36.63
C ALA A 439 -46.40 -10.96 -37.22
N GLU A 440 -46.14 -10.80 -38.50
CA GLU A 440 -45.12 -11.55 -39.18
C GLU A 440 -43.82 -11.26 -38.47
N THR A 441 -42.97 -12.24 -38.40
CA THR A 441 -41.72 -12.08 -37.73
C THR A 441 -40.68 -12.09 -38.83
N PHE A 442 -40.03 -10.98 -39.10
CA PHE A 442 -39.03 -10.99 -40.16
C PHE A 442 -37.72 -11.32 -39.47
N TYR A 443 -37.09 -12.44 -39.76
CA TYR A 443 -35.72 -12.62 -39.29
C TYR A 443 -34.85 -11.97 -40.32
N VAL A 444 -34.10 -10.95 -39.95
CA VAL A 444 -33.38 -10.26 -41.02
C VAL A 444 -31.87 -10.39 -40.84
N ASP A 445 -31.17 -10.45 -41.97
CA ASP A 445 -29.70 -10.39 -41.96
C ASP A 445 -29.10 -9.70 -43.22
N GLY A 446 -27.84 -9.30 -43.12
CA GLY A 446 -27.14 -8.77 -44.28
C GLY A 446 -25.65 -9.04 -44.14
N ALA A 447 -24.97 -9.13 -45.28
CA ALA A 447 -23.54 -9.32 -45.24
C ALA A 447 -22.91 -8.71 -46.48
N ALA A 448 -21.67 -8.26 -46.35
CA ALA A 448 -20.92 -7.82 -47.51
C ALA A 448 -19.52 -8.30 -47.36
N ASN A 449 -18.80 -8.31 -48.48
CA ASN A 449 -17.44 -8.79 -48.53
C ASN A 449 -16.53 -7.59 -48.60
N ARG A 450 -15.59 -7.61 -47.67
CA ARG A 450 -14.69 -6.50 -47.38
C ARG A 450 -13.77 -6.13 -48.54
N GLU A 451 -13.29 -7.17 -49.20
CA GLU A 451 -12.37 -7.06 -50.32
C GLU A 451 -13.13 -6.44 -51.50
N THR A 452 -14.24 -7.06 -51.89
CA THR A 452 -14.94 -6.63 -53.08
C THR A 452 -15.86 -5.45 -52.75
N LYS A 453 -16.01 -5.17 -51.44
CA LYS A 453 -16.98 -4.17 -50.99
C LYS A 453 -18.33 -4.50 -51.58
N LEU A 454 -18.61 -5.79 -51.79
CA LEU A 454 -19.90 -6.21 -52.41
C LEU A 454 -20.81 -7.10 -51.56
N GLY A 455 -22.14 -7.01 -51.68
CA GLY A 455 -22.98 -7.75 -50.73
C GLY A 455 -24.48 -7.98 -50.91
N LYS A 456 -25.12 -8.62 -49.93
CA LYS A 456 -26.56 -8.82 -50.03
C LYS A 456 -27.33 -8.77 -48.68
N ALA A 457 -28.58 -8.32 -48.78
CA ALA A 457 -29.41 -8.08 -47.63
C ALA A 457 -30.76 -8.78 -47.72
N GLY A 458 -31.20 -9.50 -46.70
CA GLY A 458 -32.50 -10.15 -46.78
C GLY A 458 -33.10 -10.82 -45.56
N TYR A 459 -34.18 -11.56 -45.76
CA TYR A 459 -34.87 -12.07 -44.62
C TYR A 459 -35.70 -13.31 -44.79
N VAL A 460 -36.07 -13.91 -43.68
CA VAL A 460 -36.96 -15.05 -43.72
C VAL A 460 -38.04 -14.88 -42.66
N THR A 461 -39.26 -15.33 -42.93
CA THR A 461 -40.28 -15.22 -41.92
C THR A 461 -40.99 -16.49 -41.56
N ASN A 462 -41.73 -16.40 -40.48
CA ASN A 462 -42.48 -17.51 -39.98
C ASN A 462 -43.52 -17.92 -41.00
N LYS A 463 -43.86 -17.01 -41.91
CA LYS A 463 -44.90 -17.26 -42.91
C LYS A 463 -44.43 -17.91 -44.19
N GLY A 464 -43.13 -17.99 -44.37
CA GLY A 464 -42.58 -18.63 -45.54
C GLY A 464 -42.05 -17.56 -46.44
N ARG A 465 -42.41 -16.32 -46.17
CA ARG A 465 -41.99 -15.22 -47.01
C ARG A 465 -40.48 -15.03 -46.96
N GLN A 466 -39.80 -14.99 -48.11
CA GLN A 466 -38.37 -14.75 -48.11
C GLN A 466 -38.00 -13.58 -48.99
N LYS A 467 -36.82 -13.02 -48.82
CA LYS A 467 -36.24 -12.11 -49.82
C LYS A 467 -34.72 -11.99 -49.68
N VAL A 468 -34.00 -11.87 -50.78
CA VAL A 468 -32.56 -11.58 -50.73
C VAL A 468 -32.24 -10.56 -51.80
N VAL A 469 -31.54 -9.50 -51.49
CA VAL A 469 -31.29 -8.48 -52.50
C VAL A 469 -29.81 -8.25 -52.67
N PRO A 470 -29.35 -8.23 -53.91
CA PRO A 470 -27.94 -7.98 -54.14
C PRO A 470 -27.65 -6.50 -54.08
N LEU A 471 -26.50 -6.17 -53.53
CA LEU A 471 -26.09 -4.81 -53.32
C LEU A 471 -24.63 -4.61 -53.70
N THR A 472 -24.36 -3.47 -54.28
CA THR A 472 -23.03 -3.12 -54.76
C THR A 472 -22.38 -2.00 -53.96
N ASN A 473 -21.08 -2.13 -53.71
CA ASN A 473 -20.33 -1.04 -53.10
C ASN A 473 -20.95 -0.67 -51.75
N THR A 474 -20.73 -1.57 -50.80
CA THR A 474 -21.40 -1.52 -49.52
C THR A 474 -20.56 -2.13 -48.40
N THR A 475 -21.06 -2.08 -47.17
CA THR A 475 -20.36 -2.65 -46.02
C THR A 475 -21.26 -3.56 -45.21
N ASN A 476 -20.66 -4.33 -44.32
CA ASN A 476 -21.42 -5.23 -43.49
C ASN A 476 -22.53 -4.54 -42.70
N GLN A 477 -22.16 -3.47 -42.01
CA GLN A 477 -23.13 -2.59 -41.37
C GLN A 477 -24.22 -2.08 -42.33
N LYS A 478 -23.84 -1.44 -43.43
CA LYS A 478 -24.84 -0.90 -44.35
C LYS A 478 -25.82 -1.97 -44.79
N THR A 479 -25.37 -3.23 -44.89
CA THR A 479 -26.30 -4.28 -45.29
C THR A 479 -27.19 -4.65 -44.11
N GLU A 480 -26.72 -4.52 -42.89
CA GLU A 480 -27.61 -4.92 -41.84
C GLU A 480 -28.70 -3.89 -41.65
N LEU A 481 -28.33 -2.61 -41.74
CA LEU A 481 -29.39 -1.59 -41.84
C LEU A 481 -30.30 -1.86 -43.04
N GLN A 482 -29.71 -2.22 -44.18
CA GLN A 482 -30.49 -2.39 -45.39
C GLN A 482 -31.56 -3.52 -45.30
N ALA A 483 -31.17 -4.62 -44.68
CA ALA A 483 -32.08 -5.75 -44.45
C ALA A 483 -33.19 -5.41 -43.46
N ILE A 484 -32.84 -4.69 -42.41
CA ILE A 484 -33.92 -4.31 -41.52
C ILE A 484 -34.92 -3.47 -42.30
N TYR A 485 -34.40 -2.53 -43.10
CA TYR A 485 -35.22 -1.70 -43.98
C TYR A 485 -36.16 -2.50 -44.83
N LEU A 486 -35.65 -3.51 -45.50
CA LEU A 486 -36.53 -4.32 -46.31
C LEU A 486 -37.64 -4.86 -45.47
N ALA A 487 -37.29 -5.50 -44.37
CA ALA A 487 -38.30 -6.08 -43.50
C ALA A 487 -39.37 -5.07 -43.10
N LEU A 488 -39.02 -3.80 -42.92
CA LEU A 488 -40.01 -2.71 -42.69
C LEU A 488 -40.90 -2.55 -43.90
N GLN A 489 -40.30 -2.39 -45.09
CA GLN A 489 -41.07 -2.25 -46.33
C GLN A 489 -42.06 -3.35 -46.66
N ASP A 490 -41.69 -4.57 -46.40
CA ASP A 490 -42.46 -5.68 -46.85
C ASP A 490 -43.42 -6.18 -45.81
N SER A 491 -43.54 -5.48 -44.70
CA SER A 491 -44.30 -5.96 -43.58
C SER A 491 -45.60 -5.20 -43.50
N GLY A 492 -46.58 -5.76 -42.79
CA GLY A 492 -47.78 -5.00 -42.56
C GLY A 492 -47.63 -3.86 -41.56
N LEU A 493 -48.74 -3.25 -41.18
CA LEU A 493 -48.69 -2.12 -40.27
C LEU A 493 -48.07 -2.56 -38.97
N GLU A 494 -48.40 -3.76 -38.53
CA GLU A 494 -47.82 -4.28 -37.32
C GLU A 494 -46.86 -5.36 -37.70
N VAL A 495 -45.61 -5.21 -37.28
CA VAL A 495 -44.60 -6.20 -37.59
C VAL A 495 -43.62 -6.39 -36.47
N ASN A 496 -43.06 -7.58 -36.38
CA ASN A 496 -42.04 -7.89 -35.41
C ASN A 496 -40.79 -8.02 -36.22
N ILE A 497 -39.72 -7.34 -35.85
CA ILE A 497 -38.49 -7.46 -36.60
C ILE A 497 -37.45 -8.02 -35.68
N VAL A 498 -36.75 -9.05 -36.13
CA VAL A 498 -35.69 -9.65 -35.36
C VAL A 498 -34.42 -9.47 -36.12
N THR A 499 -33.41 -8.92 -35.49
CA THR A 499 -32.14 -8.68 -36.14
C THR A 499 -31.00 -9.17 -35.29
N ASN A 500 -29.90 -9.49 -35.92
CA ASN A 500 -28.72 -9.97 -35.22
C ASN A 500 -27.59 -8.97 -35.18
N SER A 501 -27.84 -7.74 -35.60
CA SER A 501 -26.76 -6.76 -35.65
C SER A 501 -26.76 -5.82 -34.48
N GLN A 502 -25.69 -5.85 -33.71
CA GLN A 502 -25.56 -4.97 -32.56
C GLN A 502 -25.54 -3.54 -33.03
N TYR A 503 -24.85 -3.30 -34.13
CA TYR A 503 -24.80 -1.95 -34.71
C TYR A 503 -26.16 -1.32 -35.05
N ALA A 504 -26.95 -2.09 -35.79
CA ALA A 504 -28.19 -1.56 -36.29
C ALA A 504 -29.13 -1.31 -35.13
N LEU A 505 -29.26 -2.33 -34.29
CA LEU A 505 -30.05 -2.25 -33.08
C LEU A 505 -29.68 -1.05 -32.24
N GLY A 506 -28.38 -0.74 -32.13
CA GLY A 506 -28.02 0.43 -31.37
C GLY A 506 -28.61 1.69 -31.98
N ILE A 507 -28.56 1.79 -33.29
CA ILE A 507 -29.11 3.05 -33.81
C ILE A 507 -30.59 3.13 -33.62
N ILE A 508 -31.30 2.12 -34.08
CA ILE A 508 -32.75 2.26 -34.13
C ILE A 508 -33.27 2.41 -32.72
N GLN A 509 -32.70 1.65 -31.78
CA GLN A 509 -33.22 1.64 -30.43
C GLN A 509 -33.06 3.04 -29.82
N ALA A 510 -32.18 3.89 -30.38
CA ALA A 510 -32.11 5.23 -29.77
C ALA A 510 -33.13 6.20 -30.39
N GLN A 511 -34.04 5.66 -31.18
CA GLN A 511 -35.19 6.38 -31.75
C GLN A 511 -34.88 7.74 -32.39
N PRO A 512 -33.94 7.79 -33.35
CA PRO A 512 -33.58 9.00 -34.10
C PRO A 512 -34.75 9.52 -34.91
N ASP A 513 -35.01 10.82 -34.96
CA ASP A 513 -35.97 11.27 -35.94
C ASP A 513 -35.31 11.90 -37.15
N LYS A 514 -34.01 12.13 -37.11
CA LYS A 514 -33.36 12.62 -38.33
C LYS A 514 -32.01 11.98 -38.35
N SER A 515 -31.46 11.84 -39.56
CA SER A 515 -30.13 11.24 -39.71
C SER A 515 -29.38 11.83 -40.90
N GLU A 516 -28.04 11.84 -40.79
CA GLU A 516 -27.15 12.08 -41.92
C GLU A 516 -27.28 11.02 -43.00
N SER A 517 -27.71 9.81 -42.63
CA SER A 517 -27.62 8.66 -43.52
C SER A 517 -28.98 8.47 -44.14
N GLU A 518 -29.06 8.51 -45.46
CA GLU A 518 -30.34 8.43 -46.16
C GLU A 518 -31.08 7.12 -45.88
N LEU A 519 -30.30 6.08 -45.66
CA LEU A 519 -30.90 4.80 -45.39
C LEU A 519 -31.57 4.88 -44.01
N VAL A 520 -30.91 5.49 -43.04
CA VAL A 520 -31.54 5.63 -41.74
C VAL A 520 -32.74 6.53 -41.85
N ASN A 521 -32.66 7.67 -42.53
CA ASN A 521 -33.86 8.47 -42.79
C ASN A 521 -35.02 7.68 -43.34
N GLN A 522 -34.71 6.75 -44.22
CA GLN A 522 -35.76 5.94 -44.83
C GLN A 522 -36.34 4.95 -43.83
N ILE A 523 -35.44 4.38 -43.02
CA ILE A 523 -35.80 3.46 -41.96
C ILE A 523 -36.72 4.14 -40.98
N ILE A 524 -36.32 5.35 -40.62
CA ILE A 524 -37.08 6.19 -39.75
C ILE A 524 -38.46 6.40 -40.33
N GLU A 525 -38.50 6.75 -41.61
CA GLU A 525 -39.75 7.03 -42.31
C GLU A 525 -40.71 5.82 -42.36
N GLN A 526 -40.13 4.66 -42.63
CA GLN A 526 -40.90 3.43 -42.63
C GLN A 526 -41.38 3.18 -41.22
N LEU A 527 -40.53 3.48 -40.26
CA LEU A 527 -40.83 3.24 -38.86
C LEU A 527 -42.01 4.07 -38.38
N ILE A 528 -42.08 5.32 -38.81
CA ILE A 528 -43.18 6.19 -38.42
C ILE A 528 -44.51 5.67 -38.94
N LYS A 529 -44.51 5.17 -40.15
CA LYS A 529 -45.71 4.63 -40.77
C LYS A 529 -46.27 3.41 -40.04
N LYS A 530 -45.39 2.53 -39.61
CA LYS A 530 -45.83 1.28 -38.99
C LYS A 530 -46.53 1.50 -37.67
N GLU A 531 -47.59 0.74 -37.43
CA GLU A 531 -48.30 0.81 -36.16
C GLU A 531 -47.46 0.28 -35.01
N LYS A 532 -46.78 -0.84 -35.23
CA LYS A 532 -45.96 -1.43 -34.18
C LYS A 532 -44.71 -2.12 -34.67
N VAL A 533 -43.59 -1.85 -34.02
CA VAL A 533 -42.33 -2.46 -34.38
C VAL A 533 -41.69 -3.11 -33.19
N TYR A 534 -41.04 -4.24 -33.40
CA TYR A 534 -40.29 -4.86 -32.33
C TYR A 534 -38.91 -5.20 -32.83
N LEU A 535 -37.89 -4.76 -32.12
CA LEU A 535 -36.53 -5.02 -32.53
C LEU A 535 -35.98 -6.01 -31.55
N ALA A 536 -35.40 -7.09 -32.04
CA ALA A 536 -34.87 -8.13 -31.19
C ALA A 536 -33.45 -8.42 -31.57
N TRP A 537 -32.65 -8.86 -30.61
CA TRP A 537 -31.28 -9.20 -30.92
C TRP A 537 -30.97 -10.62 -30.48
N VAL A 538 -30.36 -11.37 -31.39
CA VAL A 538 -29.90 -12.71 -31.10
C VAL A 538 -28.49 -12.85 -31.62
N PRO A 539 -27.61 -13.48 -30.85
CA PRO A 539 -26.21 -13.57 -31.23
C PRO A 539 -26.01 -14.33 -32.53
N ALA A 540 -25.12 -13.88 -33.40
CA ALA A 540 -24.88 -14.55 -34.68
C ALA A 540 -24.24 -15.95 -34.53
N HIS A 541 -24.47 -16.80 -35.52
CA HIS A 541 -23.84 -18.12 -35.57
C HIS A 541 -23.98 -18.87 -34.28
N LYS A 542 -25.11 -18.69 -33.61
CA LYS A 542 -25.36 -19.50 -32.46
C LYS A 542 -26.27 -20.63 -32.84
N GLY A 543 -26.58 -20.72 -34.13
CA GLY A 543 -27.46 -21.78 -34.56
C GLY A 543 -28.83 -21.45 -34.02
N ILE A 544 -29.22 -20.20 -34.22
CA ILE A 544 -30.47 -19.74 -33.65
C ILE A 544 -31.62 -19.75 -34.62
N GLY A 545 -32.79 -20.12 -34.11
CA GLY A 545 -34.04 -19.74 -34.70
C GLY A 545 -34.03 -19.97 -36.18
N GLY A 546 -34.69 -19.06 -36.88
CA GLY A 546 -34.64 -19.00 -38.32
C GLY A 546 -33.57 -17.95 -38.60
N ASN A 547 -32.71 -17.69 -37.61
CA ASN A 547 -31.57 -16.79 -37.78
C ASN A 547 -30.40 -17.43 -38.50
N GLU A 548 -30.20 -18.73 -38.24
CA GLU A 548 -29.15 -19.48 -38.91
C GLU A 548 -29.51 -19.51 -40.38
N GLN A 549 -30.82 -19.47 -40.64
CA GLN A 549 -31.31 -19.62 -42.00
C GLN A 549 -31.11 -18.38 -42.80
N VAL A 550 -31.40 -17.22 -42.24
CA VAL A 550 -31.18 -16.05 -43.05
C VAL A 550 -29.70 -15.72 -43.08
N ASP A 551 -28.94 -16.24 -42.11
CA ASP A 551 -27.50 -16.01 -42.16
C ASP A 551 -26.92 -16.80 -43.32
N LYS A 552 -27.35 -18.05 -43.48
CA LYS A 552 -26.99 -18.88 -44.65
C LYS A 552 -27.39 -18.24 -45.97
N LEU A 553 -28.66 -17.84 -46.05
CA LEU A 553 -29.21 -17.18 -47.22
C LEU A 553 -28.36 -15.98 -47.65
N VAL A 554 -27.98 -15.09 -46.75
CA VAL A 554 -27.16 -13.93 -47.20
C VAL A 554 -25.62 -14.14 -47.29
N SER A 555 -25.04 -15.00 -46.45
CA SER A 555 -23.61 -15.30 -46.57
C SER A 555 -23.25 -16.04 -47.87
N ALA A 556 -24.26 -16.61 -48.53
CA ALA A 556 -24.05 -17.28 -49.80
C ALA A 556 -23.94 -16.23 -50.88
N PRO B 4 5.31 27.88 15.65
CA PRO B 4 6.68 27.49 15.34
C PRO B 4 6.98 26.00 15.54
N ILE B 5 6.59 25.19 14.57
CA ILE B 5 6.90 23.76 14.55
C ILE B 5 7.44 23.43 13.17
N GLU B 6 7.92 22.21 12.98
CA GLU B 6 8.60 21.88 11.73
C GLU B 6 7.62 21.88 10.57
N THR B 7 8.13 21.69 9.37
CA THR B 7 7.26 21.52 8.21
C THR B 7 7.87 20.45 7.33
N VAL B 8 7.08 19.41 7.07
CA VAL B 8 7.53 18.31 6.22
C VAL B 8 7.56 18.79 4.77
N PRO B 9 8.78 18.88 4.20
CA PRO B 9 8.88 19.31 2.81
C PRO B 9 8.09 18.32 1.97
N VAL B 10 7.62 18.78 0.82
CA VAL B 10 6.79 17.97 -0.03
C VAL B 10 7.16 18.29 -1.44
N LYS B 11 7.03 17.31 -2.31
CA LYS B 11 7.45 17.55 -3.66
C LYS B 11 6.51 16.95 -4.66
N LEU B 12 6.39 17.69 -5.75
CA LEU B 12 5.70 17.23 -6.91
C LEU B 12 6.63 16.17 -7.37
N LYS B 13 6.11 14.96 -7.52
CA LYS B 13 6.95 13.90 -7.98
C LYS B 13 7.59 14.36 -9.29
N PRO B 14 8.79 13.86 -9.55
CA PRO B 14 9.69 14.42 -10.56
C PRO B 14 9.07 14.65 -11.93
N GLY B 15 9.33 15.82 -12.49
CA GLY B 15 8.98 16.05 -13.89
C GLY B 15 7.71 16.80 -14.23
N MET B 16 6.75 16.84 -13.32
CA MET B 16 5.45 17.38 -13.66
C MET B 16 5.28 18.71 -12.96
N ASP B 17 4.48 19.60 -13.52
CA ASP B 17 4.36 20.92 -12.92
C ASP B 17 3.13 20.98 -12.04
N GLY B 18 2.92 22.12 -11.39
CA GLY B 18 1.73 22.36 -10.60
C GLY B 18 0.44 22.46 -11.38
N PRO B 19 -0.68 22.19 -10.71
CA PRO B 19 -1.92 22.23 -11.47
C PRO B 19 -2.22 23.63 -11.99
N LYS B 20 -2.39 23.72 -13.30
CA LYS B 20 -2.82 24.95 -13.93
C LYS B 20 -4.30 24.86 -14.30
N VAL B 21 -5.01 23.91 -13.70
CA VAL B 21 -6.40 23.65 -14.10
C VAL B 21 -7.37 24.81 -13.77
N LYS B 22 -8.20 25.13 -14.75
CA LYS B 22 -9.13 26.26 -14.76
C LYS B 22 -10.33 26.18 -13.79
N GLN B 23 -10.76 27.32 -13.23
CA GLN B 23 -11.92 27.31 -12.32
C GLN B 23 -13.20 27.34 -13.12
N TRP B 24 -14.13 26.42 -12.82
CA TRP B 24 -15.39 26.41 -13.56
C TRP B 24 -16.34 27.36 -12.90
N PRO B 25 -17.22 28.00 -13.69
CA PRO B 25 -18.27 28.94 -13.28
C PRO B 25 -19.13 28.44 -12.13
N LEU B 26 -19.43 29.31 -11.16
CA LEU B 26 -20.30 28.95 -10.02
C LEU B 26 -21.64 29.68 -9.91
N THR B 27 -22.55 29.09 -9.14
CA THR B 27 -23.81 29.72 -8.86
C THR B 27 -23.53 30.82 -7.83
N GLU B 28 -24.35 31.88 -7.83
CA GLU B 28 -24.18 32.97 -6.88
C GLU B 28 -24.30 32.53 -5.44
N GLU B 29 -25.18 31.58 -5.21
CA GLU B 29 -25.35 30.94 -3.92
C GLU B 29 -23.99 30.45 -3.35
N LYS B 30 -23.33 29.66 -4.17
CA LYS B 30 -22.11 29.02 -3.73
C LYS B 30 -20.98 30.03 -3.63
N ILE B 31 -20.92 31.01 -4.53
CA ILE B 31 -19.95 32.09 -4.39
C ILE B 31 -20.07 32.88 -3.09
N LYS B 32 -21.29 33.07 -2.61
CA LYS B 32 -21.40 33.76 -1.33
C LYS B 32 -20.79 32.86 -0.29
N ALA B 33 -21.17 31.58 -0.28
CA ALA B 33 -20.65 30.73 0.80
C ALA B 33 -19.12 30.63 0.80
N LEU B 34 -18.55 30.70 -0.38
CA LEU B 34 -17.10 30.59 -0.51
C LEU B 34 -16.43 31.87 -0.03
N VAL B 35 -16.95 33.01 -0.44
CA VAL B 35 -16.41 34.28 0.04
C VAL B 35 -16.42 34.33 1.56
N GLU B 36 -17.58 34.10 2.18
CA GLU B 36 -17.59 34.14 3.64
C GLU B 36 -16.71 33.07 4.30
N ILE B 37 -16.43 31.99 3.60
CA ILE B 37 -15.57 31.01 4.23
C ILE B 37 -14.11 31.40 4.06
N CYS B 38 -13.71 31.87 2.88
CA CYS B 38 -12.31 32.21 2.79
C CYS B 38 -11.97 33.45 3.57
N THR B 39 -12.77 34.52 3.52
CA THR B 39 -12.39 35.71 4.31
C THR B 39 -12.26 35.33 5.78
N GLU B 40 -13.19 34.52 6.30
CA GLU B 40 -13.02 34.14 7.69
C GLU B 40 -11.77 33.28 7.89
N MET B 41 -11.46 32.39 6.95
CA MET B 41 -10.28 31.50 7.01
C MET B 41 -8.92 32.16 6.76
N GLU B 42 -8.97 33.33 6.14
CA GLU B 42 -7.83 34.21 5.88
C GLU B 42 -7.54 34.92 7.15
N LYS B 43 -8.62 35.45 7.72
CA LYS B 43 -8.56 36.09 9.02
C LYS B 43 -7.90 35.07 9.94
N GLU B 44 -8.17 33.79 9.73
CA GLU B 44 -7.56 32.79 10.57
C GLU B 44 -6.17 32.39 10.02
N GLY B 45 -5.76 33.01 8.91
CA GLY B 45 -4.46 32.74 8.33
C GLY B 45 -4.26 31.30 7.83
N LYS B 46 -5.38 30.64 7.54
CA LYS B 46 -5.39 29.29 6.97
C LYS B 46 -4.98 29.43 5.51
N ILE B 47 -5.45 30.51 4.89
CA ILE B 47 -5.16 30.81 3.50
C ILE B 47 -4.75 32.26 3.42
N SER B 48 -4.14 32.68 2.31
CA SER B 48 -3.95 34.11 2.13
C SER B 48 -3.83 34.52 0.66
N LYS B 49 -4.12 35.80 0.39
CA LYS B 49 -4.29 36.31 -0.98
C LYS B 49 -3.03 36.12 -1.80
N ILE B 50 -3.14 36.01 -3.11
CA ILE B 50 -1.96 35.83 -3.97
C ILE B 50 -1.99 36.65 -5.27
N GLY B 51 -0.84 36.76 -5.93
CA GLY B 51 -0.71 37.62 -7.08
C GLY B 51 -0.60 36.82 -8.36
N PRO B 52 -0.39 37.49 -9.49
CA PRO B 52 -0.23 36.91 -10.83
C PRO B 52 1.09 36.17 -11.04
N GLU B 53 2.03 36.38 -10.13
CA GLU B 53 3.26 35.57 -10.15
C GLU B 53 3.00 34.11 -9.84
N ASN B 54 1.87 33.80 -9.22
CA ASN B 54 1.56 32.39 -9.02
C ASN B 54 0.57 31.96 -10.09
N PRO B 55 1.06 31.24 -11.11
CA PRO B 55 0.25 30.92 -12.28
C PRO B 55 -0.32 29.54 -12.14
N TYR B 56 -0.83 29.22 -10.96
CA TYR B 56 -1.29 27.87 -10.68
C TYR B 56 -2.74 27.96 -10.25
N ASN B 57 -3.54 26.96 -10.56
CA ASN B 57 -4.89 26.97 -10.03
C ASN B 57 -5.49 25.62 -9.75
N THR B 58 -6.21 25.51 -8.65
CA THR B 58 -7.02 24.35 -8.47
C THR B 58 -8.46 24.80 -8.39
N PRO B 59 -9.38 24.03 -8.98
CA PRO B 59 -10.76 24.48 -8.89
C PRO B 59 -11.37 24.20 -7.54
N VAL B 60 -12.29 25.07 -7.13
CA VAL B 60 -12.97 24.94 -5.87
C VAL B 60 -14.44 25.22 -6.09
N PHE B 61 -15.27 24.62 -5.27
CA PHE B 61 -16.68 24.92 -5.26
C PHE B 61 -17.08 24.59 -3.82
N ALA B 62 -18.38 24.58 -3.55
CA ALA B 62 -18.89 24.24 -2.22
C ALA B 62 -20.11 23.34 -2.20
N ILE B 63 -20.28 22.65 -1.10
CA ILE B 63 -21.33 21.66 -1.00
C ILE B 63 -21.91 21.78 0.38
N LYS B 64 -23.10 21.21 0.64
CA LYS B 64 -23.55 20.98 2.02
C LYS B 64 -23.57 19.49 2.15
N LYS B 65 -23.00 18.93 3.23
CA LYS B 65 -23.04 17.49 3.40
C LYS B 65 -24.45 17.01 3.60
N LYS B 66 -24.64 15.71 3.39
CA LYS B 66 -25.97 15.14 3.54
C LYS B 66 -26.56 15.48 4.91
N ASP B 67 -27.79 15.97 4.88
CA ASP B 67 -28.55 16.41 6.07
C ASP B 67 -27.91 17.56 6.86
N SER B 68 -27.43 18.59 6.18
CA SER B 68 -26.68 19.66 6.85
C SER B 68 -27.05 20.98 6.21
N THR B 69 -27.38 21.99 6.99
CA THR B 69 -27.72 23.23 6.33
C THR B 69 -26.55 24.21 6.31
N LYS B 70 -25.38 23.75 6.75
CA LYS B 70 -24.16 24.58 6.80
C LYS B 70 -23.26 24.28 5.59
N TRP B 71 -22.73 25.32 4.93
CA TRP B 71 -21.88 25.16 3.74
C TRP B 71 -20.42 24.71 3.96
N ARG B 72 -19.99 23.60 3.37
CA ARG B 72 -18.58 23.15 3.44
C ARG B 72 -17.88 23.50 2.14
N LYS B 73 -16.72 24.12 2.21
CA LYS B 73 -15.96 24.35 1.02
C LYS B 73 -15.28 23.04 0.53
N LEU B 74 -15.17 22.89 -0.78
CA LEU B 74 -14.58 21.70 -1.38
C LEU B 74 -13.68 22.04 -2.57
N VAL B 75 -12.44 21.58 -2.49
CA VAL B 75 -11.51 21.80 -3.57
C VAL B 75 -11.30 20.52 -4.37
N ASP B 76 -11.17 20.69 -5.67
CA ASP B 76 -10.99 19.55 -6.52
C ASP B 76 -9.50 19.50 -6.73
N PHE B 77 -8.87 18.69 -5.89
CA PHE B 77 -7.41 18.62 -5.82
C PHE B 77 -6.94 17.46 -6.63
N ARG B 78 -7.87 16.82 -7.33
CA ARG B 78 -7.55 15.65 -8.12
C ARG B 78 -6.30 15.83 -8.92
N GLU B 79 -6.18 16.96 -9.60
CA GLU B 79 -5.00 17.16 -10.40
C GLU B 79 -3.74 17.23 -9.55
N LEU B 80 -3.82 17.93 -8.42
CA LEU B 80 -2.67 18.00 -7.54
C LEU B 80 -2.37 16.60 -7.05
N ASN B 81 -3.38 15.90 -6.56
CA ASN B 81 -3.16 14.57 -6.03
C ASN B 81 -2.51 13.67 -7.08
N LYS B 82 -2.77 13.96 -8.35
CA LYS B 82 -2.13 13.19 -9.38
C LYS B 82 -0.66 13.60 -9.42
N ARG B 83 -0.39 14.86 -9.11
CA ARG B 83 0.98 15.37 -9.24
C ARG B 83 1.79 15.36 -7.94
N THR B 84 1.16 14.99 -6.84
CA THR B 84 1.92 14.70 -5.62
C THR B 84 2.02 13.19 -5.38
N GLN B 85 1.38 12.39 -6.23
CA GLN B 85 1.06 10.95 -5.93
C GLN B 85 2.21 10.03 -5.44
N ASP B 86 3.34 10.03 -6.14
CA ASP B 86 4.46 9.16 -5.76
C ASP B 86 4.81 9.43 -4.29
N PHE B 87 4.72 10.69 -3.88
CA PHE B 87 4.96 11.07 -2.50
C PHE B 87 4.11 10.22 -1.53
N TRP B 88 2.79 10.23 -1.71
CA TRP B 88 1.94 9.55 -0.73
C TRP B 88 1.96 8.04 -0.92
N GLU B 89 1.78 7.56 -2.13
CA GLU B 89 1.68 6.11 -2.34
C GLU B 89 3.01 5.44 -2.01
N VAL B 90 4.09 5.89 -2.66
CA VAL B 90 5.39 5.24 -2.48
C VAL B 90 6.06 5.55 -1.12
N GLN B 91 5.96 6.77 -0.57
CA GLN B 91 6.72 7.03 0.65
C GLN B 91 6.12 6.38 1.89
N LEU B 92 4.83 6.57 2.13
CA LEU B 92 4.21 6.01 3.33
C LEU B 92 2.91 5.28 3.00
N GLY B 93 2.87 3.95 3.22
CA GLY B 93 1.64 3.21 2.95
C GLY B 93 0.72 3.12 4.16
N ILE B 94 -0.60 3.06 3.95
CA ILE B 94 -1.58 2.82 5.02
C ILE B 94 -2.40 1.51 4.90
N PRO B 95 -2.17 0.56 5.83
CA PRO B 95 -2.89 -0.71 5.78
C PRO B 95 -4.39 -0.59 5.94
N HIS B 96 -5.12 -1.17 5.00
CA HIS B 96 -6.57 -1.10 4.95
C HIS B 96 -7.26 -2.24 5.69
N PRO B 97 -7.99 -1.93 6.76
CA PRO B 97 -8.58 -3.03 7.54
C PRO B 97 -9.60 -3.86 6.75
N ALA B 98 -9.32 -5.15 6.65
CA ALA B 98 -10.23 -6.05 5.97
C ALA B 98 -11.41 -6.37 6.87
N GLY B 99 -11.34 -5.92 8.11
CA GLY B 99 -12.39 -6.22 9.05
C GLY B 99 -13.38 -5.07 9.06
N LEU B 100 -12.92 -3.89 8.64
CA LEU B 100 -13.76 -2.69 8.66
C LEU B 100 -15.08 -3.00 7.99
N LYS B 101 -15.00 -3.84 6.96
CA LYS B 101 -16.14 -4.15 6.14
C LYS B 101 -17.04 -5.13 6.86
N LYS B 102 -16.48 -5.86 7.81
CA LYS B 102 -17.24 -6.91 8.50
C LYS B 102 -17.96 -6.38 9.74
N LYS B 103 -17.63 -5.16 10.15
CA LYS B 103 -18.26 -4.53 11.31
C LYS B 103 -19.76 -4.30 11.08
N LYS B 104 -20.55 -4.54 12.12
CA LYS B 104 -21.99 -4.36 12.05
C LYS B 104 -22.42 -2.93 11.84
N SER B 105 -21.62 -1.99 12.30
CA SER B 105 -21.90 -0.61 11.95
C SER B 105 -20.61 0.15 11.74
N VAL B 106 -20.65 1.07 10.79
CA VAL B 106 -19.51 1.91 10.51
C VAL B 106 -19.99 3.32 10.30
N THR B 107 -19.50 4.23 11.13
CA THR B 107 -19.79 5.65 11.00
C THR B 107 -18.68 6.43 10.34
N VAL B 108 -19.03 7.42 9.53
CA VAL B 108 -18.00 8.23 8.90
C VAL B 108 -18.01 9.61 9.51
N LEU B 109 -16.93 10.00 10.15
CA LEU B 109 -16.88 11.34 10.75
C LEU B 109 -15.91 12.20 9.94
N ASP B 110 -16.28 13.46 9.76
CA ASP B 110 -15.44 14.37 9.01
C ASP B 110 -14.48 15.07 9.95
N VAL B 111 -13.22 14.66 9.89
CA VAL B 111 -12.18 15.24 10.75
C VAL B 111 -11.27 16.27 10.07
N GLY B 112 -11.59 16.62 8.83
CA GLY B 112 -10.72 17.44 8.01
C GLY B 112 -10.26 18.75 8.63
N ASP B 113 -11.07 19.33 9.52
CA ASP B 113 -10.73 20.64 10.10
C ASP B 113 -9.36 20.59 10.82
N ALA B 114 -9.06 19.46 11.45
CA ALA B 114 -7.82 19.28 12.20
C ALA B 114 -6.62 19.59 11.30
N TYR B 115 -6.76 19.32 10.01
CA TYR B 115 -5.67 19.45 9.05
C TYR B 115 -5.19 20.89 8.96
N PHE B 116 -5.99 21.82 9.46
CA PHE B 116 -5.63 23.21 9.37
C PHE B 116 -4.52 23.62 10.38
N SER B 117 -4.31 22.79 11.42
CA SER B 117 -3.17 22.93 12.35
C SER B 117 -1.81 22.93 11.69
N VAL B 118 -1.40 21.77 11.18
CA VAL B 118 -0.07 21.64 10.63
C VAL B 118 0.18 22.68 9.54
N PRO B 119 1.32 23.36 9.60
CA PRO B 119 1.81 24.18 8.48
C PRO B 119 2.17 23.33 7.28
N LEU B 120 2.36 23.99 6.16
CA LEU B 120 2.67 23.31 4.91
C LEU B 120 3.98 23.88 4.43
N ASP B 121 4.80 23.06 3.76
CA ASP B 121 6.10 23.48 3.29
C ASP B 121 5.91 24.75 2.45
N GLU B 122 6.60 25.81 2.87
CA GLU B 122 6.43 27.14 2.30
C GLU B 122 6.71 27.14 0.79
N ASP B 123 7.49 26.15 0.36
CA ASP B 123 7.90 26.04 -1.03
C ASP B 123 6.80 25.38 -1.85
N PHE B 124 5.96 24.56 -1.18
CA PHE B 124 4.84 23.84 -1.82
C PHE B 124 3.54 24.63 -1.98
N ARG B 125 3.30 25.56 -1.06
CA ARG B 125 2.05 26.31 -0.99
C ARG B 125 1.62 26.95 -2.30
N LYS B 126 2.58 27.28 -3.16
CA LYS B 126 2.20 27.91 -4.42
C LYS B 126 1.42 26.97 -5.33
N TYR B 127 1.36 25.70 -4.99
CA TYR B 127 0.63 24.78 -5.86
C TYR B 127 -0.80 24.53 -5.34
N THR B 128 -1.16 25.11 -4.19
CA THR B 128 -2.54 24.97 -3.69
C THR B 128 -3.41 26.16 -4.12
N ALA B 129 -2.88 26.99 -5.00
CA ALA B 129 -3.55 28.21 -5.42
C ALA B 129 -4.91 27.87 -5.98
N PHE B 130 -5.94 28.53 -5.48
CA PHE B 130 -7.31 28.37 -6.02
C PHE B 130 -8.05 29.70 -6.13
N THR B 131 -8.81 29.83 -7.20
CA THR B 131 -9.61 31.03 -7.48
C THR B 131 -11.07 30.94 -7.01
N ILE B 132 -11.50 31.94 -6.26
CA ILE B 132 -12.91 32.20 -6.05
C ILE B 132 -13.37 33.06 -7.24
N PRO B 133 -14.29 32.51 -8.05
CA PRO B 133 -14.71 33.16 -9.30
C PRO B 133 -15.63 34.31 -9.04
N SER B 134 -15.84 35.14 -10.05
CA SER B 134 -16.86 36.15 -9.88
C SER B 134 -17.96 35.86 -10.84
N ILE B 135 -19.22 36.11 -10.41
CA ILE B 135 -20.33 36.12 -11.35
C ILE B 135 -20.09 37.08 -12.52
N ASN B 136 -20.34 36.59 -13.72
CA ASN B 136 -20.31 37.36 -14.94
C ASN B 136 -18.98 38.08 -15.15
N ASN B 137 -17.94 37.69 -14.45
CA ASN B 137 -16.63 38.32 -14.67
C ASN B 137 -16.63 39.83 -14.40
N GLU B 138 -17.45 40.25 -13.44
CA GLU B 138 -17.61 41.68 -13.15
C GLU B 138 -16.38 42.13 -12.39
N THR B 139 -15.91 41.27 -11.50
CA THR B 139 -14.67 41.46 -10.78
C THR B 139 -13.71 40.41 -11.27
N PRO B 140 -12.38 40.62 -11.11
CA PRO B 140 -11.62 39.38 -11.35
C PRO B 140 -11.66 38.43 -10.17
N GLY B 141 -10.99 37.31 -10.34
CA GLY B 141 -11.01 36.30 -9.32
C GLY B 141 -10.36 36.72 -8.03
N ILE B 142 -10.89 36.20 -6.93
CA ILE B 142 -10.19 36.34 -5.69
C ILE B 142 -9.30 35.11 -5.58
N ARG B 143 -7.98 35.27 -5.73
CA ARG B 143 -7.10 34.08 -5.71
C ARG B 143 -6.43 33.91 -4.39
N TYR B 144 -6.48 32.70 -3.85
CA TYR B 144 -5.79 32.43 -2.61
C TYR B 144 -4.76 31.36 -2.78
N GLN B 145 -4.03 31.11 -1.71
CA GLN B 145 -3.30 29.85 -1.62
C GLN B 145 -3.31 29.39 -0.17
N TYR B 146 -3.13 28.10 -0.02
CA TYR B 146 -3.29 27.48 1.27
C TYR B 146 -2.03 27.64 2.04
N ASN B 147 -2.15 28.21 3.24
CA ASN B 147 -1.03 28.25 4.15
C ASN B 147 -0.88 26.98 4.98
N VAL B 148 -1.98 26.47 5.49
CA VAL B 148 -1.93 25.24 6.28
C VAL B 148 -2.16 24.01 5.44
N LEU B 149 -2.30 22.84 6.09
CA LEU B 149 -2.53 21.63 5.32
C LEU B 149 -3.92 21.73 4.78
N PRO B 150 -4.01 21.83 3.45
CA PRO B 150 -5.25 22.05 2.74
C PRO B 150 -6.12 20.83 2.80
N GLN B 151 -7.40 21.02 3.09
CA GLN B 151 -8.33 19.91 3.05
C GLN B 151 -8.44 19.25 1.67
N GLY B 152 -8.46 17.92 1.66
CA GLY B 152 -8.69 17.16 0.44
C GLY B 152 -7.52 16.83 -0.46
N TRP B 153 -6.35 17.37 -0.14
CA TRP B 153 -5.11 16.96 -0.78
C TRP B 153 -4.62 15.69 -0.11
N LYS B 154 -3.94 14.79 -0.82
CA LYS B 154 -3.63 13.48 -0.24
C LYS B 154 -2.48 13.57 0.74
N GLY B 155 -1.72 14.65 0.59
CA GLY B 155 -0.67 14.88 1.54
C GLY B 155 -1.27 15.34 2.85
N SER B 156 -2.39 16.04 2.83
CA SER B 156 -2.90 16.48 4.13
C SER B 156 -3.18 15.30 5.09
N PRO B 157 -3.89 14.26 4.64
CA PRO B 157 -4.09 13.14 5.57
C PRO B 157 -2.81 12.37 5.76
N ALA B 158 -1.87 12.52 4.82
CA ALA B 158 -0.63 11.75 4.95
C ALA B 158 0.29 12.29 6.06
N ILE B 159 0.55 13.58 6.01
CA ILE B 159 1.45 14.26 6.91
C ILE B 159 0.90 14.31 8.34
N PHE B 160 -0.40 14.28 8.45
CA PHE B 160 -1.01 14.37 9.77
C PHE B 160 -1.06 12.98 10.42
N GLN B 161 -0.49 12.00 9.74
CA GLN B 161 -0.54 10.61 10.20
C GLN B 161 -0.04 10.37 11.63
N SER B 162 1.19 10.78 11.91
CA SER B 162 1.76 10.68 13.25
C SER B 162 0.87 11.24 14.34
N SER B 163 0.44 12.48 14.13
CA SER B 163 -0.38 13.20 15.09
C SER B 163 -1.71 12.50 15.29
N MET B 164 -2.20 11.93 14.21
CA MET B 164 -3.48 11.26 14.26
C MET B 164 -3.42 9.96 15.04
N THR B 165 -2.41 9.17 14.71
CA THR B 165 -2.22 7.86 15.30
C THR B 165 -2.05 8.10 16.80
N LYS B 166 -1.41 9.23 17.11
CA LYS B 166 -1.22 9.68 18.48
C LYS B 166 -2.57 9.86 19.16
N ILE B 167 -3.30 10.89 18.75
CA ILE B 167 -4.55 11.24 19.41
C ILE B 167 -5.49 10.05 19.55
N LEU B 168 -5.36 9.12 18.61
CA LEU B 168 -6.20 7.92 18.58
C LEU B 168 -5.73 6.79 19.48
N GLU B 169 -4.43 6.73 19.73
CA GLU B 169 -3.85 5.65 20.50
C GLU B 169 -4.51 5.45 21.86
N PRO B 170 -4.94 6.54 22.54
CA PRO B 170 -5.72 6.28 23.75
C PRO B 170 -6.97 5.44 23.49
N PHE B 171 -7.75 5.80 22.48
CA PHE B 171 -9.01 5.11 22.26
C PHE B 171 -8.80 3.69 21.80
N LYS B 172 -7.92 3.51 20.82
CA LYS B 172 -7.65 2.18 20.29
C LYS B 172 -7.21 1.32 21.46
N LYS B 173 -6.46 1.92 22.37
CA LYS B 173 -5.95 1.17 23.50
C LYS B 173 -7.12 0.80 24.42
N GLN B 174 -7.99 1.76 24.71
CA GLN B 174 -9.14 1.49 25.57
C GLN B 174 -10.19 0.65 24.87
N ASN B 175 -10.33 0.86 23.57
CA ASN B 175 -11.22 0.04 22.73
C ASN B 175 -10.45 -0.63 21.61
N PRO B 176 -9.83 -1.77 21.91
CA PRO B 176 -9.04 -2.52 20.94
C PRO B 176 -9.87 -3.21 19.87
N ASP B 177 -11.12 -3.50 20.20
CA ASP B 177 -11.96 -4.27 19.29
C ASP B 177 -12.65 -3.40 18.26
N ILE B 178 -12.53 -2.08 18.43
CA ILE B 178 -13.12 -1.14 17.49
C ILE B 178 -12.12 -0.84 16.36
N VAL B 179 -12.60 -0.90 15.12
CA VAL B 179 -11.73 -0.73 13.96
C VAL B 179 -11.81 0.68 13.43
N ILE B 180 -10.65 1.27 13.20
CA ILE B 180 -10.60 2.65 12.79
C ILE B 180 -9.70 2.79 11.60
N TYR B 181 -10.28 3.24 10.50
CA TYR B 181 -9.62 3.49 9.22
C TYR B 181 -9.68 4.95 8.82
N GLN B 182 -8.72 5.41 8.01
CA GLN B 182 -8.73 6.80 7.58
C GLN B 182 -8.50 7.01 6.07
N TYR B 183 -9.47 7.66 5.43
CA TYR B 183 -9.35 7.98 4.01
C TYR B 183 -9.57 9.46 3.81
N MET B 184 -8.53 10.15 3.40
CA MET B 184 -8.56 11.58 3.21
C MET B 184 -9.25 12.33 4.36
N ASP B 185 -10.04 13.33 4.01
CA ASP B 185 -10.66 14.16 5.02
C ASP B 185 -11.64 13.40 5.89
N ASP B 186 -11.85 12.15 5.59
CA ASP B 186 -12.85 11.38 6.31
C ASP B 186 -12.20 10.32 7.19
N LEU B 187 -12.83 10.07 8.32
CA LEU B 187 -12.45 9.00 9.24
C LEU B 187 -13.54 7.96 9.42
N TYR B 188 -13.23 6.71 9.14
CA TYR B 188 -14.17 5.60 9.25
C TYR B 188 -13.99 4.82 10.54
N VAL B 189 -15.06 4.72 11.31
CA VAL B 189 -15.01 4.11 12.63
C VAL B 189 -16.05 3.01 12.72
N GLY B 190 -15.67 1.78 13.00
CA GLY B 190 -16.72 0.80 13.06
C GLY B 190 -16.54 -0.30 14.05
N SER B 191 -17.70 -0.84 14.44
CA SER B 191 -17.87 -1.71 15.59
C SER B 191 -19.09 -2.60 15.43
N ASP B 192 -19.10 -3.70 16.17
CA ASP B 192 -20.25 -4.62 16.18
C ASP B 192 -21.25 -4.30 17.30
N LEU B 193 -21.02 -3.19 17.99
CA LEU B 193 -21.89 -2.76 19.08
C LEU B 193 -23.32 -2.48 18.62
N GLU B 194 -24.26 -2.70 19.54
CA GLU B 194 -25.65 -2.33 19.35
C GLU B 194 -25.63 -0.84 19.11
N ILE B 195 -26.53 -0.35 18.24
CA ILE B 195 -26.44 1.02 17.75
C ILE B 195 -26.38 2.10 18.85
N GLY B 196 -27.11 1.89 19.96
CA GLY B 196 -27.13 2.83 21.06
C GLY B 196 -25.74 3.11 21.63
N GLN B 197 -25.08 2.01 22.01
CA GLN B 197 -23.75 2.09 22.60
C GLN B 197 -22.69 2.40 21.56
N HIS B 198 -22.96 2.09 20.29
CA HIS B 198 -22.05 2.52 19.25
C HIS B 198 -22.04 4.04 19.25
N ARG B 199 -23.21 4.64 19.04
CA ARG B 199 -23.36 6.09 18.97
C ARG B 199 -22.75 6.74 20.20
N THR B 200 -22.81 6.03 21.33
CA THR B 200 -22.20 6.54 22.54
C THR B 200 -20.68 6.49 22.41
N LYS B 201 -20.14 5.40 21.89
CA LYS B 201 -18.69 5.30 21.73
C LYS B 201 -18.18 6.31 20.69
N ILE B 202 -19.09 6.70 19.81
CA ILE B 202 -18.80 7.68 18.77
C ILE B 202 -18.80 9.09 19.32
N GLU B 203 -19.77 9.39 20.17
CA GLU B 203 -19.78 10.69 20.81
C GLU B 203 -18.52 10.81 21.63
N GLU B 204 -18.19 9.74 22.35
CA GLU B 204 -16.94 9.62 23.10
C GLU B 204 -15.65 9.87 22.30
N LEU B 205 -15.58 9.30 21.11
CA LEU B 205 -14.43 9.52 20.24
C LEU B 205 -14.43 10.96 19.75
N ARG B 206 -15.64 11.50 19.62
CA ARG B 206 -15.81 12.86 19.16
C ARG B 206 -15.16 13.69 20.26
N GLN B 207 -15.39 13.30 21.51
CA GLN B 207 -14.83 14.02 22.64
C GLN B 207 -13.31 13.94 22.60
N HIS B 208 -12.78 12.75 22.36
CA HIS B 208 -11.33 12.56 22.27
C HIS B 208 -10.72 13.61 21.37
N LEU B 209 -11.14 13.60 20.10
CA LEU B 209 -10.64 14.61 19.18
C LEU B 209 -11.05 16.05 19.51
N LEU B 210 -12.13 16.20 20.26
CA LEU B 210 -12.60 17.51 20.71
C LEU B 210 -11.70 18.21 21.74
N ARG B 211 -11.20 17.43 22.68
CA ARG B 211 -10.33 17.94 23.74
C ARG B 211 -8.88 17.99 23.29
N TRP B 212 -8.60 17.32 22.18
CA TRP B 212 -7.27 17.37 21.59
C TRP B 212 -7.26 18.47 20.54
N GLY B 213 -8.31 19.29 20.58
CA GLY B 213 -8.46 20.40 19.66
C GLY B 213 -9.03 20.20 18.27
N LEU B 214 -10.18 19.55 18.15
CA LEU B 214 -10.87 19.44 16.85
C LEU B 214 -12.39 19.67 16.93
N THR B 215 -12.97 20.16 15.83
CA THR B 215 -14.42 20.35 15.71
C THR B 215 -15.03 19.47 14.62
N THR B 216 -16.28 19.07 14.85
CA THR B 216 -16.95 18.07 14.02
C THR B 216 -18.38 18.48 13.67
N PRO B 217 -18.54 19.26 12.58
CA PRO B 217 -19.93 19.44 12.15
C PRO B 217 -20.37 18.25 11.29
N GLY B 231 -28.39 8.27 10.02
CA GLY B 231 -27.25 9.15 10.14
C GLY B 231 -26.04 8.58 9.44
N TYR B 232 -24.86 9.11 9.76
CA TYR B 232 -23.59 8.79 9.07
C TYR B 232 -23.36 7.28 8.98
N GLU B 233 -24.13 6.52 9.74
CA GLU B 233 -23.92 5.08 9.89
C GLU B 233 -24.05 4.38 8.57
N LEU B 234 -23.20 3.37 8.39
CA LEU B 234 -23.28 2.41 7.30
C LEU B 234 -23.42 1.02 7.93
N HIS B 235 -23.86 0.02 7.17
CA HIS B 235 -24.05 -1.28 7.80
C HIS B 235 -23.46 -2.40 6.99
N PRO B 236 -22.16 -2.33 6.79
CA PRO B 236 -21.40 -3.13 5.84
C PRO B 236 -21.70 -4.62 5.96
N ASP B 237 -21.99 -5.08 7.16
CA ASP B 237 -22.29 -6.49 7.35
C ASP B 237 -23.55 -6.85 6.55
N LYS B 238 -24.35 -5.82 6.23
CA LYS B 238 -25.61 -6.02 5.53
C LYS B 238 -25.48 -5.85 4.04
N TRP B 239 -24.30 -5.44 3.56
CA TRP B 239 -24.16 -5.17 2.13
C TRP B 239 -24.28 -6.45 1.34
N THR B 240 -25.23 -6.42 0.40
CA THR B 240 -25.54 -7.60 -0.41
C THR B 240 -24.94 -7.45 -1.79
N VAL B 241 -24.55 -8.57 -2.35
CA VAL B 241 -24.10 -8.62 -3.72
C VAL B 241 -25.21 -9.18 -4.62
N GLN B 242 -25.43 -8.50 -5.75
CA GLN B 242 -26.44 -8.88 -6.73
C GLN B 242 -25.85 -9.90 -7.77
N PRO B 243 -26.22 -11.19 -7.67
CA PRO B 243 -25.75 -12.23 -8.59
C PRO B 243 -26.54 -12.17 -9.88
N ILE B 244 -26.02 -12.69 -10.99
CA ILE B 244 -26.83 -12.82 -12.19
C ILE B 244 -27.81 -13.98 -12.07
N VAL B 245 -29.05 -13.73 -12.45
CA VAL B 245 -30.07 -14.75 -12.37
C VAL B 245 -30.99 -14.74 -13.60
N LEU B 246 -31.21 -15.95 -14.12
CA LEU B 246 -32.07 -16.23 -15.23
C LEU B 246 -33.49 -16.29 -14.73
N PRO B 247 -34.43 -15.76 -15.53
CA PRO B 247 -35.84 -15.66 -15.13
C PRO B 247 -36.50 -17.00 -14.81
N GLU B 248 -37.55 -16.90 -14.03
CA GLU B 248 -38.37 -18.04 -13.72
C GLU B 248 -39.58 -17.95 -14.61
N LYS B 249 -39.73 -18.94 -15.48
CA LYS B 249 -40.87 -18.89 -16.38
C LYS B 249 -41.73 -20.14 -16.31
N ASP B 250 -43.02 -19.88 -16.27
CA ASP B 250 -44.04 -20.91 -16.44
C ASP B 250 -44.04 -21.54 -17.83
N SER B 251 -44.28 -20.66 -18.80
CA SER B 251 -44.39 -20.95 -20.23
C SER B 251 -43.47 -20.03 -21.04
N TRP B 252 -42.78 -20.57 -22.05
CA TRP B 252 -41.79 -19.76 -22.80
C TRP B 252 -42.12 -19.36 -24.25
N THR B 253 -42.11 -18.06 -24.57
CA THR B 253 -42.18 -17.70 -25.99
C THR B 253 -40.79 -17.88 -26.58
N VAL B 254 -40.74 -17.97 -27.90
CA VAL B 254 -39.50 -17.98 -28.65
C VAL B 254 -38.60 -16.83 -28.23
N ASN B 255 -39.20 -15.66 -28.21
CA ASN B 255 -38.55 -14.42 -27.83
C ASN B 255 -37.87 -14.51 -26.49
N ASP B 256 -38.56 -15.16 -25.55
CA ASP B 256 -37.97 -15.50 -24.25
C ASP B 256 -36.73 -16.37 -24.44
N ILE B 257 -36.85 -17.43 -25.24
CA ILE B 257 -35.70 -18.28 -25.44
C ILE B 257 -34.55 -17.53 -26.06
N GLN B 258 -34.85 -16.52 -26.86
CA GLN B 258 -33.79 -15.79 -27.56
C GLN B 258 -33.05 -14.82 -26.63
N LYS B 259 -33.81 -14.06 -25.85
CA LYS B 259 -33.22 -13.14 -24.92
C LYS B 259 -32.44 -13.93 -23.87
N LEU B 260 -33.01 -15.07 -23.50
CA LEU B 260 -32.35 -15.99 -22.59
C LEU B 260 -31.01 -16.42 -23.18
N VAL B 261 -31.04 -16.95 -24.40
CA VAL B 261 -29.84 -17.42 -25.05
C VAL B 261 -28.78 -16.31 -25.19
N GLY B 262 -29.21 -15.07 -25.36
CA GLY B 262 -28.26 -14.00 -25.62
C GLY B 262 -27.55 -13.69 -24.33
N LYS B 263 -28.36 -13.66 -23.27
CA LYS B 263 -27.88 -13.45 -21.91
C LYS B 263 -26.88 -14.53 -21.56
N LEU B 264 -27.28 -15.79 -21.72
CA LEU B 264 -26.38 -16.93 -21.55
C LEU B 264 -25.10 -16.74 -22.30
N ASN B 265 -25.14 -16.20 -23.51
CA ASN B 265 -23.90 -15.97 -24.20
C ASN B 265 -23.02 -14.94 -23.45
N TRP B 266 -23.67 -13.99 -22.77
CA TRP B 266 -22.84 -13.00 -22.08
C TRP B 266 -22.25 -13.63 -20.84
N ALA B 267 -23.14 -14.23 -20.07
CA ALA B 267 -22.70 -14.83 -18.86
C ALA B 267 -21.60 -15.81 -19.20
N SER B 268 -21.66 -16.39 -20.39
CA SER B 268 -20.65 -17.35 -20.72
C SER B 268 -19.38 -16.58 -21.01
N GLN B 269 -19.47 -15.26 -21.10
CA GLN B 269 -18.18 -14.61 -21.16
C GLN B 269 -17.58 -14.60 -19.78
N ILE B 270 -18.47 -14.46 -18.80
CA ILE B 270 -18.04 -14.50 -17.37
C ILE B 270 -17.85 -15.90 -16.75
N TYR B 271 -18.85 -16.77 -16.86
CA TYR B 271 -18.73 -18.11 -16.31
C TYR B 271 -18.66 -19.08 -17.49
N PRO B 272 -17.46 -19.60 -17.77
CA PRO B 272 -17.13 -20.47 -18.92
C PRO B 272 -17.83 -21.84 -19.04
N GLY B 273 -18.45 -22.35 -17.99
CA GLY B 273 -19.07 -23.67 -18.09
C GLY B 273 -20.46 -23.63 -18.68
N ILE B 274 -20.91 -22.42 -19.00
CA ILE B 274 -22.19 -22.20 -19.65
C ILE B 274 -22.21 -22.74 -21.08
N LYS B 275 -23.35 -23.32 -21.44
CA LYS B 275 -23.64 -23.87 -22.78
C LYS B 275 -25.07 -23.45 -23.20
N VAL B 276 -25.18 -23.02 -24.45
CA VAL B 276 -26.47 -22.64 -25.01
C VAL B 276 -27.07 -23.72 -25.89
N ARG B 277 -26.35 -24.83 -26.05
CA ARG B 277 -26.61 -25.88 -27.04
C ARG B 277 -28.05 -26.37 -27.08
N GLN B 278 -28.60 -26.81 -25.97
CA GLN B 278 -29.95 -27.37 -26.05
C GLN B 278 -31.04 -26.30 -26.17
N LEU B 279 -30.85 -25.15 -25.55
CA LEU B 279 -31.83 -24.09 -25.74
C LEU B 279 -31.76 -23.57 -27.19
N SER B 280 -30.55 -23.55 -27.72
CA SER B 280 -30.41 -23.12 -29.10
C SER B 280 -31.17 -24.12 -29.93
N LYS B 281 -30.91 -25.41 -29.73
CA LYS B 281 -31.65 -26.35 -30.54
C LYS B 281 -33.15 -26.17 -30.37
N LEU B 282 -33.57 -25.71 -29.19
CA LEU B 282 -35.00 -25.46 -28.93
C LEU B 282 -35.55 -24.46 -29.91
N LEU B 283 -34.66 -23.64 -30.46
CA LEU B 283 -35.09 -22.54 -31.34
C LEU B 283 -35.19 -22.91 -32.82
N ARG B 284 -35.05 -24.19 -33.13
CA ARG B 284 -34.64 -24.66 -34.46
C ARG B 284 -35.27 -24.07 -35.75
N GLY B 285 -36.59 -24.00 -35.90
CA GLY B 285 -37.16 -23.47 -37.16
C GLY B 285 -37.19 -21.97 -37.41
N THR B 286 -38.00 -21.50 -38.36
CA THR B 286 -38.27 -20.06 -38.42
C THR B 286 -39.65 -19.85 -37.85
N LYS B 287 -39.71 -19.45 -36.58
CA LYS B 287 -40.98 -19.43 -35.84
C LYS B 287 -41.40 -18.06 -35.40
N ALA B 288 -42.72 -17.86 -35.26
CA ALA B 288 -43.25 -16.59 -34.76
C ALA B 288 -42.72 -16.36 -33.34
N LEU B 289 -42.35 -15.13 -33.00
CA LEU B 289 -41.76 -14.87 -31.69
C LEU B 289 -42.61 -15.24 -30.50
N THR B 290 -43.90 -15.03 -30.66
CA THR B 290 -44.83 -15.17 -29.57
C THR B 290 -45.43 -16.55 -29.50
N GLU B 291 -44.97 -17.45 -30.35
CA GLU B 291 -45.45 -18.83 -30.29
C GLU B 291 -44.87 -19.44 -29.06
N VAL B 292 -45.63 -20.32 -28.42
CA VAL B 292 -45.20 -20.89 -27.16
C VAL B 292 -44.54 -22.23 -27.36
N ILE B 293 -43.25 -22.28 -27.04
CA ILE B 293 -42.49 -23.49 -27.23
C ILE B 293 -42.15 -24.10 -25.87
N PRO B 294 -42.47 -25.39 -25.71
CA PRO B 294 -42.29 -26.18 -24.49
C PRO B 294 -40.83 -26.57 -24.28
N LEU B 295 -40.40 -26.71 -23.03
CA LEU B 295 -39.00 -26.98 -22.75
C LEU B 295 -38.71 -28.47 -22.76
N THR B 296 -37.82 -28.91 -23.64
CA THR B 296 -37.41 -30.31 -23.64
C THR B 296 -36.74 -30.60 -22.31
N GLU B 297 -36.69 -31.86 -21.91
CA GLU B 297 -36.07 -32.16 -20.63
C GLU B 297 -34.56 -31.98 -20.67
N GLU B 298 -33.90 -32.46 -21.71
CA GLU B 298 -32.45 -32.27 -21.85
C GLU B 298 -31.99 -30.79 -21.79
N ALA B 299 -32.82 -29.93 -22.37
CA ALA B 299 -32.64 -28.50 -22.26
C ALA B 299 -33.05 -28.01 -20.89
N GLU B 300 -34.19 -28.45 -20.38
CA GLU B 300 -34.61 -28.05 -19.04
C GLU B 300 -33.48 -28.28 -18.01
N LEU B 301 -32.73 -29.35 -18.22
CA LEU B 301 -31.59 -29.68 -17.36
C LEU B 301 -30.33 -28.88 -17.67
N GLU B 302 -30.14 -28.48 -18.93
CA GLU B 302 -28.97 -27.67 -19.21
C GLU B 302 -29.17 -26.30 -18.60
N LEU B 303 -30.40 -25.82 -18.73
CA LEU B 303 -30.77 -24.53 -18.20
C LEU B 303 -30.69 -24.54 -16.70
N ALA B 304 -31.18 -25.60 -16.06
CA ALA B 304 -31.14 -25.66 -14.59
C ALA B 304 -29.67 -25.78 -14.11
N GLU B 305 -28.83 -26.42 -14.92
CA GLU B 305 -27.42 -26.55 -14.58
C GLU B 305 -26.75 -25.21 -14.77
N ASN B 306 -27.26 -24.42 -15.72
CA ASN B 306 -26.74 -23.08 -15.89
C ASN B 306 -27.18 -22.25 -14.67
N ARG B 307 -28.46 -22.31 -14.30
CA ARG B 307 -28.94 -21.56 -13.14
C ARG B 307 -28.03 -21.88 -11.96
N GLU B 308 -27.45 -23.08 -12.01
CA GLU B 308 -26.49 -23.55 -11.01
C GLU B 308 -25.13 -22.85 -11.12
N ILE B 309 -24.50 -22.89 -12.29
CA ILE B 309 -23.18 -22.31 -12.45
C ILE B 309 -23.20 -20.82 -12.12
N LEU B 310 -24.40 -20.27 -12.10
CA LEU B 310 -24.61 -18.86 -11.80
C LEU B 310 -24.88 -18.63 -10.33
N LYS B 311 -24.87 -19.70 -9.54
CA LYS B 311 -24.87 -19.51 -8.11
C LYS B 311 -23.46 -19.62 -7.58
N GLU B 312 -22.51 -19.89 -8.46
CA GLU B 312 -21.17 -20.13 -8.00
C GLU B 312 -20.47 -18.79 -7.95
N PRO B 313 -19.24 -18.78 -7.44
CA PRO B 313 -18.36 -17.61 -7.54
C PRO B 313 -17.62 -17.73 -8.85
N VAL B 314 -16.74 -16.80 -9.16
CA VAL B 314 -16.04 -16.90 -10.40
C VAL B 314 -14.60 -17.20 -10.10
N HIS B 315 -14.11 -18.29 -10.65
CA HIS B 315 -12.75 -18.71 -10.38
C HIS B 315 -11.77 -17.57 -10.66
N GLY B 316 -10.89 -17.29 -9.71
CA GLY B 316 -9.73 -16.44 -9.97
C GLY B 316 -9.98 -14.94 -10.06
N VAL B 317 -11.10 -14.48 -9.51
CA VAL B 317 -11.38 -13.05 -9.43
C VAL B 317 -10.98 -12.69 -8.01
N TYR B 318 -9.93 -11.89 -7.87
CA TYR B 318 -9.56 -11.43 -6.55
C TYR B 318 -8.95 -10.06 -6.68
N TYR B 319 -9.04 -9.29 -5.62
CA TYR B 319 -8.52 -7.95 -5.70
C TYR B 319 -7.01 -7.93 -5.70
N ASP B 320 -6.47 -7.17 -6.63
CA ASP B 320 -5.06 -6.96 -6.70
C ASP B 320 -4.85 -5.50 -6.36
N PRO B 321 -4.25 -5.23 -5.21
CA PRO B 321 -3.95 -3.89 -4.66
C PRO B 321 -3.30 -2.95 -5.66
N SER B 322 -2.53 -3.51 -6.57
CA SER B 322 -1.72 -2.69 -7.43
C SER B 322 -2.56 -2.08 -8.54
N LYS B 323 -3.64 -2.75 -8.91
CA LYS B 323 -4.49 -2.34 -10.03
C LYS B 323 -5.50 -1.29 -9.59
N ASP B 324 -5.86 -0.38 -10.50
CA ASP B 324 -6.89 0.60 -10.18
C ASP B 324 -8.20 -0.14 -10.25
N LEU B 325 -9.15 0.27 -9.44
CA LEU B 325 -10.51 -0.23 -9.53
C LEU B 325 -11.25 0.53 -10.60
N ILE B 326 -12.19 -0.12 -11.25
CA ILE B 326 -12.94 0.53 -12.28
C ILE B 326 -14.39 0.18 -11.97
N ALA B 327 -15.22 1.20 -11.94
CA ALA B 327 -16.62 1.00 -11.64
C ALA B 327 -17.48 1.52 -12.79
N GLU B 328 -18.42 0.68 -13.19
CA GLU B 328 -19.38 0.96 -14.24
C GLU B 328 -20.75 0.99 -13.65
N ILE B 329 -21.54 1.98 -14.05
CA ILE B 329 -22.92 2.17 -13.56
C ILE B 329 -23.82 2.11 -14.79
N GLN B 330 -24.86 1.29 -14.78
CA GLN B 330 -25.85 1.32 -15.84
C GLN B 330 -27.18 1.75 -15.33
N LYS B 331 -27.86 2.60 -16.08
CA LYS B 331 -29.20 3.01 -15.72
C LYS B 331 -30.25 2.02 -16.20
N GLN B 332 -30.96 1.39 -15.26
CA GLN B 332 -31.87 0.30 -15.60
C GLN B 332 -33.28 0.74 -15.74
N GLY B 333 -33.53 2.03 -15.48
CA GLY B 333 -34.89 2.55 -15.47
C GLY B 333 -35.71 2.45 -14.18
N GLN B 334 -36.72 3.31 -14.07
CA GLN B 334 -37.65 3.31 -12.94
C GLN B 334 -36.95 3.31 -11.61
N GLY B 335 -36.03 4.26 -11.46
CA GLY B 335 -35.31 4.42 -10.21
C GLY B 335 -34.28 3.37 -9.91
N GLN B 336 -34.13 2.41 -10.82
CA GLN B 336 -33.14 1.37 -10.59
C GLN B 336 -31.83 1.69 -11.27
N TRP B 337 -30.72 1.34 -10.61
CA TRP B 337 -29.37 1.44 -11.19
C TRP B 337 -28.52 0.17 -10.90
N THR B 338 -27.81 -0.36 -11.88
CA THR B 338 -26.95 -1.48 -11.56
C THR B 338 -25.52 -0.99 -11.61
N TYR B 339 -24.65 -1.62 -10.85
CA TYR B 339 -23.26 -1.25 -10.93
C TYR B 339 -22.41 -2.50 -10.84
N GLN B 340 -21.19 -2.36 -11.35
CA GLN B 340 -20.18 -3.38 -11.25
C GLN B 340 -18.82 -2.78 -11.00
N ILE B 341 -18.15 -3.32 -9.96
CA ILE B 341 -16.76 -3.00 -9.67
C ILE B 341 -15.82 -4.14 -10.06
N TYR B 342 -14.75 -3.80 -10.79
CA TYR B 342 -13.82 -4.79 -11.33
C TYR B 342 -12.50 -4.09 -11.54
N GLN B 343 -11.37 -4.79 -11.53
CA GLN B 343 -10.16 -4.15 -12.02
C GLN B 343 -9.84 -4.65 -13.43
N GLU B 344 -10.44 -5.78 -13.81
CA GLU B 344 -10.24 -6.39 -15.13
C GLU B 344 -11.55 -7.04 -15.63
N PRO B 345 -11.80 -6.89 -16.95
CA PRO B 345 -13.09 -7.30 -17.50
C PRO B 345 -13.52 -8.67 -17.11
N PHE B 346 -14.79 -8.80 -16.76
CA PHE B 346 -15.46 -10.08 -16.60
C PHE B 346 -15.06 -10.78 -15.30
N LYS B 347 -14.04 -10.24 -14.65
CA LYS B 347 -13.74 -10.64 -13.29
C LYS B 347 -14.25 -9.52 -12.40
N ASN B 348 -15.45 -9.68 -11.86
CA ASN B 348 -16.06 -8.57 -11.14
C ASN B 348 -15.85 -8.75 -9.67
N LEU B 349 -15.34 -7.72 -9.02
CA LEU B 349 -15.15 -7.78 -7.60
C LEU B 349 -16.47 -7.60 -6.86
N LYS B 350 -17.39 -6.82 -7.43
CA LYS B 350 -18.72 -6.70 -6.84
C LYS B 350 -19.75 -6.29 -7.85
N THR B 351 -21.00 -6.74 -7.69
CA THR B 351 -22.07 -6.27 -8.56
C THR B 351 -23.21 -5.90 -7.67
N GLY B 352 -23.94 -4.86 -8.06
CA GLY B 352 -25.02 -4.39 -7.21
C GLY B 352 -26.14 -3.59 -7.85
N LYS B 353 -27.11 -3.25 -7.03
CA LYS B 353 -28.24 -2.49 -7.52
C LYS B 353 -28.75 -1.49 -6.49
N TYR B 354 -29.18 -0.33 -6.96
CA TYR B 354 -29.74 0.71 -6.11
C TYR B 354 -31.14 1.07 -6.59
N ALA B 355 -32.01 1.47 -5.67
CA ALA B 355 -33.35 1.88 -6.06
C ALA B 355 -33.91 2.93 -5.11
N ARG B 356 -34.89 3.70 -5.59
CA ARG B 356 -35.56 4.73 -4.80
C ARG B 356 -34.59 5.61 -4.05
N MET B 357 -33.50 5.95 -4.70
CA MET B 357 -32.58 6.98 -4.20
C MET B 357 -33.15 8.37 -4.35
N ARG B 358 -32.59 9.35 -3.67
CA ARG B 358 -33.14 10.66 -3.94
C ARG B 358 -33.08 10.89 -5.46
N GLY B 359 -34.08 11.55 -6.01
CA GLY B 359 -34.22 11.80 -7.45
C GLY B 359 -34.97 10.76 -8.27
N ALA B 360 -35.29 9.66 -7.62
CA ALA B 360 -35.95 8.55 -8.27
C ALA B 360 -37.27 9.03 -8.79
N HIS B 361 -37.49 8.81 -10.07
CA HIS B 361 -38.73 9.14 -10.74
C HIS B 361 -38.79 10.59 -11.12
N THR B 362 -37.76 11.36 -10.82
CA THR B 362 -37.82 12.72 -11.31
C THR B 362 -36.53 13.22 -11.95
N ASN B 363 -35.40 13.09 -11.25
CA ASN B 363 -34.15 13.62 -11.74
C ASN B 363 -33.08 12.53 -11.76
N ASP B 364 -32.68 12.15 -12.97
CA ASP B 364 -31.70 11.07 -13.17
C ASP B 364 -30.32 11.49 -12.66
N VAL B 365 -29.91 12.73 -12.95
CA VAL B 365 -28.55 13.13 -12.63
C VAL B 365 -28.42 13.05 -11.12
N LYS B 366 -29.45 13.40 -10.37
CA LYS B 366 -29.34 13.31 -8.92
C LYS B 366 -29.10 11.88 -8.48
N GLN B 367 -29.92 10.98 -8.97
CA GLN B 367 -29.76 9.58 -8.64
C GLN B 367 -28.40 9.06 -8.97
N LEU B 368 -27.87 9.51 -10.08
CA LEU B 368 -26.59 9.03 -10.50
C LEU B 368 -25.49 9.59 -9.62
N THR B 369 -25.61 10.86 -9.25
CA THR B 369 -24.66 11.47 -8.34
C THR B 369 -24.66 10.66 -7.08
N GLU B 370 -25.85 10.37 -6.57
CA GLU B 370 -25.93 9.47 -5.44
C GLU B 370 -25.27 8.11 -5.62
N ALA B 371 -25.47 7.47 -6.77
CA ALA B 371 -24.90 6.15 -7.01
C ALA B 371 -23.40 6.26 -6.99
N VAL B 372 -22.87 7.23 -7.68
CA VAL B 372 -21.44 7.42 -7.67
C VAL B 372 -20.93 7.58 -6.23
N GLN B 373 -21.72 8.23 -5.36
CA GLN B 373 -21.21 8.41 -4.02
C GLN B 373 -21.28 7.14 -3.20
N LYS B 374 -22.42 6.44 -3.26
CA LYS B 374 -22.57 5.18 -2.55
C LYS B 374 -21.55 4.15 -3.02
N ILE B 375 -21.35 4.06 -4.33
CA ILE B 375 -20.36 3.17 -4.86
C ILE B 375 -18.97 3.56 -4.35
N THR B 376 -18.58 4.83 -4.45
CA THR B 376 -17.25 5.21 -3.98
C THR B 376 -17.11 4.81 -2.50
N THR B 377 -18.18 5.00 -1.75
CA THR B 377 -18.17 4.70 -0.34
C THR B 377 -17.91 3.21 -0.12
N GLU B 378 -18.74 2.29 -0.67
CA GLU B 378 -18.45 0.86 -0.49
C GLU B 378 -17.03 0.51 -0.97
N SER B 379 -16.52 1.31 -1.88
CA SER B 379 -15.26 1.00 -2.50
C SER B 379 -14.15 1.33 -1.52
N ILE B 380 -14.37 2.41 -0.78
CA ILE B 380 -13.40 2.82 0.20
C ILE B 380 -13.46 1.90 1.41
N VAL B 381 -14.64 1.62 1.95
CA VAL B 381 -14.73 0.63 3.04
C VAL B 381 -14.16 -0.75 2.70
N ILE B 382 -14.18 -1.11 1.44
CA ILE B 382 -13.77 -2.48 1.13
C ILE B 382 -12.31 -2.59 0.72
N TRP B 383 -11.92 -1.87 -0.32
CA TRP B 383 -10.52 -1.84 -0.72
C TRP B 383 -9.73 -0.58 -0.34
N GLY B 384 -10.37 0.40 0.29
CA GLY B 384 -9.65 1.62 0.62
C GLY B 384 -9.15 2.46 -0.54
N LYS B 385 -9.94 2.50 -1.62
CA LYS B 385 -9.53 3.19 -2.83
C LYS B 385 -10.77 3.73 -3.61
N THR B 386 -10.66 4.90 -4.20
CA THR B 386 -11.77 5.33 -5.00
C THR B 386 -11.57 4.84 -6.41
N PRO B 387 -12.66 4.34 -7.03
CA PRO B 387 -12.78 3.74 -8.37
C PRO B 387 -12.80 4.76 -9.50
N LYS B 388 -12.63 4.29 -10.74
CA LYS B 388 -12.83 5.12 -11.91
C LYS B 388 -14.19 4.85 -12.57
N PHE B 389 -15.00 5.91 -12.64
CA PHE B 389 -16.36 5.70 -13.05
C PHE B 389 -16.51 5.78 -14.55
N LYS B 390 -17.36 4.94 -15.11
CA LYS B 390 -17.82 5.14 -16.46
C LYS B 390 -19.30 5.54 -16.42
N LEU B 391 -19.56 6.82 -16.66
CA LEU B 391 -20.87 7.33 -16.36
C LEU B 391 -21.80 7.33 -17.53
N PRO B 392 -22.96 6.64 -17.43
CA PRO B 392 -23.85 6.58 -18.60
C PRO B 392 -24.55 7.88 -18.83
N ILE B 393 -23.76 8.85 -19.25
CA ILE B 393 -24.21 10.23 -19.35
C ILE B 393 -23.34 11.03 -20.32
N GLN B 394 -23.89 12.11 -20.83
CA GLN B 394 -23.18 12.98 -21.72
C GLN B 394 -22.26 13.83 -20.88
N LYS B 395 -21.11 14.22 -21.40
CA LYS B 395 -20.08 14.89 -20.61
C LYS B 395 -20.58 16.18 -19.98
N GLU B 396 -21.34 16.89 -20.79
CA GLU B 396 -21.74 18.25 -20.48
C GLU B 396 -22.86 18.26 -19.47
N THR B 397 -23.86 17.40 -19.69
CA THR B 397 -24.90 17.22 -18.70
C THR B 397 -24.32 17.07 -17.34
N TRP B 398 -23.52 16.02 -17.25
CA TRP B 398 -22.80 15.72 -16.02
C TRP B 398 -22.04 16.89 -15.48
N GLU B 399 -21.22 17.58 -16.25
CA GLU B 399 -20.53 18.66 -15.57
C GLU B 399 -21.47 19.70 -14.90
N THR B 400 -22.53 20.06 -15.60
CA THR B 400 -23.46 21.04 -15.02
C THR B 400 -24.20 20.65 -13.72
N TRP B 401 -24.71 19.46 -13.74
CA TRP B 401 -25.42 19.30 -12.54
C TRP B 401 -24.65 18.49 -11.53
N TRP B 402 -23.54 17.91 -11.94
CA TRP B 402 -22.99 16.97 -11.03
C TRP B 402 -22.56 18.00 -9.98
N THR B 403 -22.05 19.17 -10.46
CA THR B 403 -21.74 20.20 -9.44
C THR B 403 -22.91 20.58 -8.57
N GLU B 404 -24.12 20.33 -9.08
CA GLU B 404 -25.28 20.66 -8.21
C GLU B 404 -25.72 19.73 -7.09
N TYR B 405 -25.54 18.42 -7.24
CA TYR B 405 -26.04 17.40 -6.26
C TYR B 405 -25.06 16.76 -5.29
N TRP B 406 -23.81 17.23 -5.25
CA TRP B 406 -22.70 16.55 -4.53
C TRP B 406 -22.55 16.76 -3.00
N GLN B 407 -22.70 15.67 -2.26
CA GLN B 407 -22.60 15.70 -0.81
C GLN B 407 -21.31 15.14 -0.14
N ALA B 408 -20.33 14.76 -0.92
CA ALA B 408 -19.18 14.05 -0.39
C ALA B 408 -17.95 14.97 -0.35
N THR B 409 -17.01 14.62 0.52
CA THR B 409 -15.81 15.44 0.66
C THR B 409 -14.70 15.03 -0.30
N TRP B 410 -14.80 13.85 -0.90
CA TRP B 410 -13.93 13.43 -2.00
C TRP B 410 -14.46 13.49 -3.42
N ILE B 411 -13.59 13.25 -4.40
CA ILE B 411 -14.05 13.26 -5.77
C ILE B 411 -13.47 12.16 -6.63
N PRO B 412 -14.24 11.11 -6.87
CA PRO B 412 -13.69 10.07 -7.72
C PRO B 412 -13.41 10.60 -9.12
N GLU B 413 -12.81 9.69 -9.88
CA GLU B 413 -12.44 9.88 -11.25
C GLU B 413 -13.50 9.37 -12.18
N TRP B 414 -13.78 10.08 -13.26
CA TRP B 414 -14.83 9.62 -14.15
C TRP B 414 -14.58 9.90 -15.64
N GLU B 415 -15.19 9.08 -16.48
CA GLU B 415 -15.22 9.27 -17.91
C GLU B 415 -16.59 8.96 -18.46
N PHE B 416 -16.90 9.43 -19.64
CA PHE B 416 -18.27 9.32 -20.11
C PHE B 416 -18.56 8.23 -21.18
N VAL B 417 -19.70 7.54 -21.06
CA VAL B 417 -19.94 6.32 -21.83
C VAL B 417 -21.23 6.35 -22.66
N ASN B 418 -21.21 5.78 -23.87
CA ASN B 418 -22.47 5.39 -24.55
C ASN B 418 -22.69 3.95 -25.03
N THR B 419 -23.55 3.20 -24.35
CA THR B 419 -23.72 1.76 -24.60
C THR B 419 -25.18 1.44 -24.72
N PRO B 420 -25.81 1.81 -25.85
CA PRO B 420 -27.23 1.45 -25.98
C PRO B 420 -27.38 -0.01 -25.50
N PRO B 421 -28.53 -0.30 -24.91
CA PRO B 421 -28.66 -1.39 -23.94
C PRO B 421 -28.55 -2.81 -24.46
N LEU B 422 -27.34 -3.33 -24.65
CA LEU B 422 -27.26 -4.77 -24.44
C LEU B 422 -26.51 -5.23 -23.18
N VAL B 423 -25.88 -4.33 -22.43
CA VAL B 423 -25.31 -4.81 -21.18
C VAL B 423 -26.32 -4.48 -20.10
N LYS B 424 -27.46 -3.88 -20.49
CA LYS B 424 -28.52 -3.53 -19.53
C LYS B 424 -29.09 -4.83 -18.95
N LEU B 425 -28.58 -5.95 -19.49
CA LEU B 425 -29.02 -7.30 -19.21
C LEU B 425 -28.30 -7.85 -17.98
N TRP B 426 -27.66 -6.93 -17.23
CA TRP B 426 -27.28 -7.17 -15.84
C TRP B 426 -28.40 -7.21 -14.79
N TYR B 427 -29.64 -6.99 -15.19
CA TYR B 427 -30.80 -7.23 -14.31
C TYR B 427 -31.97 -7.51 -15.25
N GLN B 428 -32.90 -8.37 -14.82
CA GLN B 428 -34.04 -8.80 -15.65
C GLN B 428 -34.59 -7.73 -16.62
N VAL C 2 67.58 -1.18 30.03
CA VAL C 2 66.27 -0.63 30.35
C VAL C 2 65.58 -0.08 29.08
N PRO C 3 64.62 -0.85 28.50
CA PRO C 3 63.60 -0.58 27.46
C PRO C 3 62.42 0.27 27.96
N ILE C 4 61.58 0.73 27.05
CA ILE C 4 60.42 1.53 27.47
C ILE C 4 59.09 0.75 27.39
N SER C 5 57.94 1.42 27.59
CA SER C 5 56.69 0.67 27.81
C SER C 5 55.38 1.22 27.14
N PRO C 6 55.04 0.77 25.89
CA PRO C 6 54.01 1.52 25.13
C PRO C 6 52.54 1.49 25.58
N ILE C 7 51.94 0.30 25.66
CA ILE C 7 50.48 0.13 25.88
C ILE C 7 50.08 -1.05 26.78
N GLU C 8 49.01 -0.86 27.55
CA GLU C 8 48.64 -1.75 28.66
C GLU C 8 48.58 -3.21 28.28
N THR C 9 49.24 -4.02 29.11
CA THR C 9 49.43 -5.41 28.77
C THR C 9 48.11 -6.10 29.13
N VAL C 10 47.83 -7.21 28.47
CA VAL C 10 46.62 -7.98 28.71
C VAL C 10 47.00 -9.35 29.26
N PRO C 11 46.54 -9.64 30.49
CA PRO C 11 46.89 -10.87 31.20
C PRO C 11 46.68 -12.11 30.35
N VAL C 12 47.57 -13.08 30.47
CA VAL C 12 47.45 -14.32 29.73
C VAL C 12 47.83 -15.48 30.67
N LYS C 13 47.55 -16.70 30.24
CA LYS C 13 47.87 -17.91 30.99
C LYS C 13 47.98 -19.08 30.02
N LEU C 14 48.19 -20.27 30.56
CA LEU C 14 48.14 -21.45 29.71
C LEU C 14 47.06 -22.37 30.23
N LYS C 15 46.54 -23.22 29.35
CA LYS C 15 45.51 -24.18 29.72
C LYS C 15 45.98 -24.95 30.95
N PRO C 16 45.18 -24.93 32.03
CA PRO C 16 45.68 -25.31 33.35
C PRO C 16 46.43 -26.65 33.35
N GLY C 17 47.56 -26.68 34.04
CA GLY C 17 48.41 -27.86 34.04
C GLY C 17 49.08 -28.22 32.72
N MET C 18 49.85 -27.30 32.15
CA MET C 18 50.61 -27.57 30.93
C MET C 18 51.80 -26.63 30.81
N ASP C 19 52.82 -27.02 30.02
CA ASP C 19 54.03 -26.21 29.86
C ASP C 19 54.56 -26.23 28.42
N GLY C 20 55.50 -25.33 28.11
CA GLY C 20 56.06 -25.26 26.77
C GLY C 20 56.88 -26.47 26.31
N PRO C 21 56.93 -26.68 24.99
CA PRO C 21 57.41 -27.87 24.26
C PRO C 21 58.89 -27.96 23.87
N LYS C 22 59.25 -29.10 23.25
CA LYS C 22 60.59 -29.36 22.71
C LYS C 22 60.50 -30.05 21.34
N VAL C 23 61.05 -29.40 20.32
CA VAL C 23 61.02 -29.85 18.92
C VAL C 23 62.44 -29.72 18.35
N LYS C 24 62.59 -29.97 17.05
CA LYS C 24 63.88 -29.88 16.39
C LYS C 24 63.76 -28.95 15.19
N GLN C 25 62.99 -29.38 14.17
CA GLN C 25 62.77 -28.59 12.96
C GLN C 25 61.91 -29.33 11.93
N TRP C 26 61.38 -28.58 10.96
CA TRP C 26 60.73 -29.16 9.78
C TRP C 26 61.00 -28.33 8.50
N PRO C 27 61.12 -28.99 7.32
CA PRO C 27 61.64 -28.51 6.03
C PRO C 27 60.82 -27.45 5.24
N LEU C 28 60.98 -26.17 5.56
CA LEU C 28 60.48 -25.08 4.70
C LEU C 28 61.23 -24.96 3.36
N THR C 29 60.52 -24.62 2.30
CA THR C 29 61.10 -24.51 0.94
C THR C 29 62.12 -23.38 0.76
N GLU C 30 62.93 -23.49 -0.30
CA GLU C 30 64.06 -22.59 -0.53
C GLU C 30 63.72 -21.14 -0.91
N GLU C 31 62.46 -20.83 -1.17
CA GLU C 31 62.13 -19.44 -1.45
C GLU C 31 62.20 -18.60 -0.18
N LYS C 32 62.00 -19.25 0.96
CA LYS C 32 62.03 -18.57 2.25
C LYS C 32 63.31 -18.69 3.11
N ILE C 33 64.32 -19.45 2.67
CA ILE C 33 65.54 -19.65 3.51
C ILE C 33 66.75 -18.68 3.40
N LYS C 34 66.80 -17.85 2.37
CA LYS C 34 67.91 -16.88 2.20
C LYS C 34 67.75 -15.59 3.01
N ALA C 35 66.50 -15.21 3.22
CA ALA C 35 66.11 -13.94 3.83
C ALA C 35 66.28 -13.79 5.35
N LEU C 36 66.19 -14.88 6.11
CA LEU C 36 66.09 -14.75 7.57
C LEU C 36 67.32 -14.46 8.48
N VAL C 37 68.52 -14.99 8.22
CA VAL C 37 69.64 -14.78 9.17
C VAL C 37 69.96 -13.33 9.60
N GLU C 38 70.06 -12.46 8.59
CA GLU C 38 70.39 -11.09 8.87
C GLU C 38 69.17 -10.39 9.38
N ILE C 39 68.00 -10.49 8.74
CA ILE C 39 66.94 -9.64 9.26
C ILE C 39 66.57 -10.18 10.66
N CYS C 40 67.01 -11.40 10.99
CA CYS C 40 66.88 -11.98 12.32
C CYS C 40 67.53 -11.00 13.27
N THR C 41 68.76 -10.67 12.89
CA THR C 41 69.42 -9.87 13.89
C THR C 41 69.11 -8.40 13.66
N GLU C 42 68.30 -8.11 12.65
CA GLU C 42 67.92 -6.73 12.42
C GLU C 42 66.83 -6.53 13.47
N MET C 43 65.91 -7.51 13.49
CA MET C 43 64.69 -7.43 14.30
C MET C 43 65.08 -7.28 15.75
N GLU C 44 66.19 -7.88 16.12
CA GLU C 44 66.57 -7.82 17.54
C GLU C 44 66.84 -6.35 18.01
N LYS C 45 67.05 -5.45 17.06
CA LYS C 45 67.28 -4.00 17.31
C LYS C 45 66.27 -3.19 18.12
N GLU C 46 65.03 -3.07 17.67
CA GLU C 46 64.08 -2.17 18.33
C GLU C 46 63.53 -2.76 19.61
N GLY C 47 63.88 -4.01 19.87
CA GLY C 47 63.48 -4.66 21.10
C GLY C 47 62.18 -5.40 20.95
N LYS C 48 61.88 -5.71 19.69
CA LYS C 48 60.66 -6.41 19.35
C LYS C 48 60.95 -7.87 19.64
N ILE C 49 62.20 -8.16 20.00
CA ILE C 49 62.64 -9.47 20.43
C ILE C 49 63.73 -9.24 21.49
N SER C 50 64.20 -10.29 22.16
CA SER C 50 65.34 -10.24 23.06
C SER C 50 66.12 -11.56 23.01
N LYS C 51 67.45 -11.50 22.91
CA LYS C 51 68.24 -12.74 22.96
C LYS C 51 68.29 -13.22 24.42
N ILE C 52 67.96 -14.49 24.62
CA ILE C 52 67.84 -15.05 25.97
C ILE C 52 68.50 -16.42 26.13
N GLY C 53 68.99 -16.65 27.34
CA GLY C 53 69.83 -17.79 27.68
C GLY C 53 69.18 -19.16 27.78
N PRO C 54 69.94 -20.14 28.31
CA PRO C 54 69.59 -21.57 28.42
C PRO C 54 68.46 -21.83 29.40
N GLU C 55 68.20 -20.81 30.22
CA GLU C 55 67.26 -20.88 31.33
C GLU C 55 65.86 -21.44 31.00
N ASN C 56 65.29 -21.07 29.84
CA ASN C 56 63.98 -21.61 29.46
C ASN C 56 63.97 -22.51 28.23
N PRO C 57 63.85 -23.83 28.43
CA PRO C 57 63.75 -24.71 27.27
C PRO C 57 62.40 -24.63 26.58
N TYR C 58 62.44 -24.29 25.30
CA TYR C 58 61.30 -24.42 24.42
C TYR C 58 61.85 -24.50 23.00
N ASN C 59 61.23 -25.31 22.15
CA ASN C 59 61.73 -25.47 20.80
C ASN C 59 60.52 -25.42 19.88
N THR C 60 60.68 -24.80 18.71
CA THR C 60 59.65 -24.82 17.66
C THR C 60 60.25 -24.81 16.25
N PRO C 61 59.58 -25.47 15.28
CA PRO C 61 60.17 -25.59 13.93
C PRO C 61 59.93 -24.34 13.07
N VAL C 62 60.25 -24.44 11.78
CA VAL C 62 59.98 -23.37 10.81
C VAL C 62 59.33 -23.89 9.50
N PHE C 63 58.10 -23.45 9.24
CA PHE C 63 57.42 -23.71 7.95
C PHE C 63 56.32 -22.65 7.80
N ALA C 64 55.83 -22.44 6.58
CA ALA C 64 54.87 -21.35 6.31
C ALA C 64 53.70 -21.61 5.34
N ILE C 65 52.80 -20.63 5.32
CA ILE C 65 51.66 -20.57 4.40
C ILE C 65 52.03 -19.59 3.29
N LYS C 66 51.55 -19.85 2.08
CA LYS C 66 51.90 -18.99 0.93
C LYS C 66 50.66 -18.32 0.33
N LYS C 67 50.80 -17.04 -0.03
CA LYS C 67 49.71 -16.27 -0.62
C LYS C 67 50.19 -15.22 -1.64
N LYS C 68 49.37 -14.96 -2.68
CA LYS C 68 49.69 -13.95 -3.69
C LYS C 68 49.42 -12.54 -3.13
N ASP C 69 49.52 -11.54 -4.01
CA ASP C 69 49.27 -10.13 -3.67
C ASP C 69 50.19 -9.46 -2.64
N SER C 70 51.43 -9.92 -2.53
CA SER C 70 52.41 -9.22 -1.70
C SER C 70 53.77 -9.17 -2.39
N THR C 71 54.36 -7.97 -2.45
CA THR C 71 55.63 -7.76 -3.15
C THR C 71 56.86 -7.81 -2.24
N LYS C 72 56.67 -8.10 -0.97
CA LYS C 72 57.81 -8.29 -0.09
C LYS C 72 57.71 -9.62 0.65
N TRP C 73 58.72 -9.95 1.45
CA TRP C 73 58.78 -11.26 2.09
C TRP C 73 57.89 -11.39 3.34
N ARG C 74 57.50 -12.63 3.65
CA ARG C 74 56.72 -12.97 4.85
C ARG C 74 57.23 -14.29 5.48
N LYS C 75 57.55 -14.28 6.78
CA LYS C 75 58.04 -15.50 7.44
C LYS C 75 57.20 -15.86 8.67
N LEU C 76 57.20 -17.14 9.06
CA LEU C 76 56.48 -17.57 10.27
C LEU C 76 57.27 -18.54 11.15
N VAL C 77 56.62 -18.97 12.23
CA VAL C 77 57.13 -20.02 13.13
C VAL C 77 56.08 -21.08 13.49
N ASP C 78 56.36 -22.32 13.09
CA ASP C 78 55.38 -23.39 12.91
C ASP C 78 54.76 -23.95 14.19
N PHE C 79 55.17 -23.46 15.36
CA PHE C 79 54.72 -24.11 16.61
C PHE C 79 53.21 -24.19 16.72
N ARG C 80 52.71 -25.41 16.79
CA ARG C 80 51.33 -25.64 17.10
C ARG C 80 51.14 -25.95 18.58
N GLU C 81 52.25 -26.22 19.27
CA GLU C 81 52.17 -26.68 20.66
C GLU C 81 51.93 -25.60 21.71
N LEU C 82 52.68 -24.50 21.67
CA LEU C 82 52.39 -23.41 22.59
C LEU C 82 50.94 -22.99 22.45
N ASN C 83 50.49 -22.90 21.21
CA ASN C 83 49.12 -22.53 20.92
C ASN C 83 48.17 -23.50 21.63
N LYS C 84 48.13 -24.74 21.18
CA LYS C 84 47.18 -25.70 21.70
C LYS C 84 47.27 -25.84 23.23
N ARG C 85 48.43 -25.50 23.79
CA ARG C 85 48.64 -25.55 25.23
C ARG C 85 48.22 -24.23 25.91
N THR C 86 48.01 -23.19 25.10
CA THR C 86 47.57 -21.87 25.58
C THR C 86 46.06 -21.87 25.79
N GLN C 87 45.57 -20.95 26.63
CA GLN C 87 44.14 -20.82 26.88
C GLN C 87 43.39 -20.37 25.63
N ASP C 88 42.08 -20.61 25.60
CA ASP C 88 41.26 -20.06 24.53
C ASP C 88 40.96 -18.61 24.88
N PHE C 89 40.67 -17.82 23.85
CA PHE C 89 40.31 -16.42 24.02
C PHE C 89 38.95 -16.15 23.44
N TRP C 90 38.36 -15.00 23.75
CA TRP C 90 37.13 -14.67 23.06
C TRP C 90 37.41 -14.23 21.65
N GLU C 91 36.90 -14.99 20.69
CA GLU C 91 37.09 -14.71 19.26
C GLU C 91 36.69 -13.26 18.90
N VAL C 92 37.52 -12.55 18.14
CA VAL C 92 37.15 -11.18 17.78
C VAL C 92 36.21 -11.13 16.58
N GLN C 93 36.44 -12.01 15.59
CA GLN C 93 35.56 -11.99 14.43
C GLN C 93 34.43 -12.99 14.62
N LEU C 94 33.26 -12.47 14.96
CA LEU C 94 32.09 -13.29 15.20
C LEU C 94 31.30 -13.26 13.89
N GLY C 95 31.87 -12.54 12.94
CA GLY C 95 31.30 -12.42 11.61
C GLY C 95 31.63 -11.04 11.07
N ILE C 96 31.11 -10.77 9.89
CA ILE C 96 31.39 -9.54 9.17
C ILE C 96 30.13 -8.73 8.84
N PRO C 97 30.23 -7.41 8.92
CA PRO C 97 29.08 -6.61 8.53
C PRO C 97 28.75 -6.81 7.07
N HIS C 98 27.48 -6.86 6.72
CA HIS C 98 27.14 -6.97 5.31
C HIS C 98 27.01 -5.55 4.77
N PRO C 99 27.57 -5.31 3.58
CA PRO C 99 27.56 -4.00 2.92
C PRO C 99 26.19 -3.35 2.89
N ALA C 100 25.15 -4.15 2.78
CA ALA C 100 23.80 -3.62 2.72
C ALA C 100 23.35 -2.93 4.05
N GLY C 101 24.19 -3.03 5.08
CA GLY C 101 23.86 -2.52 6.40
C GLY C 101 24.57 -1.24 6.79
N LEU C 102 25.39 -0.71 5.88
CA LEU C 102 26.16 0.50 6.13
C LEU C 102 25.31 1.70 5.91
N LYS C 103 25.41 2.71 6.77
CA LYS C 103 24.71 3.94 6.45
C LYS C 103 25.55 4.56 5.35
N LYS C 104 24.97 5.45 4.55
CA LYS C 104 25.76 6.08 3.51
C LYS C 104 26.62 7.20 4.05
N LYS C 105 27.90 7.13 3.74
CA LYS C 105 28.83 8.15 4.20
C LYS C 105 29.39 8.88 2.99
N LYS C 106 29.52 10.19 3.10
CA LYS C 106 30.03 11.03 2.03
C LYS C 106 31.47 10.69 1.67
N SER C 107 32.29 10.51 2.71
CA SER C 107 33.70 10.22 2.49
C SER C 107 34.15 9.03 3.31
N VAL C 108 34.90 8.15 2.66
CA VAL C 108 35.42 6.92 3.27
C VAL C 108 36.89 6.65 2.92
N THR C 109 37.71 6.66 3.97
CA THR C 109 39.17 6.59 3.92
C THR C 109 39.70 5.27 4.49
N VAL C 110 40.85 4.82 4.01
CA VAL C 110 41.47 3.62 4.54
C VAL C 110 42.90 3.81 5.00
N LEU C 111 43.13 3.67 6.31
CA LEU C 111 44.48 3.75 6.85
C LEU C 111 44.96 2.35 7.23
N ASP C 112 46.13 1.95 6.73
CA ASP C 112 46.67 0.62 7.03
C ASP C 112 47.73 0.71 8.12
N VAL C 113 47.56 -0.07 9.19
CA VAL C 113 48.53 -0.09 10.28
C VAL C 113 49.79 -0.91 9.96
N GLY C 114 50.97 -0.28 10.05
CA GLY C 114 52.22 -0.95 9.77
C GLY C 114 52.82 -1.70 10.95
N ASP C 115 53.42 -2.87 10.66
CA ASP C 115 53.95 -3.78 11.67
C ASP C 115 52.96 -3.90 12.80
N ALA C 116 51.72 -4.20 12.43
CA ALA C 116 50.58 -4.11 13.31
C ALA C 116 50.66 -4.97 14.58
N TYR C 117 50.93 -6.26 14.43
CA TYR C 117 51.03 -7.15 15.58
C TYR C 117 52.27 -6.87 16.42
N PHE C 118 53.35 -6.47 15.76
CA PHE C 118 54.63 -6.24 16.42
C PHE C 118 54.66 -4.88 17.05
N SER C 119 53.58 -4.13 16.89
CA SER C 119 53.41 -2.89 17.61
C SER C 119 52.85 -3.17 18.98
N VAL C 120 52.56 -4.44 19.29
CA VAL C 120 51.88 -4.77 20.55
C VAL C 120 52.68 -5.62 21.55
N PRO C 121 52.92 -5.04 22.74
CA PRO C 121 53.62 -5.59 23.91
C PRO C 121 52.99 -6.86 24.39
N LEU C 122 53.72 -7.94 24.60
CA LEU C 122 53.11 -9.11 25.19
C LEU C 122 52.91 -8.94 26.72
N ASP C 123 52.53 -10.04 27.36
CA ASP C 123 52.33 -10.13 28.78
C ASP C 123 53.67 -10.63 29.28
N GLU C 124 54.23 -9.99 30.31
CA GLU C 124 55.55 -10.35 30.83
C GLU C 124 55.74 -11.87 30.89
N ASP C 125 55.02 -12.53 31.79
CA ASP C 125 55.30 -13.93 32.03
C ASP C 125 55.00 -14.74 30.76
N PHE C 126 54.25 -14.15 29.85
CA PHE C 126 54.01 -15.03 28.76
C PHE C 126 55.17 -14.71 27.85
N ARG C 127 55.81 -13.54 28.07
CA ARG C 127 56.87 -13.18 27.12
C ARG C 127 57.76 -14.39 27.29
N LYS C 128 57.82 -14.74 28.58
CA LYS C 128 58.78 -15.73 29.07
C LYS C 128 58.46 -17.14 28.56
N TYR C 129 57.28 -17.33 27.96
CA TYR C 129 56.93 -18.71 27.56
C TYR C 129 57.25 -19.11 26.10
N THR C 130 57.98 -18.27 25.35
CA THR C 130 58.11 -18.38 23.88
C THR C 130 59.26 -19.07 23.08
N ALA C 131 60.34 -19.56 23.72
CA ALA C 131 61.57 -20.03 23.03
C ALA C 131 61.53 -21.12 21.92
N PHE C 132 62.47 -21.03 20.97
CA PHE C 132 62.60 -22.05 19.90
C PHE C 132 64.02 -22.17 19.26
N THR C 133 64.20 -23.11 18.33
CA THR C 133 65.55 -23.42 17.79
C THR C 133 65.62 -23.62 16.27
N ILE C 134 66.40 -22.78 15.59
CA ILE C 134 66.79 -22.94 14.16
C ILE C 134 68.20 -22.39 13.82
N PRO C 135 68.90 -23.02 12.85
CA PRO C 135 70.12 -22.51 12.22
C PRO C 135 69.77 -21.47 11.13
N SER C 136 70.71 -20.58 10.79
CA SER C 136 70.51 -19.57 9.74
C SER C 136 70.20 -20.07 8.33
N ILE C 137 71.09 -20.84 7.75
CA ILE C 137 70.81 -21.46 6.46
C ILE C 137 71.19 -22.94 6.52
N ASN C 138 72.46 -23.24 6.80
CA ASN C 138 73.02 -24.57 6.55
C ASN C 138 73.37 -25.31 7.87
N ASN C 139 74.09 -26.42 7.74
CA ASN C 139 74.38 -27.37 8.84
C ASN C 139 75.13 -26.79 10.05
N GLU C 140 75.52 -25.52 9.96
CA GLU C 140 76.50 -24.94 10.89
C GLU C 140 75.99 -24.70 12.31
N THR C 141 76.79 -23.95 13.07
CA THR C 141 76.78 -23.94 14.53
C THR C 141 75.43 -23.54 15.19
N PRO C 142 75.34 -23.58 16.56
CA PRO C 142 74.02 -23.55 17.21
C PRO C 142 73.02 -22.46 16.81
N GLY C 143 73.42 -21.19 16.73
CA GLY C 143 72.43 -20.14 16.52
C GLY C 143 71.53 -19.92 17.73
N ILE C 144 72.15 -19.51 18.85
CA ILE C 144 71.52 -19.47 20.17
C ILE C 144 70.14 -18.81 20.19
N ARG C 145 69.25 -19.39 21.01
CA ARG C 145 67.84 -19.02 21.03
C ARG C 145 67.48 -17.87 21.98
N TYR C 146 66.17 -17.71 22.17
CA TYR C 146 65.60 -16.50 22.72
C TYR C 146 64.19 -16.69 23.30
N GLN C 147 63.57 -15.57 23.68
CA GLN C 147 62.16 -15.53 24.06
C GLN C 147 61.49 -14.42 23.22
N TYR C 148 60.21 -14.15 23.44
CA TYR C 148 59.50 -13.13 22.66
C TYR C 148 58.90 -12.02 23.51
N ASN C 149 59.15 -10.76 23.12
CA ASN C 149 58.62 -9.60 23.83
C ASN C 149 57.37 -8.90 23.25
N VAL C 150 56.81 -9.41 22.15
CA VAL C 150 55.64 -8.78 21.52
C VAL C 150 54.72 -9.83 20.90
N LEU C 151 53.78 -9.40 20.07
CA LEU C 151 52.88 -10.34 19.45
C LEU C 151 53.46 -10.96 18.17
N PRO C 152 53.69 -12.26 18.23
CA PRO C 152 54.20 -13.13 17.16
C PRO C 152 53.29 -13.21 15.95
N GLN C 153 53.64 -14.09 15.03
CA GLN C 153 52.81 -14.34 13.89
C GLN C 153 52.43 -15.81 13.91
N GLY C 154 51.14 -16.11 14.01
CA GLY C 154 50.70 -17.48 14.11
C GLY C 154 50.35 -17.91 15.52
N TRP C 155 50.68 -17.08 16.51
CA TRP C 155 50.24 -17.32 17.89
C TRP C 155 48.73 -17.23 17.99
N LYS C 156 48.13 -17.94 18.93
CA LYS C 156 46.67 -17.90 19.06
C LYS C 156 46.14 -16.54 19.47
N GLY C 157 46.72 -15.95 20.50
CA GLY C 157 46.15 -14.76 21.11
C GLY C 157 46.50 -13.44 20.45
N SER C 158 47.17 -13.52 19.32
CA SER C 158 47.68 -12.32 18.69
C SER C 158 46.55 -11.46 18.13
N PRO C 159 45.68 -12.05 17.30
CA PRO C 159 44.65 -11.19 16.71
C PRO C 159 43.63 -10.61 17.70
N ALA C 160 43.23 -11.39 18.67
CA ALA C 160 42.26 -10.92 19.67
C ALA C 160 42.83 -9.79 20.49
N ILE C 161 44.07 -9.93 20.90
CA ILE C 161 44.66 -8.94 21.77
C ILE C 161 44.93 -7.68 20.99
N PHE C 162 45.36 -7.85 19.74
CA PHE C 162 45.46 -6.69 18.89
C PHE C 162 44.12 -5.97 18.90
N GLN C 163 43.11 -6.63 18.35
CA GLN C 163 41.83 -5.97 18.16
C GLN C 163 41.36 -5.28 19.44
N SER C 164 41.65 -5.89 20.58
CA SER C 164 41.19 -5.35 21.86
C SER C 164 41.89 -4.07 22.27
N SER C 165 43.20 -4.08 22.12
CA SER C 165 43.98 -2.91 22.48
C SER C 165 43.59 -1.80 21.53
N MET C 166 43.63 -2.15 20.26
CA MET C 166 43.25 -1.27 19.18
C MET C 166 41.94 -0.60 19.48
N THR C 167 40.99 -1.41 19.90
CA THR C 167 39.65 -0.96 20.29
C THR C 167 39.71 0.05 21.45
N LYS C 168 40.51 -0.28 22.47
CA LYS C 168 40.65 0.58 23.65
C LYS C 168 41.19 1.96 23.29
N ILE C 169 42.23 1.94 22.46
CA ILE C 169 42.83 3.14 21.93
C ILE C 169 41.82 3.97 21.18
N LEU C 170 41.10 3.31 20.28
CA LEU C 170 40.18 4.04 19.45
C LEU C 170 39.02 4.65 20.20
N GLU C 171 38.61 4.00 21.28
CA GLU C 171 37.42 4.43 22.01
C GLU C 171 37.38 5.97 22.27
N PRO C 172 38.42 6.53 22.90
CA PRO C 172 38.34 7.96 23.29
C PRO C 172 38.23 8.93 22.11
N PHE C 173 38.87 8.59 20.98
CA PHE C 173 38.66 9.38 19.79
C PHE C 173 37.20 9.40 19.47
N LYS C 174 36.59 8.22 19.34
CA LYS C 174 35.22 8.19 18.90
C LYS C 174 34.36 8.94 19.91
N LYS C 175 34.76 8.92 21.18
CA LYS C 175 33.99 9.64 22.20
C LYS C 175 33.98 11.12 21.87
N GLN C 176 35.11 11.61 21.40
CA GLN C 176 35.20 13.05 21.15
C GLN C 176 34.96 13.43 19.67
N ASN C 177 34.67 12.42 18.86
CA ASN C 177 34.27 12.64 17.46
C ASN C 177 33.05 11.79 17.00
N PRO C 178 31.90 11.91 17.70
CA PRO C 178 30.72 11.07 17.44
C PRO C 178 30.32 10.93 15.98
N ASP C 179 30.55 11.96 15.18
CA ASP C 179 30.07 11.92 13.80
C ASP C 179 31.04 11.16 12.92
N ILE C 180 32.25 10.95 13.39
CA ILE C 180 33.19 10.15 12.61
C ILE C 180 32.79 8.70 12.81
N VAL C 181 33.12 7.83 11.85
CA VAL C 181 32.75 6.42 11.92
C VAL C 181 33.95 5.54 11.61
N ILE C 182 34.27 4.61 12.50
CA ILE C 182 35.39 3.74 12.22
C ILE C 182 34.99 2.29 12.21
N TYR C 183 35.72 1.52 11.40
CA TYR C 183 35.59 0.09 11.40
C TYR C 183 36.95 -0.54 11.31
N GLN C 184 37.27 -1.42 12.25
CA GLN C 184 38.55 -2.12 12.28
C GLN C 184 38.38 -3.50 11.71
N TYR C 185 39.11 -3.80 10.65
CA TYR C 185 39.17 -5.16 10.12
C TYR C 185 40.62 -5.57 9.99
N MET C 186 41.03 -6.55 10.79
CA MET C 186 42.43 -6.93 10.88
C MET C 186 43.29 -5.68 11.11
N ASP C 187 44.40 -5.57 10.37
CA ASP C 187 45.29 -4.43 10.55
C ASP C 187 44.72 -3.18 9.88
N ASP C 188 43.75 -3.36 8.98
CA ASP C 188 43.17 -2.23 8.22
C ASP C 188 42.07 -1.45 8.96
N LEU C 189 41.97 -0.14 8.68
CA LEU C 189 40.92 0.72 9.26
C LEU C 189 40.15 1.61 8.27
N TYR C 190 38.83 1.53 8.32
CA TYR C 190 38.02 2.30 7.40
C TYR C 190 37.25 3.35 8.17
N VAL C 191 37.49 4.60 7.78
CA VAL C 191 36.85 5.71 8.45
C VAL C 191 35.93 6.46 7.52
N GLY C 192 34.84 6.99 8.04
CA GLY C 192 33.97 7.77 7.20
C GLY C 192 33.12 8.80 7.88
N SER C 193 32.76 9.83 7.12
CA SER C 193 31.86 10.81 7.67
C SER C 193 31.10 11.51 6.57
N ASP C 194 30.18 12.37 7.00
CA ASP C 194 29.43 13.24 6.12
C ASP C 194 30.01 14.65 6.12
N LEU C 195 31.16 14.85 6.79
CA LEU C 195 31.85 16.15 6.75
C LEU C 195 32.37 16.46 5.34
N GLU C 196 32.59 17.75 5.07
CA GLU C 196 33.15 18.22 3.79
C GLU C 196 34.59 17.78 3.63
N ILE C 197 34.95 17.35 2.41
CA ILE C 197 36.19 16.60 2.14
C ILE C 197 37.49 17.19 2.77
N GLY C 198 37.56 18.51 2.89
CA GLY C 198 38.68 19.15 3.56
C GLY C 198 38.66 18.95 5.06
N GLN C 199 37.50 19.18 5.68
CA GLN C 199 37.34 19.01 7.11
C GLN C 199 37.45 17.51 7.43
N HIS C 200 37.23 16.70 6.39
CA HIS C 200 37.39 15.26 6.47
C HIS C 200 38.89 14.96 6.56
N ARG C 201 39.71 15.54 5.68
CA ARG C 201 41.14 15.25 5.79
C ARG C 201 41.70 15.85 7.07
N THR C 202 41.00 16.86 7.60
CA THR C 202 41.26 17.46 8.92
C THR C 202 41.11 16.44 10.07
N LYS C 203 39.95 15.79 10.13
CA LYS C 203 39.73 14.81 11.18
C LYS C 203 40.61 13.57 10.96
N ILE C 204 40.90 13.26 9.70
CA ILE C 204 41.77 12.13 9.35
C ILE C 204 43.22 12.32 9.76
N GLU C 205 43.66 13.57 9.75
CA GLU C 205 45.00 13.87 10.23
C GLU C 205 45.01 13.91 11.75
N GLU C 206 44.01 14.60 12.32
CA GLU C 206 43.87 14.68 13.78
C GLU C 206 43.84 13.29 14.44
N LEU C 207 43.20 12.34 13.77
CA LEU C 207 43.21 10.98 14.29
C LEU C 207 44.52 10.29 13.94
N ARG C 208 45.16 10.69 12.83
CA ARG C 208 46.43 10.06 12.52
C ARG C 208 47.36 10.37 13.69
N GLN C 209 47.12 11.54 14.30
CA GLN C 209 47.94 11.98 15.40
C GLN C 209 47.53 11.19 16.62
N HIS C 210 46.23 11.14 16.90
CA HIS C 210 45.75 10.36 18.06
C HIS C 210 46.41 8.98 18.05
N LEU C 211 46.48 8.38 16.88
CA LEU C 211 47.05 7.06 16.71
C LEU C 211 48.56 7.06 16.87
N LEU C 212 49.18 8.18 16.53
CA LEU C 212 50.61 8.33 16.78
C LEU C 212 50.84 8.29 18.28
N ARG C 213 50.00 9.02 19.03
CA ARG C 213 50.15 9.20 20.48
C ARG C 213 50.18 7.85 21.22
N TRP C 214 49.62 6.83 20.59
CA TRP C 214 49.73 5.46 21.09
C TRP C 214 50.79 4.64 20.33
N GLY C 215 51.51 5.31 19.44
CA GLY C 215 52.56 4.62 18.72
C GLY C 215 52.02 3.77 17.59
N LEU C 216 51.04 4.31 16.89
CA LEU C 216 50.43 3.63 15.74
C LEU C 216 50.67 4.42 14.45
N THR C 217 51.14 3.70 13.44
CA THR C 217 51.72 4.30 12.24
C THR C 217 50.78 4.27 11.04
N THR C 218 50.48 5.44 10.49
CA THR C 218 49.62 5.50 9.31
C THR C 218 50.24 6.13 8.04
N PRO C 219 50.59 5.30 7.04
CA PRO C 219 51.23 5.83 5.81
C PRO C 219 50.31 6.67 4.91
N ASP C 220 50.88 7.49 4.02
CA ASP C 220 50.09 8.17 2.97
C ASP C 220 50.17 7.46 1.60
N LYS C 221 50.95 6.39 1.55
CA LYS C 221 51.15 5.55 0.36
C LYS C 221 49.85 4.80 -0.01
N LYS C 222 48.86 4.95 0.86
CA LYS C 222 47.58 4.23 0.87
C LYS C 222 46.64 4.62 -0.26
N HIS C 223 45.47 3.99 -0.31
CA HIS C 223 44.45 4.59 -1.13
C HIS C 223 43.74 5.51 -0.16
N GLN C 224 44.01 6.81 -0.31
CA GLN C 224 43.65 7.80 0.70
C GLN C 224 42.17 8.16 0.66
N LYS C 225 41.78 8.94 -0.35
CA LYS C 225 40.38 9.20 -0.64
C LYS C 225 39.90 8.29 -1.77
N GLU C 226 40.80 7.43 -2.25
CA GLU C 226 40.57 6.69 -3.50
C GLU C 226 39.94 5.31 -3.32
N PRO C 227 38.64 5.21 -3.62
CA PRO C 227 37.82 4.01 -3.68
C PRO C 227 37.83 3.48 -5.14
N PRO C 228 37.05 2.44 -5.47
CA PRO C 228 36.31 1.58 -4.55
C PRO C 228 37.28 0.59 -3.92
N PHE C 229 37.02 0.24 -2.66
CA PHE C 229 37.90 -0.72 -1.98
C PHE C 229 37.44 -2.15 -2.21
N LEU C 230 38.40 -3.04 -2.41
CA LEU C 230 38.11 -4.44 -2.63
C LEU C 230 38.24 -5.19 -1.31
N TRP C 231 37.09 -5.58 -0.77
CA TRP C 231 37.04 -6.15 0.57
C TRP C 231 36.11 -7.37 0.74
N MET C 232 36.66 -8.50 1.14
CA MET C 232 35.88 -9.72 1.41
C MET C 232 35.09 -10.19 0.19
N GLY C 233 35.54 -9.83 -1.00
CA GLY C 233 34.88 -10.22 -2.22
C GLY C 233 33.98 -9.13 -2.76
N TYR C 234 34.11 -7.94 -2.19
CA TYR C 234 33.25 -6.81 -2.52
C TYR C 234 34.02 -5.65 -3.16
N GLU C 235 33.28 -4.80 -3.84
CA GLU C 235 33.74 -3.51 -4.34
C GLU C 235 32.94 -2.44 -3.58
N LEU C 236 33.60 -1.61 -2.81
CA LEU C 236 32.94 -0.63 -1.94
C LEU C 236 33.21 0.85 -2.23
N HIS C 237 32.13 1.56 -2.55
CA HIS C 237 32.14 3.01 -2.71
C HIS C 237 31.36 3.66 -1.56
N PRO C 238 31.69 4.91 -1.21
CA PRO C 238 31.01 5.61 -0.13
C PRO C 238 29.49 5.70 -0.33
N ASP C 239 29.04 5.87 -1.57
CA ASP C 239 27.61 5.78 -1.92
C ASP C 239 27.06 4.38 -2.26
N LYS C 240 27.86 3.55 -2.90
CA LYS C 240 27.40 2.25 -3.43
C LYS C 240 28.34 1.04 -3.19
N TRP C 241 27.79 -0.15 -3.37
CA TRP C 241 28.52 -1.39 -3.16
C TRP C 241 28.09 -2.44 -4.18
N THR C 242 28.99 -3.37 -4.48
CA THR C 242 28.68 -4.49 -5.38
C THR C 242 29.61 -5.64 -5.06
N VAL C 243 29.28 -6.83 -5.55
CA VAL C 243 30.20 -7.96 -5.43
C VAL C 243 31.38 -7.70 -6.35
N GLN C 244 32.48 -8.39 -6.12
CA GLN C 244 33.57 -8.35 -7.07
C GLN C 244 33.10 -9.12 -8.28
N PRO C 245 33.43 -8.63 -9.49
CA PRO C 245 32.87 -9.15 -10.73
C PRO C 245 33.07 -10.65 -10.70
N ILE C 246 32.12 -11.41 -11.21
CA ILE C 246 32.12 -12.85 -11.03
C ILE C 246 32.44 -13.67 -12.27
N VAL C 247 33.41 -14.57 -12.12
CA VAL C 247 33.83 -15.41 -13.22
C VAL C 247 33.03 -16.69 -13.16
N LEU C 248 32.13 -16.84 -14.11
CA LEU C 248 31.40 -18.09 -14.25
C LEU C 248 32.18 -19.00 -15.18
N PRO C 249 32.76 -20.08 -14.61
CA PRO C 249 33.64 -20.96 -15.36
C PRO C 249 32.86 -21.70 -16.43
N GLU C 250 33.42 -21.80 -17.62
CA GLU C 250 32.76 -22.60 -18.64
C GLU C 250 33.68 -23.74 -19.10
N LYS C 251 33.29 -24.95 -18.72
CA LYS C 251 34.01 -26.13 -19.18
C LYS C 251 32.99 -27.12 -19.69
N ASP C 252 33.04 -27.41 -20.99
CA ASP C 252 32.17 -28.39 -21.62
C ASP C 252 32.18 -29.76 -20.90
N SER C 253 33.34 -30.08 -20.33
CA SER C 253 33.53 -31.26 -19.50
C SER C 253 33.29 -30.88 -18.05
N TRP C 254 32.22 -31.38 -17.45
CA TRP C 254 31.97 -31.03 -16.06
C TRP C 254 32.09 -32.21 -15.10
N THR C 255 33.06 -32.07 -14.19
CA THR C 255 33.23 -32.94 -13.04
C THR C 255 32.27 -32.47 -11.95
N VAL C 256 31.88 -33.37 -11.05
CA VAL C 256 31.06 -33.01 -9.89
C VAL C 256 31.69 -31.77 -9.21
N ASN C 257 33.00 -31.81 -9.07
CA ASN C 257 33.74 -30.67 -8.50
C ASN C 257 33.36 -29.37 -9.19
N ASP C 258 33.31 -29.39 -10.53
CA ASP C 258 32.98 -28.18 -11.26
C ASP C 258 31.60 -27.71 -10.79
N ILE C 259 30.72 -28.69 -10.54
CA ILE C 259 29.37 -28.37 -10.07
C ILE C 259 29.44 -27.60 -8.77
N CYS C 260 30.10 -28.18 -7.76
CA CYS C 260 30.26 -27.52 -6.46
C CYS C 260 30.76 -26.08 -6.57
N LYS C 261 31.83 -25.88 -7.34
CA LYS C 261 32.36 -24.54 -7.58
C LYS C 261 31.29 -23.61 -8.14
N LEU C 262 30.52 -24.16 -9.07
CA LEU C 262 29.49 -23.40 -9.77
C LEU C 262 28.37 -22.95 -8.86
N VAL C 263 27.76 -23.91 -8.14
CA VAL C 263 26.81 -23.60 -7.11
C VAL C 263 27.36 -22.53 -6.16
N GLY C 264 28.42 -22.83 -5.41
CA GLY C 264 28.97 -21.89 -4.43
C GLY C 264 29.14 -20.46 -4.93
N LYS C 265 29.53 -20.39 -6.21
CA LYS C 265 29.68 -19.11 -6.88
C LYS C 265 28.31 -18.49 -7.09
N LEU C 266 27.37 -19.27 -7.61
CA LEU C 266 26.00 -18.81 -7.79
C LEU C 266 25.30 -18.34 -6.50
N ASN C 267 25.41 -19.08 -5.40
CA ASN C 267 24.89 -18.62 -4.11
C ASN C 267 25.46 -17.27 -3.70
N TRP C 268 26.77 -17.18 -3.87
CA TRP C 268 27.40 -15.92 -3.57
C TRP C 268 26.80 -14.84 -4.45
N ALA C 269 26.62 -15.13 -5.73
CA ALA C 269 26.03 -14.14 -6.62
C ALA C 269 24.62 -13.84 -6.17
N SER C 270 23.99 -14.85 -5.59
CA SER C 270 22.57 -14.80 -5.32
C SER C 270 22.30 -13.87 -4.21
N GLN C 271 23.36 -13.35 -3.61
CA GLN C 271 23.14 -12.41 -2.51
C GLN C 271 22.82 -10.97 -2.99
N ILE C 272 23.11 -10.67 -4.26
CA ILE C 272 22.87 -9.33 -4.83
C ILE C 272 22.12 -9.43 -6.17
N TYR C 273 22.70 -10.18 -7.11
CA TYR C 273 22.09 -10.46 -8.41
C TYR C 273 20.87 -11.37 -8.20
N PRO C 274 19.66 -10.87 -8.51
CA PRO C 274 18.38 -11.58 -8.32
C PRO C 274 18.10 -12.71 -9.32
N GLY C 275 17.44 -13.76 -8.84
CA GLY C 275 16.84 -14.74 -9.71
C GLY C 275 17.67 -15.99 -9.97
N ILE C 276 18.82 -16.07 -9.32
CA ILE C 276 19.68 -17.23 -9.44
C ILE C 276 18.92 -18.46 -8.92
N LYS C 277 19.02 -19.58 -9.63
CA LYS C 277 18.33 -20.80 -9.22
C LYS C 277 19.35 -21.94 -9.14
N VAL C 278 19.48 -22.52 -7.95
CA VAL C 278 20.36 -23.66 -7.79
C VAL C 278 19.73 -25.07 -7.69
N ARG C 279 18.43 -25.21 -7.76
CA ARG C 279 17.81 -26.48 -7.39
C ARG C 279 18.25 -27.74 -8.16
N GLN C 280 18.16 -27.67 -9.49
CA GLN C 280 18.38 -28.88 -10.27
C GLN C 280 19.85 -29.22 -10.44
N LEU C 281 20.74 -28.25 -10.30
CA LEU C 281 22.15 -28.58 -10.33
C LEU C 281 22.45 -29.31 -9.04
N SER C 282 21.93 -28.77 -7.95
CA SER C 282 22.12 -29.35 -6.62
C SER C 282 21.41 -30.68 -6.40
N LYS C 283 20.50 -31.06 -7.30
CA LYS C 283 19.89 -32.37 -7.17
C LYS C 283 20.99 -33.38 -7.42
N LEU C 284 21.77 -33.09 -8.45
CA LEU C 284 22.84 -33.93 -8.96
C LEU C 284 23.93 -34.32 -7.97
N LEU C 285 24.09 -33.53 -6.91
CA LEU C 285 25.24 -33.75 -6.02
C LEU C 285 24.95 -34.64 -4.83
N ARG C 286 23.74 -35.22 -4.80
CA ARG C 286 23.31 -36.08 -3.70
C ARG C 286 24.06 -37.42 -3.76
N GLY C 287 24.80 -37.76 -2.70
CA GLY C 287 25.45 -39.07 -2.62
C GLY C 287 26.27 -39.58 -3.78
N THR C 288 27.14 -38.74 -4.34
CA THR C 288 27.99 -39.15 -5.47
C THR C 288 29.27 -39.76 -4.91
N LYS C 289 29.78 -40.81 -5.57
CA LYS C 289 30.95 -41.54 -5.08
C LYS C 289 32.22 -40.70 -5.04
N ALA C 290 32.65 -40.19 -6.19
CA ALA C 290 33.91 -39.47 -6.26
C ALA C 290 33.70 -38.03 -6.69
N LEU C 291 34.55 -37.14 -6.20
CA LEU C 291 34.47 -35.74 -6.59
C LEU C 291 35.01 -35.61 -8.00
N THR C 292 35.78 -36.61 -8.41
CA THR C 292 36.33 -36.63 -9.76
C THR C 292 35.37 -37.28 -10.74
N GLU C 293 34.33 -37.94 -10.22
CA GLU C 293 33.37 -38.60 -11.10
C GLU C 293 32.75 -37.56 -12.01
N VAL C 294 32.38 -37.97 -13.22
CA VAL C 294 31.74 -37.08 -14.17
C VAL C 294 30.25 -37.38 -14.22
N ILE C 295 29.42 -36.35 -14.20
CA ILE C 295 27.99 -36.56 -14.22
C ILE C 295 27.48 -35.91 -15.50
N PRO C 296 26.48 -36.53 -16.13
CA PRO C 296 25.84 -36.08 -17.36
C PRO C 296 25.06 -34.80 -17.11
N LEU C 297 24.68 -34.12 -18.18
CA LEU C 297 23.95 -32.88 -18.02
C LEU C 297 22.48 -33.17 -17.87
N THR C 298 21.67 -32.12 -17.91
CA THR C 298 20.21 -32.24 -17.86
C THR C 298 19.64 -31.03 -18.58
N GLU C 299 18.40 -31.13 -19.02
CA GLU C 299 17.73 -30.01 -19.66
C GLU C 299 17.21 -28.97 -18.67
N GLU C 300 16.66 -29.41 -17.54
CA GLU C 300 16.22 -28.44 -16.54
C GLU C 300 17.42 -27.87 -15.79
N ALA C 301 18.51 -28.64 -15.78
CA ALA C 301 19.76 -28.15 -15.23
C ALA C 301 20.50 -27.26 -16.22
N GLU C 302 20.45 -27.57 -17.52
CA GLU C 302 21.23 -26.73 -18.41
C GLU C 302 20.44 -25.46 -18.67
N LEU C 303 19.11 -25.51 -18.53
CA LEU C 303 18.32 -24.30 -18.66
C LEU C 303 18.56 -23.40 -17.46
N GLU C 304 18.73 -24.05 -16.29
CA GLU C 304 19.22 -23.32 -15.12
C GLU C 304 20.51 -22.57 -15.45
N LEU C 305 21.61 -23.29 -15.66
CA LEU C 305 22.89 -22.63 -15.97
C LEU C 305 22.78 -21.56 -17.05
N ALA C 306 21.94 -21.84 -18.05
CA ALA C 306 21.73 -20.93 -19.16
C ALA C 306 21.16 -19.57 -18.74
N GLU C 307 19.99 -19.57 -18.10
CA GLU C 307 19.36 -18.29 -17.78
C GLU C 307 20.01 -17.69 -16.53
N ASN C 308 20.79 -18.51 -15.83
CA ASN C 308 21.58 -18.01 -14.72
C ASN C 308 22.73 -17.18 -15.26
N ARG C 309 23.48 -17.69 -16.23
CA ARG C 309 24.58 -16.92 -16.78
C ARG C 309 24.00 -15.81 -17.67
N GLU C 310 22.69 -15.88 -17.89
CA GLU C 310 21.95 -14.86 -18.64
C GLU C 310 21.66 -13.64 -17.76
N ILE C 311 21.37 -13.87 -16.48
CA ILE C 311 21.07 -12.74 -15.57
C ILE C 311 22.33 -12.11 -14.95
N LEU C 312 23.45 -12.81 -15.04
CA LEU C 312 24.76 -12.29 -14.58
C LEU C 312 25.36 -11.26 -15.52
N LYS C 313 24.96 -11.34 -16.78
CA LYS C 313 25.41 -10.42 -17.82
C LYS C 313 25.38 -8.94 -17.40
N GLU C 314 24.20 -8.40 -17.12
CA GLU C 314 24.08 -6.99 -16.72
C GLU C 314 24.84 -6.67 -15.43
N PRO C 315 25.29 -5.41 -15.28
CA PRO C 315 25.93 -5.02 -14.03
C PRO C 315 24.90 -4.73 -12.97
N VAL C 316 25.27 -4.86 -11.71
CA VAL C 316 24.38 -4.45 -10.64
C VAL C 316 25.13 -4.03 -9.38
N HIS C 317 24.52 -3.10 -8.65
CA HIS C 317 25.13 -2.57 -7.44
C HIS C 317 24.03 -2.43 -6.39
N GLY C 318 24.39 -2.56 -5.12
CA GLY C 318 23.46 -2.28 -4.04
C GLY C 318 23.61 -0.91 -3.45
N VAL C 319 22.54 -0.37 -2.86
CA VAL C 319 22.60 0.86 -2.08
C VAL C 319 22.89 0.56 -0.60
N TYR C 320 22.80 1.58 0.25
CA TYR C 320 23.01 1.44 1.69
C TYR C 320 21.74 1.77 2.49
N TYR C 321 21.79 1.62 3.81
CA TYR C 321 20.58 1.67 4.64
C TYR C 321 20.33 3.11 5.12
N ASP C 322 19.06 3.49 5.21
CA ASP C 322 18.63 4.83 5.66
C ASP C 322 17.70 4.62 6.85
N PRO C 323 18.26 4.69 8.07
CA PRO C 323 17.60 4.50 9.37
C PRO C 323 16.27 5.21 9.60
N SER C 324 16.04 6.33 8.90
CA SER C 324 14.80 7.07 9.08
C SER C 324 13.58 6.37 8.51
N LYS C 325 13.71 5.91 7.27
CA LYS C 325 12.59 5.34 6.52
C LYS C 325 12.55 3.84 6.62
N ASP C 326 11.49 3.26 6.05
CA ASP C 326 11.24 1.85 6.26
C ASP C 326 12.03 0.89 5.39
N LEU C 327 12.20 -0.31 5.95
CA LEU C 327 12.87 -1.41 5.30
C LEU C 327 11.85 -2.38 4.72
N ILE C 328 12.02 -2.76 3.47
CA ILE C 328 11.02 -3.66 2.91
C ILE C 328 11.70 -4.80 2.24
N ALA C 329 11.27 -6.01 2.60
CA ALA C 329 11.77 -7.21 1.95
C ALA C 329 10.59 -7.88 1.34
N GLU C 330 10.72 -8.18 0.06
CA GLU C 330 9.65 -8.76 -0.71
C GLU C 330 10.11 -10.04 -1.38
N ILE C 331 9.27 -11.06 -1.24
CA ILE C 331 9.59 -12.38 -1.67
C ILE C 331 8.68 -12.73 -2.78
N GLN C 332 9.26 -13.20 -3.88
CA GLN C 332 8.48 -13.75 -4.97
C GLN C 332 8.81 -15.22 -4.92
N LYS C 333 7.80 -16.01 -5.19
CA LYS C 333 7.97 -17.44 -5.26
C LYS C 333 8.49 -17.83 -6.60
N GLN C 334 9.60 -18.54 -6.59
CA GLN C 334 10.18 -18.99 -7.84
C GLN C 334 9.91 -20.44 -8.24
N GLY C 335 9.16 -21.17 -7.45
CA GLY C 335 8.80 -22.51 -7.89
C GLY C 335 9.68 -23.68 -7.52
N GLN C 336 9.06 -24.86 -7.48
CA GLN C 336 9.69 -26.10 -7.02
C GLN C 336 10.35 -25.74 -5.70
N GLY C 337 9.54 -25.22 -4.76
CA GLY C 337 9.95 -24.95 -3.39
C GLY C 337 11.16 -24.05 -3.24
N GLN C 338 11.45 -23.27 -4.28
CA GLN C 338 12.52 -22.30 -4.25
C GLN C 338 11.91 -20.91 -4.13
N TRP C 339 12.64 -19.99 -3.50
CA TRP C 339 12.11 -18.65 -3.18
C TRP C 339 13.19 -17.62 -3.41
N THR C 340 12.78 -16.45 -3.90
CA THR C 340 13.72 -15.36 -4.00
C THR C 340 13.21 -14.11 -3.38
N TYR C 341 14.11 -13.26 -2.90
CA TYR C 341 13.66 -12.03 -2.28
C TYR C 341 14.56 -10.86 -2.60
N GLN C 342 13.99 -9.67 -2.49
CA GLN C 342 14.75 -8.44 -2.58
C GLN C 342 14.39 -7.56 -1.43
N ILE C 343 15.39 -6.88 -0.88
CA ILE C 343 15.18 -5.92 0.17
C ILE C 343 15.64 -4.58 -0.31
N TYR C 344 14.73 -3.62 -0.21
CA TYR C 344 14.89 -2.30 -0.76
C TYR C 344 14.24 -1.28 0.18
N GLN C 345 14.53 0.00 -0.05
CA GLN C 345 13.85 1.07 0.65
C GLN C 345 13.22 2.02 -0.35
N GLU C 346 14.05 2.62 -1.19
CA GLU C 346 13.58 3.26 -2.42
C GLU C 346 13.12 2.11 -3.30
N PRO C 347 11.91 2.19 -3.88
CA PRO C 347 11.52 1.19 -4.89
C PRO C 347 12.51 1.09 -6.06
N PHE C 348 12.77 -0.15 -6.47
CA PHE C 348 13.61 -0.46 -7.64
C PHE C 348 15.08 -0.15 -7.39
N LYS C 349 15.39 0.35 -6.21
CA LYS C 349 16.76 0.41 -5.75
C LYS C 349 16.93 -0.51 -4.54
N ASN C 350 17.62 -1.62 -4.78
CA ASN C 350 17.80 -2.69 -3.79
C ASN C 350 18.94 -2.52 -2.83
N LEU C 351 18.69 -2.81 -1.56
CA LEU C 351 19.79 -3.02 -0.64
C LEU C 351 20.48 -4.37 -0.87
N LYS C 352 19.73 -5.47 -0.90
CA LYS C 352 20.32 -6.76 -1.30
C LYS C 352 19.26 -7.76 -1.72
N THR C 353 19.68 -8.94 -2.15
CA THR C 353 18.77 -10.00 -2.61
C THR C 353 19.13 -11.35 -2.03
N GLY C 354 18.24 -12.32 -2.16
CA GLY C 354 18.57 -13.67 -1.73
C GLY C 354 17.69 -14.80 -2.23
N LYS C 355 18.12 -16.03 -2.01
CA LYS C 355 17.24 -17.18 -2.24
C LYS C 355 17.01 -17.94 -0.91
N TYR C 356 15.89 -18.65 -0.84
CA TYR C 356 15.72 -19.69 0.17
C TYR C 356 15.26 -20.88 -0.61
N ALA C 357 16.09 -21.90 -0.72
CA ALA C 357 15.65 -23.05 -1.49
C ALA C 357 15.31 -24.19 -0.57
N ARG C 358 15.54 -23.95 0.71
CA ARG C 358 15.55 -25.05 1.64
C ARG C 358 14.18 -25.68 1.85
N MET C 359 14.13 -27.00 1.65
CA MET C 359 12.94 -27.76 1.90
C MET C 359 13.16 -28.49 3.22
N ARG C 360 12.41 -28.08 4.25
CA ARG C 360 12.66 -28.48 5.63
C ARG C 360 11.56 -29.45 6.07
N GLY C 361 11.93 -30.68 6.39
CA GLY C 361 10.95 -31.70 6.74
C GLY C 361 10.69 -32.53 5.50
N ALA C 362 10.23 -33.77 5.71
CA ALA C 362 10.00 -34.72 4.61
C ALA C 362 8.77 -34.43 3.77
N HIS C 363 7.74 -33.90 4.42
CA HIS C 363 6.55 -33.49 3.70
C HIS C 363 6.23 -32.06 4.13
N THR C 364 5.87 -31.23 3.16
CA THR C 364 5.63 -29.85 3.47
C THR C 364 4.61 -29.32 2.50
N ASN C 365 4.28 -28.04 2.63
CA ASN C 365 3.45 -27.37 1.64
C ASN C 365 3.97 -25.99 1.46
N ASP C 366 3.52 -25.32 0.41
CA ASP C 366 4.10 -24.02 0.11
C ASP C 366 3.92 -23.00 1.19
N VAL C 367 2.83 -23.05 1.92
CA VAL C 367 2.67 -22.10 2.99
C VAL C 367 3.71 -22.25 4.10
N LYS C 368 3.97 -23.48 4.54
CA LYS C 368 5.03 -23.74 5.51
C LYS C 368 6.31 -23.15 4.97
N GLN C 369 6.70 -23.55 3.78
CA GLN C 369 7.92 -23.06 3.19
C GLN C 369 7.96 -21.56 3.05
N LEU C 370 6.84 -20.93 2.81
CA LEU C 370 6.86 -19.49 2.77
C LEU C 370 7.13 -18.92 4.11
N THR C 371 6.46 -19.41 5.15
CA THR C 371 6.72 -18.95 6.51
C THR C 371 8.18 -19.12 6.88
N GLU C 372 8.74 -20.23 6.44
CA GLU C 372 10.14 -20.49 6.68
C GLU C 372 11.01 -19.44 6.02
N ALA C 373 10.72 -19.09 4.77
CA ALA C 373 11.42 -17.97 4.15
C ALA C 373 11.25 -16.67 4.90
N VAL C 374 10.05 -16.39 5.38
CA VAL C 374 9.83 -15.15 6.12
C VAL C 374 10.66 -15.08 7.38
N GLN C 375 10.86 -16.22 8.05
CA GLN C 375 11.80 -16.23 9.18
C GLN C 375 13.30 -16.16 8.85
N LYS C 376 13.74 -16.94 7.85
CA LYS C 376 15.13 -16.84 7.41
C LYS C 376 15.44 -15.38 7.21
N ILE C 377 14.53 -14.74 6.48
CA ILE C 377 14.67 -13.34 6.14
C ILE C 377 14.60 -12.40 7.35
N THR C 378 13.61 -12.59 8.21
CA THR C 378 13.54 -11.82 9.45
C THR C 378 14.82 -11.85 10.23
N THR C 379 15.30 -13.05 10.51
CA THR C 379 16.52 -13.25 11.26
C THR C 379 17.64 -12.47 10.59
N GLU C 380 17.80 -12.62 9.27
CA GLU C 380 18.77 -11.81 8.54
C GLU C 380 18.58 -10.27 8.73
N SER C 381 17.36 -9.76 8.51
CA SER C 381 17.07 -8.36 8.74
C SER C 381 17.46 -7.85 10.09
N ILE C 382 17.17 -8.62 11.11
CA ILE C 382 17.45 -8.17 12.45
C ILE C 382 18.97 -8.06 12.55
N VAL C 383 19.67 -9.10 12.11
CA VAL C 383 21.12 -9.03 12.14
C VAL C 383 21.69 -7.80 11.46
N ILE C 384 21.26 -7.53 10.24
CA ILE C 384 21.86 -6.44 9.48
C ILE C 384 21.41 -5.02 9.83
N TRP C 385 20.11 -4.81 9.84
CA TRP C 385 19.56 -3.49 10.10
C TRP C 385 18.99 -3.30 11.50
N GLY C 386 18.97 -4.37 12.27
CA GLY C 386 18.43 -4.32 13.61
C GLY C 386 16.93 -4.09 13.64
N LYS C 387 16.25 -4.40 12.55
CA LYS C 387 14.81 -4.24 12.52
C LYS C 387 14.13 -5.24 11.56
N THR C 388 12.82 -5.36 11.69
CA THR C 388 12.02 -6.20 10.82
C THR C 388 11.30 -5.41 9.72
N PRO C 389 11.36 -5.90 8.47
CA PRO C 389 10.80 -5.49 7.16
C PRO C 389 9.23 -5.64 7.04
N LYS C 390 8.64 -4.95 6.06
CA LYS C 390 7.27 -5.18 5.53
C LYS C 390 7.26 -6.32 4.49
N PHE C 391 6.32 -7.27 4.48
CA PHE C 391 6.71 -8.34 3.65
C PHE C 391 5.82 -8.10 2.58
N LYS C 392 6.25 -8.22 1.35
CA LYS C 392 5.25 -8.19 0.32
C LYS C 392 5.23 -9.61 -0.17
N LEU C 393 4.11 -10.27 0.06
CA LEU C 393 4.11 -11.69 -0.17
C LEU C 393 3.01 -12.18 -1.07
N PRO C 394 3.34 -13.11 -1.99
CA PRO C 394 2.40 -13.59 -2.98
C PRO C 394 1.43 -14.50 -2.36
N ILE C 395 0.80 -14.06 -1.27
CA ILE C 395 -0.22 -14.88 -0.65
C ILE C 395 -1.38 -14.00 -0.19
N GLN C 396 -2.59 -14.51 -0.32
CA GLN C 396 -3.77 -13.81 0.14
C GLN C 396 -3.91 -13.81 1.65
N LYS C 397 -4.40 -12.70 2.18
CA LYS C 397 -4.64 -12.63 3.61
C LYS C 397 -5.51 -13.77 4.11
N GLU C 398 -6.42 -14.24 3.26
CA GLU C 398 -7.37 -15.27 3.68
C GLU C 398 -6.64 -16.59 3.78
N THR C 399 -5.77 -16.86 2.82
CA THR C 399 -4.98 -18.09 2.79
C THR C 399 -4.18 -18.23 4.07
N TRP C 400 -3.39 -17.21 4.35
CA TRP C 400 -2.58 -17.20 5.53
C TRP C 400 -3.50 -17.40 6.74
N GLU C 401 -4.61 -16.67 6.80
CA GLU C 401 -5.55 -16.79 7.94
C GLU C 401 -6.11 -18.19 8.23
N THR C 402 -6.60 -18.81 7.18
CA THR C 402 -7.05 -20.15 7.21
C THR C 402 -5.98 -21.13 7.69
N TRP C 403 -4.77 -20.94 7.17
CA TRP C 403 -3.72 -21.87 7.52
C TRP C 403 -3.36 -21.74 8.98
N TRP C 404 -2.95 -20.54 9.38
CA TRP C 404 -2.43 -20.42 10.74
C TRP C 404 -3.51 -20.77 11.77
N THR C 405 -4.75 -20.36 11.57
CA THR C 405 -5.74 -20.72 12.58
C THR C 405 -6.00 -22.21 12.60
N GLU C 406 -5.84 -22.91 11.49
CA GLU C 406 -6.05 -24.36 11.55
C GLU C 406 -4.84 -25.21 11.97
N TYR C 407 -3.65 -24.63 12.03
CA TYR C 407 -2.43 -25.40 12.25
C TYR C 407 -2.09 -25.67 13.71
N TRP C 408 -1.63 -26.87 14.02
CA TRP C 408 -1.40 -27.31 15.40
C TRP C 408 -0.23 -26.54 16.00
N GLN C 409 0.69 -26.11 15.18
CA GLN C 409 1.77 -25.26 15.65
C GLN C 409 1.37 -23.81 15.76
N ALA C 410 2.00 -23.13 16.71
CA ALA C 410 1.85 -21.69 16.83
C ALA C 410 2.68 -21.13 15.72
N THR C 411 2.18 -20.11 15.06
CA THR C 411 3.00 -19.49 14.05
C THR C 411 2.70 -18.05 13.82
N TRP C 412 3.69 -17.32 13.35
CA TRP C 412 3.51 -15.89 13.18
C TRP C 412 4.37 -15.34 12.08
N ILE C 413 3.86 -14.31 11.42
CA ILE C 413 4.66 -13.56 10.46
C ILE C 413 4.62 -12.10 10.87
N PRO C 414 5.78 -11.41 10.82
CA PRO C 414 5.63 -9.99 11.17
C PRO C 414 4.71 -9.28 10.19
N GLU C 415 4.56 -7.98 10.37
CA GLU C 415 3.65 -7.20 9.56
C GLU C 415 3.87 -7.37 8.06
N TRP C 416 2.84 -7.79 7.35
CA TRP C 416 3.00 -8.06 5.92
C TRP C 416 1.89 -7.52 5.05
N GLU C 417 2.26 -7.12 3.84
CA GLU C 417 1.31 -6.61 2.86
C GLU C 417 1.38 -7.49 1.63
N PHE C 418 0.23 -7.90 1.13
CA PHE C 418 0.15 -8.77 -0.03
C PHE C 418 0.63 -8.15 -1.33
N VAL C 419 1.33 -8.93 -2.14
CA VAL C 419 1.75 -8.49 -3.46
C VAL C 419 1.29 -9.53 -4.45
N ASN C 420 0.61 -9.12 -5.51
CA ASN C 420 0.10 -10.08 -6.46
C ASN C 420 1.13 -10.46 -7.49
N THR C 421 2.13 -11.23 -7.08
CA THR C 421 3.13 -11.70 -8.00
C THR C 421 2.93 -13.18 -8.18
N PRO C 422 2.57 -13.59 -9.38
CA PRO C 422 2.31 -14.99 -9.69
C PRO C 422 3.58 -15.79 -9.73
N PRO C 423 3.51 -17.08 -9.42
CA PRO C 423 2.30 -17.72 -8.92
C PRO C 423 2.09 -17.42 -7.46
N LEU C 424 0.85 -17.49 -7.00
CA LEU C 424 0.51 -17.23 -5.60
C LEU C 424 0.58 -18.51 -4.78
N VAL C 425 0.90 -18.37 -3.50
CA VAL C 425 0.86 -19.49 -2.58
C VAL C 425 -0.56 -19.80 -2.21
N LYS C 426 -1.00 -21.04 -2.46
CA LYS C 426 -2.36 -21.42 -2.11
C LYS C 426 -2.36 -22.69 -1.29
N LEU C 427 -3.47 -22.99 -0.64
CA LEU C 427 -3.61 -24.33 -0.12
C LEU C 427 -4.27 -25.14 -1.19
N TRP C 428 -3.70 -26.28 -1.52
CA TRP C 428 -4.23 -27.03 -2.64
C TRP C 428 -5.40 -27.92 -2.36
N TYR C 429 -5.68 -28.21 -1.09
CA TYR C 429 -6.91 -28.95 -0.74
C TYR C 429 -7.28 -28.82 0.74
N GLN C 430 -8.52 -29.14 1.10
CA GLN C 430 -8.94 -29.05 2.49
C GLN C 430 -9.68 -30.29 2.89
N LEU C 431 -9.40 -30.82 4.05
CA LEU C 431 -10.22 -31.91 4.52
C LEU C 431 -11.53 -31.45 5.17
N GLU C 432 -12.60 -32.20 4.93
CA GLU C 432 -13.87 -31.85 5.53
C GLU C 432 -13.75 -31.95 7.02
N LYS C 433 -14.51 -31.09 7.70
CA LYS C 433 -14.51 -31.08 9.14
C LYS C 433 -15.56 -31.99 9.73
N GLU C 434 -16.55 -32.34 8.94
CA GLU C 434 -17.60 -33.27 9.34
C GLU C 434 -17.80 -34.30 8.21
N PRO C 435 -18.22 -35.54 8.56
CA PRO C 435 -18.49 -36.55 7.53
C PRO C 435 -19.33 -36.04 6.40
N ILE C 436 -19.11 -36.60 5.21
CA ILE C 436 -19.88 -36.18 4.06
C ILE C 436 -20.98 -37.18 3.87
N VAL C 437 -22.22 -36.76 4.12
CA VAL C 437 -23.38 -37.66 3.93
C VAL C 437 -23.55 -38.03 2.49
N GLY C 438 -23.77 -39.29 2.22
CA GLY C 438 -23.95 -39.62 0.83
C GLY C 438 -22.67 -40.02 0.15
N ALA C 439 -21.54 -39.71 0.76
CA ALA C 439 -20.27 -40.26 0.30
C ALA C 439 -20.03 -41.66 0.89
N GLU C 440 -19.37 -42.51 0.13
CA GLU C 440 -19.04 -43.87 0.58
C GLU C 440 -18.01 -43.89 1.68
N THR C 441 -18.06 -44.87 2.53
CA THR C 441 -17.16 -44.82 3.67
C THR C 441 -16.20 -45.99 3.49
N PHE C 442 -14.94 -45.72 3.16
CA PHE C 442 -13.95 -46.75 2.97
C PHE C 442 -13.32 -46.93 4.25
N TYR C 443 -13.43 -48.10 4.82
CA TYR C 443 -12.55 -48.43 5.91
C TYR C 443 -11.27 -48.94 5.33
N VAL C 444 -10.15 -48.27 5.59
CA VAL C 444 -8.91 -48.72 5.01
C VAL C 444 -7.99 -49.23 6.07
N ASP C 445 -7.25 -50.27 5.74
CA ASP C 445 -6.11 -50.64 6.57
C ASP C 445 -4.96 -51.18 5.71
N GLY C 446 -3.80 -51.30 6.34
CA GLY C 446 -2.67 -51.94 5.70
C GLY C 446 -1.84 -52.64 6.73
N ALA C 447 -1.06 -53.60 6.26
CA ALA C 447 -0.08 -54.25 7.09
C ALA C 447 1.05 -54.86 6.29
N ALA C 448 2.20 -54.98 6.95
CA ALA C 448 3.35 -55.64 6.35
C ALA C 448 3.93 -56.61 7.38
N ASN C 449 4.25 -57.81 6.91
CA ASN C 449 5.10 -58.74 7.61
C ASN C 449 6.46 -58.13 7.64
N ARG C 450 6.93 -57.93 8.87
CA ARG C 450 8.16 -57.22 9.20
C ARG C 450 9.38 -58.02 8.79
N GLU C 451 9.25 -59.34 8.92
CA GLU C 451 10.32 -60.27 8.61
C GLU C 451 10.51 -60.42 7.09
N THR C 452 9.41 -60.62 6.38
CA THR C 452 9.49 -60.85 4.95
C THR C 452 9.40 -59.59 4.11
N LYS C 453 9.18 -58.45 4.76
CA LYS C 453 8.97 -57.16 4.10
C LYS C 453 7.85 -57.30 3.07
N LEU C 454 6.85 -58.10 3.44
CA LEU C 454 5.80 -58.43 2.47
C LEU C 454 4.46 -57.96 2.99
N GLY C 455 3.49 -57.56 2.18
CA GLY C 455 2.29 -57.10 2.86
C GLY C 455 1.09 -56.69 2.03
N LYS C 456 -0.05 -56.47 2.67
CA LYS C 456 -1.29 -56.15 1.93
C LYS C 456 -1.82 -54.75 2.33
N ALA C 457 -2.56 -54.13 1.43
CA ALA C 457 -3.23 -52.84 1.66
C ALA C 457 -4.61 -52.84 1.08
N GLY C 458 -5.65 -52.65 1.87
CA GLY C 458 -6.97 -52.72 1.27
C GLY C 458 -8.06 -51.97 2.00
N TYR C 459 -9.29 -52.19 1.57
CA TYR C 459 -10.38 -51.50 2.21
C TYR C 459 -11.67 -52.28 2.03
N VAL C 460 -12.67 -51.92 2.85
CA VAL C 460 -14.03 -52.44 2.77
C VAL C 460 -14.97 -51.28 2.73
N THR C 461 -16.14 -51.40 2.14
CA THR C 461 -16.95 -50.21 2.07
C THR C 461 -18.27 -50.48 2.72
N ASN C 462 -18.94 -49.40 3.10
CA ASN C 462 -20.29 -49.46 3.60
C ASN C 462 -21.24 -49.99 2.53
N LYS C 463 -20.94 -49.69 1.26
CA LYS C 463 -21.66 -50.28 0.10
C LYS C 463 -21.25 -51.74 -0.23
N GLY C 464 -20.28 -52.30 0.50
CA GLY C 464 -19.95 -53.71 0.34
C GLY C 464 -18.85 -53.95 -0.69
N ARG C 465 -18.35 -52.86 -1.29
CA ARG C 465 -17.22 -52.81 -2.23
C ARG C 465 -15.89 -53.14 -1.52
N GLN C 466 -15.00 -53.90 -2.16
CA GLN C 466 -13.75 -54.25 -1.48
C GLN C 466 -12.52 -54.27 -2.35
N LYS C 467 -11.37 -54.24 -1.70
CA LYS C 467 -10.11 -54.42 -2.40
C LYS C 467 -9.11 -54.92 -1.40
N VAL C 468 -8.25 -55.85 -1.79
CA VAL C 468 -7.05 -56.14 -1.02
C VAL C 468 -5.91 -56.30 -1.99
N VAL C 469 -4.86 -55.52 -1.81
CA VAL C 469 -3.74 -55.58 -2.71
C VAL C 469 -2.44 -56.09 -2.10
N PRO C 470 -1.84 -57.17 -2.68
CA PRO C 470 -0.58 -57.66 -2.15
C PRO C 470 0.50 -56.73 -2.65
N LEU C 471 1.56 -56.62 -1.87
CA LEU C 471 2.60 -55.64 -2.03
C LEU C 471 3.90 -56.22 -1.58
N THR C 472 4.95 -55.92 -2.32
CA THR C 472 6.26 -56.45 -2.05
C THR C 472 7.17 -55.34 -1.63
N ASN C 473 8.09 -55.66 -0.72
CA ASN C 473 9.12 -54.75 -0.26
C ASN C 473 8.54 -53.47 0.30
N THR C 474 7.91 -53.60 1.48
CA THR C 474 7.11 -52.53 2.08
C THR C 474 7.16 -52.51 3.61
N THR C 475 6.98 -51.33 4.23
CA THR C 475 6.66 -51.16 5.66
C THR C 475 5.18 -51.19 6.05
N ASN C 476 4.91 -51.44 7.32
CA ASN C 476 3.61 -51.15 7.91
C ASN C 476 3.14 -49.77 7.56
N GLN C 477 3.97 -48.78 7.89
CA GLN C 477 3.70 -47.38 7.55
C GLN C 477 3.27 -47.21 6.09
N LYS C 478 4.03 -47.79 5.17
CA LYS C 478 3.68 -47.61 3.80
C LYS C 478 2.39 -48.35 3.43
N THR C 479 2.09 -49.50 4.01
CA THR C 479 0.82 -50.13 3.68
C THR C 479 -0.38 -49.29 4.15
N GLU C 480 -0.20 -48.64 5.29
CA GLU C 480 -1.27 -47.79 5.79
C GLU C 480 -1.50 -46.60 4.84
N LEU C 481 -0.41 -45.95 4.43
CA LEU C 481 -0.60 -44.95 3.39
C LEU C 481 -1.13 -45.49 2.07
N GLN C 482 -0.74 -46.70 1.72
CA GLN C 482 -1.10 -47.26 0.44
C GLN C 482 -2.63 -47.50 0.38
N ALA C 483 -3.18 -47.94 1.51
CA ALA C 483 -4.60 -48.21 1.58
C ALA C 483 -5.39 -46.91 1.45
N ILE C 484 -4.94 -45.88 2.16
CA ILE C 484 -5.60 -44.58 1.98
C ILE C 484 -5.56 -44.19 0.49
N TYR C 485 -4.46 -44.51 -0.20
CA TYR C 485 -4.37 -44.26 -1.64
C TYR C 485 -5.41 -44.99 -2.51
N LEU C 486 -5.50 -46.30 -2.38
CA LEU C 486 -6.50 -47.08 -3.13
C LEU C 486 -7.84 -46.45 -2.96
N ALA C 487 -8.17 -46.28 -1.69
CA ALA C 487 -9.44 -45.71 -1.30
C ALA C 487 -9.72 -44.41 -2.03
N LEU C 488 -8.73 -43.54 -2.13
CA LEU C 488 -8.87 -42.31 -2.91
C LEU C 488 -9.15 -42.55 -4.37
N GLN C 489 -8.43 -43.50 -4.95
CA GLN C 489 -8.61 -43.87 -6.37
C GLN C 489 -10.00 -44.36 -6.77
N ASP C 490 -10.59 -45.15 -5.90
CA ASP C 490 -11.84 -45.82 -6.21
C ASP C 490 -13.10 -45.03 -5.94
N SER C 491 -12.95 -43.81 -5.50
CA SER C 491 -14.10 -43.11 -4.93
C SER C 491 -14.51 -41.88 -5.79
N GLY C 492 -15.71 -41.41 -5.61
CA GLY C 492 -16.12 -40.27 -6.40
C GLY C 492 -15.53 -38.97 -5.91
N LEU C 493 -16.02 -37.86 -6.45
CA LEU C 493 -15.53 -36.56 -6.05
C LEU C 493 -15.70 -36.28 -4.53
N GLU C 494 -16.56 -37.03 -3.82
CA GLU C 494 -16.67 -36.97 -2.35
C GLU C 494 -16.48 -38.34 -1.68
N VAL C 495 -15.61 -38.43 -0.68
CA VAL C 495 -15.47 -39.67 0.09
C VAL C 495 -15.24 -39.46 1.57
N ASN C 496 -15.74 -40.39 2.39
CA ASN C 496 -15.29 -40.53 3.78
C ASN C 496 -14.35 -41.72 3.87
N ILE C 497 -13.15 -41.49 4.44
CA ILE C 497 -12.13 -42.51 4.76
C ILE C 497 -11.89 -42.68 6.25
N VAL C 498 -12.08 -43.87 6.76
CA VAL C 498 -11.69 -44.20 8.11
C VAL C 498 -10.36 -44.93 8.24
N THR C 499 -9.39 -44.37 8.94
CA THR C 499 -8.09 -45.04 9.09
C THR C 499 -7.69 -45.29 10.50
N ASN C 500 -6.96 -46.36 10.77
CA ASN C 500 -6.37 -46.47 12.09
C ASN C 500 -4.89 -46.07 12.16
N SER C 501 -4.37 -45.50 11.08
CA SER C 501 -2.96 -45.15 11.10
C SER C 501 -2.82 -43.76 11.61
N GLN C 502 -2.27 -43.65 12.80
CA GLN C 502 -1.92 -42.36 13.35
C GLN C 502 -0.91 -41.64 12.47
N TYR C 503 0.11 -42.38 12.05
CA TYR C 503 1.11 -41.86 11.15
C TYR C 503 0.55 -41.20 9.87
N ALA C 504 -0.40 -41.90 9.24
CA ALA C 504 -0.99 -41.51 7.96
C ALA C 504 -1.83 -40.31 8.15
N LEU C 505 -2.62 -40.33 9.21
CA LEU C 505 -3.55 -39.24 9.47
C LEU C 505 -2.82 -37.93 9.75
N GLY C 506 -1.74 -38.02 10.52
CA GLY C 506 -0.90 -36.86 10.71
C GLY C 506 -0.45 -36.27 9.40
N ILE C 507 0.10 -37.16 8.58
CA ILE C 507 0.69 -36.74 7.34
C ILE C 507 -0.34 -36.02 6.53
N ILE C 508 -1.50 -36.62 6.39
CA ILE C 508 -2.49 -36.15 5.42
C ILE C 508 -3.06 -34.81 5.89
N GLN C 509 -3.14 -34.67 7.21
CA GLN C 509 -3.69 -33.47 7.85
C GLN C 509 -2.80 -32.25 7.86
N ALA C 510 -1.52 -32.41 7.61
CA ALA C 510 -0.77 -31.16 7.49
C ALA C 510 -0.98 -30.54 6.11
N GLN C 511 -1.82 -31.19 5.33
CA GLN C 511 -2.10 -30.82 3.95
C GLN C 511 -0.84 -30.45 3.19
N PRO C 512 0.07 -31.43 3.02
CA PRO C 512 1.31 -31.22 2.27
C PRO C 512 1.00 -31.01 0.83
N ASP C 513 1.67 -30.15 0.11
CA ASP C 513 1.53 -30.23 -1.31
C ASP C 513 2.71 -30.90 -2.01
N LYS C 514 3.80 -31.18 -1.32
CA LYS C 514 4.90 -31.91 -1.96
C LYS C 514 5.59 -32.86 -1.00
N SER C 515 6.15 -33.95 -1.48
CA SER C 515 6.84 -34.86 -0.58
C SER C 515 8.04 -35.51 -1.18
N GLU C 516 8.97 -35.94 -0.33
CA GLU C 516 10.09 -36.69 -0.85
C GLU C 516 9.68 -38.14 -1.09
N SER C 517 8.48 -38.49 -0.65
CA SER C 517 7.95 -39.83 -0.90
C SER C 517 7.06 -39.69 -2.11
N GLU C 518 7.21 -40.58 -3.07
CA GLU C 518 6.44 -40.46 -4.29
C GLU C 518 5.06 -40.95 -4.07
N LEU C 519 4.93 -41.85 -3.09
CA LEU C 519 3.62 -42.31 -2.65
C LEU C 519 2.79 -41.15 -2.12
N VAL C 520 3.41 -40.30 -1.30
CA VAL C 520 2.66 -39.21 -0.73
C VAL C 520 2.30 -38.23 -1.83
N ASN C 521 3.22 -37.92 -2.73
CA ASN C 521 2.82 -37.14 -3.88
C ASN C 521 1.63 -37.72 -4.65
N GLN C 522 1.50 -39.05 -4.69
CA GLN C 522 0.37 -39.59 -5.44
C GLN C 522 -0.89 -39.37 -4.66
N ILE C 523 -0.79 -39.55 -3.35
CA ILE C 523 -1.95 -39.34 -2.49
C ILE C 523 -2.42 -37.92 -2.64
N ILE C 524 -1.47 -36.99 -2.65
CA ILE C 524 -1.77 -35.58 -2.85
C ILE C 524 -2.51 -35.40 -4.15
N GLU C 525 -2.00 -35.99 -5.22
CA GLU C 525 -2.65 -35.71 -6.49
C GLU C 525 -4.12 -36.21 -6.51
N GLN C 526 -4.34 -37.34 -5.86
CA GLN C 526 -5.69 -37.79 -5.69
C GLN C 526 -6.46 -36.78 -4.89
N LEU C 527 -5.89 -36.33 -3.78
CA LEU C 527 -6.60 -35.40 -2.91
C LEU C 527 -7.00 -34.15 -3.66
N ILE C 528 -6.11 -33.63 -4.48
CA ILE C 528 -6.40 -32.41 -5.19
C ILE C 528 -7.54 -32.66 -6.17
N LYS C 529 -7.67 -33.91 -6.60
CA LYS C 529 -8.73 -34.20 -7.58
C LYS C 529 -10.11 -34.33 -7.03
N LYS C 530 -10.28 -34.63 -5.75
CA LYS C 530 -11.62 -34.86 -5.21
C LYS C 530 -12.24 -33.50 -4.91
N GLU C 531 -13.56 -33.45 -4.88
CA GLU C 531 -14.28 -32.30 -4.41
C GLU C 531 -14.46 -32.25 -2.91
N LYS C 532 -14.73 -33.37 -2.25
CA LYS C 532 -14.90 -33.36 -0.77
C LYS C 532 -14.25 -34.58 -0.10
N VAL C 533 -13.30 -34.37 0.81
CA VAL C 533 -12.71 -35.52 1.54
C VAL C 533 -12.78 -35.45 3.08
N TYR C 534 -13.41 -36.42 3.71
CA TYR C 534 -13.33 -36.40 5.14
C TYR C 534 -12.59 -37.62 5.60
N LEU C 535 -11.45 -37.38 6.26
CA LEU C 535 -10.54 -38.44 6.68
C LEU C 535 -10.53 -38.45 8.18
N ALA C 536 -10.80 -39.62 8.73
CA ALA C 536 -11.15 -39.81 10.12
C ALA C 536 -10.27 -40.87 10.70
N TRP C 537 -10.08 -40.90 12.01
CA TRP C 537 -9.20 -41.90 12.64
C TRP C 537 -10.00 -42.74 13.63
N VAL C 538 -9.61 -43.99 13.87
CA VAL C 538 -10.21 -44.78 14.98
C VAL C 538 -9.09 -45.56 15.61
N PRO C 539 -9.28 -46.01 16.86
CA PRO C 539 -8.23 -46.87 17.46
C PRO C 539 -8.21 -48.23 16.86
N ALA C 540 -7.02 -48.74 16.64
CA ALA C 540 -6.96 -50.06 16.08
C ALA C 540 -7.37 -51.07 17.11
N HIS C 541 -7.96 -52.18 16.68
CA HIS C 541 -8.13 -53.31 17.57
C HIS C 541 -9.06 -53.08 18.77
N LYS C 542 -10.02 -52.16 18.60
CA LYS C 542 -11.08 -51.97 19.61
C LYS C 542 -12.38 -52.65 19.17
N GLY C 543 -12.31 -53.33 18.03
CA GLY C 543 -13.45 -54.04 17.49
C GLY C 543 -14.44 -53.12 16.85
N ILE C 544 -13.90 -52.08 16.25
CA ILE C 544 -14.74 -51.12 15.60
C ILE C 544 -15.05 -51.68 14.23
N GLY C 545 -16.27 -51.53 13.78
CA GLY C 545 -16.82 -52.41 12.77
C GLY C 545 -16.07 -52.57 11.43
N GLY C 546 -15.88 -51.44 10.74
CA GLY C 546 -15.23 -51.48 9.46
C GLY C 546 -13.79 -51.78 9.71
N ASN C 547 -13.21 -51.13 10.71
CA ASN C 547 -11.81 -51.38 11.00
C ASN C 547 -11.58 -52.88 11.15
N GLU C 548 -12.37 -53.51 12.02
CA GLU C 548 -12.14 -54.91 12.37
C GLU C 548 -12.18 -55.70 11.08
N GLN C 549 -13.04 -55.28 10.15
CA GLN C 549 -13.14 -56.13 8.97
C GLN C 549 -11.99 -55.95 7.96
N VAL C 550 -11.50 -54.73 7.77
CA VAL C 550 -10.36 -54.62 6.87
C VAL C 550 -9.01 -54.93 7.53
N ASP C 551 -8.95 -54.93 8.86
CA ASP C 551 -7.71 -55.33 9.53
C ASP C 551 -7.60 -56.81 9.40
N LYS C 552 -8.75 -57.49 9.51
CA LYS C 552 -8.76 -58.93 9.26
C LYS C 552 -8.35 -59.21 7.83
N LEU C 553 -9.03 -58.58 6.88
CA LEU C 553 -8.66 -58.81 5.49
C LEU C 553 -7.17 -58.69 5.23
N VAL C 554 -6.54 -57.59 5.66
CA VAL C 554 -5.14 -57.37 5.25
C VAL C 554 -4.04 -57.90 6.18
N SER C 555 -4.39 -58.28 7.40
CA SER C 555 -3.36 -58.92 8.23
C SER C 555 -3.18 -60.39 7.87
N ALA C 556 -4.05 -60.86 6.99
CA ALA C 556 -4.04 -62.24 6.55
C ALA C 556 -3.39 -62.30 5.17
N PRO D 4 30.04 -4.52 51.29
CA PRO D 4 31.48 -4.64 51.53
C PRO D 4 31.83 -5.95 52.23
N ILE D 5 30.92 -6.92 52.18
CA ILE D 5 31.04 -8.16 52.94
C ILE D 5 32.20 -8.98 52.36
N GLU D 6 32.69 -9.96 53.12
CA GLU D 6 33.71 -10.86 52.59
C GLU D 6 33.02 -11.81 51.61
N THR D 7 33.68 -12.01 50.47
CA THR D 7 33.11 -12.73 49.35
C THR D 7 33.12 -14.24 49.55
N VAL D 8 31.93 -14.84 49.50
CA VAL D 8 31.78 -16.28 49.64
C VAL D 8 32.28 -16.97 48.37
N PRO D 9 33.26 -17.87 48.53
CA PRO D 9 33.85 -18.54 47.36
C PRO D 9 32.81 -19.44 46.73
N VAL D 10 32.76 -19.45 45.41
CA VAL D 10 31.80 -20.30 44.72
C VAL D 10 32.53 -21.19 43.72
N LYS D 11 32.01 -22.41 43.58
CA LYS D 11 32.65 -23.46 42.83
C LYS D 11 31.75 -24.02 41.73
N LEU D 12 32.34 -24.16 40.54
CA LEU D 12 31.72 -24.85 39.41
C LEU D 12 31.52 -26.33 39.72
N LYS D 13 30.60 -26.99 39.00
CA LYS D 13 30.49 -28.43 39.13
C LYS D 13 31.80 -29.04 38.73
N PRO D 14 32.27 -30.01 39.53
CA PRO D 14 33.59 -30.59 39.31
C PRO D 14 33.70 -31.15 37.90
N GLY D 15 34.75 -30.76 37.18
CA GLY D 15 35.01 -31.30 35.87
C GLY D 15 34.51 -30.41 34.75
N MET D 16 33.56 -29.53 35.08
CA MET D 16 32.96 -28.63 34.08
C MET D 16 33.53 -27.21 34.06
N ASP D 17 33.92 -26.75 32.88
CA ASP D 17 34.29 -25.34 32.63
C ASP D 17 33.05 -24.45 32.51
N GLY D 18 33.25 -23.15 32.67
CA GLY D 18 32.23 -22.12 32.49
C GLY D 18 31.51 -21.97 31.16
N PRO D 19 30.42 -21.18 31.15
CA PRO D 19 29.61 -21.11 29.93
C PRO D 19 30.34 -20.41 28.79
N LYS D 20 30.39 -21.03 27.64
CA LYS D 20 30.79 -20.28 26.49
C LYS D 20 29.64 -20.30 25.52
N VAL D 21 28.87 -19.22 25.53
CA VAL D 21 27.63 -19.24 24.80
C VAL D 21 27.44 -18.00 23.96
N LYS D 22 27.24 -18.19 22.67
CA LYS D 22 27.13 -17.10 21.71
C LYS D 22 25.96 -16.14 22.00
N GLN D 23 26.17 -14.83 21.87
CA GLN D 23 25.06 -13.86 21.97
C GLN D 23 24.22 -13.84 20.71
N TRP D 24 22.88 -13.89 20.88
CA TRP D 24 21.98 -13.84 19.72
C TRP D 24 21.72 -12.41 19.39
N PRO D 25 21.48 -12.13 18.11
CA PRO D 25 21.27 -10.79 17.57
C PRO D 25 20.17 -10.03 18.28
N LEU D 26 20.36 -8.74 18.53
CA LEU D 26 19.28 -7.96 19.14
C LEU D 26 18.90 -6.85 18.19
N THR D 27 17.69 -6.34 18.36
CA THR D 27 17.16 -5.21 17.59
C THR D 27 17.83 -3.95 18.14
N GLU D 28 18.00 -2.94 17.31
CA GLU D 28 18.67 -1.69 17.72
C GLU D 28 18.07 -1.12 18.98
N GLU D 29 16.76 -1.17 19.06
CA GLU D 29 16.01 -0.73 20.23
C GLU D 29 16.57 -1.37 21.51
N LYS D 30 16.68 -2.69 21.49
CA LYS D 30 17.11 -3.43 22.67
C LYS D 30 18.60 -3.27 22.95
N ILE D 31 19.40 -3.12 21.90
CA ILE D 31 20.81 -2.80 22.07
C ILE D 31 20.98 -1.48 22.77
N LYS D 32 20.30 -0.45 22.30
CA LYS D 32 20.34 0.84 22.96
C LYS D 32 20.01 0.72 24.45
N ALA D 33 18.85 0.13 24.72
CA ALA D 33 18.39 -0.04 26.10
C ALA D 33 19.44 -0.70 26.98
N LEU D 34 20.00 -1.79 26.47
CA LEU D 34 21.05 -2.52 27.16
C LEU D 34 22.28 -1.70 27.38
N VAL D 35 22.78 -1.10 26.32
CA VAL D 35 23.97 -0.26 26.37
C VAL D 35 23.87 0.79 27.46
N GLU D 36 22.71 1.43 27.59
CA GLU D 36 22.51 2.50 28.56
C GLU D 36 22.39 1.97 29.99
N ILE D 37 21.53 0.96 30.17
CA ILE D 37 21.40 0.31 31.46
C ILE D 37 22.75 -0.14 31.94
N CYS D 38 23.50 -0.75 31.03
CA CYS D 38 24.81 -1.28 31.35
C CYS D 38 25.88 -0.22 31.67
N THR D 39 25.90 0.87 30.89
CA THR D 39 26.78 2.01 31.16
C THR D 39 26.60 2.44 32.57
N GLU D 40 25.36 2.81 32.86
CA GLU D 40 25.00 3.29 34.17
C GLU D 40 25.36 2.23 35.22
N MET D 41 25.33 0.96 34.84
CA MET D 41 25.65 -0.10 35.79
C MET D 41 27.15 -0.28 36.02
N GLU D 42 27.95 0.23 35.09
CA GLU D 42 29.40 0.18 35.20
C GLU D 42 29.82 1.29 36.15
N LYS D 43 29.20 2.46 35.96
CA LYS D 43 29.44 3.60 36.84
C LYS D 43 29.15 3.22 38.29
N GLU D 44 27.99 2.64 38.55
CA GLU D 44 27.61 2.17 39.89
C GLU D 44 28.51 1.04 40.41
N GLY D 45 29.38 0.55 39.54
CA GLY D 45 30.41 -0.42 39.90
C GLY D 45 29.94 -1.84 40.04
N LYS D 46 28.78 -2.10 39.48
CA LYS D 46 28.18 -3.43 39.55
C LYS D 46 28.93 -4.32 38.56
N ILE D 47 29.42 -3.70 37.48
CA ILE D 47 30.19 -4.37 36.45
C ILE D 47 31.45 -3.61 36.04
N SER D 48 32.31 -4.32 35.33
CA SER D 48 33.58 -3.76 34.86
C SER D 48 33.87 -4.34 33.50
N LYS D 49 34.37 -3.49 32.60
CA LYS D 49 34.74 -3.98 31.28
C LYS D 49 35.81 -5.05 31.41
N ILE D 50 35.88 -5.94 30.44
CA ILE D 50 36.82 -7.06 30.49
C ILE D 50 37.39 -7.32 29.11
N GLY D 51 38.52 -8.00 29.06
CA GLY D 51 39.21 -8.22 27.82
C GLY D 51 39.07 -9.60 27.24
N PRO D 52 39.72 -9.81 26.10
CA PRO D 52 39.78 -11.05 25.30
C PRO D 52 40.36 -12.25 26.04
N GLU D 53 40.99 -12.02 27.20
CA GLU D 53 41.53 -13.13 27.96
C GLU D 53 40.38 -13.89 28.59
N ASN D 54 39.17 -13.35 28.41
CA ASN D 54 38.00 -13.99 28.95
C ASN D 54 37.17 -14.64 27.86
N PRO D 55 37.23 -15.99 27.79
CA PRO D 55 36.61 -16.88 26.79
C PRO D 55 35.08 -17.03 26.93
N TYR D 56 34.57 -16.58 28.07
CA TYR D 56 33.23 -16.92 28.50
C TYR D 56 32.21 -15.88 28.09
N ASN D 57 31.02 -16.34 27.72
CA ASN D 57 29.90 -15.42 27.51
C ASN D 57 28.60 -16.09 27.87
N THR D 58 27.71 -15.31 28.48
CA THR D 58 26.38 -15.79 28.77
C THR D 58 25.48 -14.77 28.04
N PRO D 59 24.39 -15.23 27.39
CA PRO D 59 23.65 -14.24 26.61
C PRO D 59 22.88 -13.33 27.46
N VAL D 60 22.73 -12.12 26.97
CA VAL D 60 22.01 -11.09 27.70
C VAL D 60 21.05 -10.41 26.77
N PHE D 61 19.92 -9.93 27.26
CA PHE D 61 19.12 -9.07 26.40
C PHE D 61 18.21 -8.15 27.17
N ALA D 62 17.35 -7.42 26.47
CA ALA D 62 16.54 -6.40 27.13
C ALA D 62 15.05 -6.57 26.85
N ILE D 63 14.30 -6.39 27.94
CA ILE D 63 12.85 -6.54 27.99
C ILE D 63 12.17 -5.36 28.64
N LYS D 64 10.87 -5.27 28.54
CA LYS D 64 10.12 -4.30 29.33
C LYS D 64 9.09 -5.01 30.18
N LYS D 65 9.19 -4.86 31.50
CA LYS D 65 8.26 -5.48 32.42
C LYS D 65 6.86 -4.87 32.21
N LYS D 66 5.81 -5.54 32.71
CA LYS D 66 4.43 -5.05 32.56
C LYS D 66 4.20 -3.64 33.10
N ASP D 67 3.65 -2.80 32.23
CA ASP D 67 3.34 -1.38 32.49
C ASP D 67 4.61 -0.53 32.67
N SER D 68 5.72 -0.96 32.10
CA SER D 68 6.92 -0.17 32.25
C SER D 68 7.55 0.20 30.94
N THR D 69 7.74 1.50 30.75
CA THR D 69 8.43 2.00 29.57
C THR D 69 9.91 1.98 29.93
N LYS D 70 10.19 1.54 31.16
CA LYS D 70 11.56 1.48 31.61
C LYS D 70 12.02 0.04 31.36
N TRP D 71 13.15 -0.07 30.67
CA TRP D 71 13.83 -1.31 30.34
C TRP D 71 14.44 -2.10 31.48
N ARG D 72 14.56 -3.39 31.28
CA ARG D 72 15.16 -4.21 32.31
C ARG D 72 16.08 -5.17 31.59
N LYS D 73 17.27 -5.33 32.15
CA LYS D 73 18.22 -6.29 31.62
C LYS D 73 17.86 -7.68 32.12
N LEU D 74 18.05 -8.68 31.28
CA LEU D 74 17.75 -10.05 31.65
C LEU D 74 18.87 -10.95 31.20
N VAL D 75 19.51 -11.63 32.14
CA VAL D 75 20.53 -12.57 31.69
C VAL D 75 20.06 -14.03 31.69
N ASP D 76 20.46 -14.76 30.65
CA ASP D 76 20.00 -16.11 30.51
C ASP D 76 21.11 -16.94 31.06
N PHE D 77 20.97 -17.28 32.32
CA PHE D 77 22.06 -17.88 33.05
C PHE D 77 21.89 -19.37 33.07
N ARG D 78 20.92 -19.83 32.29
CA ARG D 78 20.58 -21.23 32.32
C ARG D 78 21.83 -22.10 32.21
N GLU D 79 22.71 -21.80 31.27
CA GLU D 79 23.91 -22.62 31.16
C GLU D 79 24.78 -22.40 32.39
N LEU D 80 24.88 -21.16 32.82
CA LEU D 80 25.68 -20.89 34.01
C LEU D 80 25.05 -21.65 35.17
N ASN D 81 23.78 -21.38 35.45
CA ASN D 81 23.13 -21.99 36.60
C ASN D 81 23.26 -23.50 36.58
N LYS D 82 23.34 -24.07 35.38
CA LYS D 82 23.49 -25.50 35.25
C LYS D 82 24.87 -25.86 35.73
N ARG D 83 25.81 -24.93 35.55
CA ARG D 83 27.19 -25.26 35.88
C ARG D 83 27.61 -24.86 37.32
N THR D 84 26.75 -24.14 38.03
CA THR D 84 26.95 -23.82 39.45
C THR D 84 26.14 -24.72 40.41
N GLN D 85 25.36 -25.64 39.86
CA GLN D 85 24.30 -26.35 40.56
C GLN D 85 24.65 -26.94 41.96
N ASP D 86 25.85 -27.50 42.12
CA ASP D 86 26.25 -28.07 43.42
C ASP D 86 26.05 -27.06 44.55
N PHE D 87 26.56 -25.85 44.33
CA PHE D 87 26.42 -24.75 45.26
C PHE D 87 24.99 -24.60 45.79
N TRP D 88 24.00 -24.60 44.90
CA TRP D 88 22.60 -24.38 45.30
C TRP D 88 21.72 -25.63 45.46
N GLU D 89 22.26 -26.83 45.26
CA GLU D 89 21.41 -28.03 45.21
C GLU D 89 21.44 -28.77 46.53
N VAL D 90 22.49 -29.54 46.78
CA VAL D 90 22.55 -30.25 48.05
C VAL D 90 23.06 -29.33 49.17
N GLN D 91 23.83 -28.30 48.80
CA GLN D 91 24.40 -27.40 49.82
C GLN D 91 23.37 -26.59 50.63
N LEU D 92 22.54 -25.81 49.92
CA LEU D 92 21.52 -24.99 50.57
C LEU D 92 20.22 -24.82 49.76
N GLY D 93 19.08 -24.63 50.45
CA GLY D 93 17.79 -24.43 49.80
C GLY D 93 16.60 -24.30 50.73
N ILE D 94 15.39 -24.20 50.17
CA ILE D 94 14.12 -24.11 50.93
C ILE D 94 13.16 -25.29 50.75
N PRO D 95 12.99 -26.15 51.79
CA PRO D 95 11.89 -27.13 51.72
C PRO D 95 10.54 -26.40 51.53
N HIS D 96 9.75 -26.79 50.51
CA HIS D 96 8.74 -25.89 49.93
C HIS D 96 7.47 -25.59 50.74
N PRO D 97 7.15 -24.28 50.85
CA PRO D 97 5.99 -23.70 51.53
C PRO D 97 4.68 -24.13 50.89
N ALA D 98 4.29 -25.36 51.20
CA ALA D 98 3.07 -25.93 50.68
C ALA D 98 1.87 -25.02 50.92
N GLY D 99 1.98 -24.07 51.84
CA GLY D 99 0.85 -23.21 52.12
C GLY D 99 0.69 -22.11 51.09
N LEU D 100 1.74 -21.84 50.36
CA LEU D 100 1.75 -20.71 49.46
C LEU D 100 0.73 -20.90 48.37
N LYS D 101 0.52 -22.17 48.01
CA LYS D 101 -0.37 -22.49 46.92
C LYS D 101 -1.80 -22.35 47.40
N LYS D 102 -1.99 -22.31 48.72
CA LYS D 102 -3.33 -22.22 49.35
C LYS D 102 -3.86 -20.79 49.70
N LYS D 103 -2.98 -19.80 49.63
CA LYS D 103 -3.35 -18.43 49.99
C LYS D 103 -4.30 -17.76 49.04
N LYS D 104 -5.32 -17.10 49.56
CA LYS D 104 -6.30 -16.45 48.69
C LYS D 104 -5.61 -15.43 47.79
N SER D 105 -4.52 -14.85 48.30
CA SER D 105 -3.69 -14.01 47.44
C SER D 105 -2.19 -14.19 47.66
N VAL D 106 -1.44 -14.11 46.56
CA VAL D 106 0.02 -14.07 46.53
C VAL D 106 0.45 -12.97 45.59
N THR D 107 1.13 -11.97 46.14
CA THR D 107 1.75 -10.89 45.37
C THR D 107 3.22 -11.25 45.17
N VAL D 108 3.75 -10.86 44.02
CA VAL D 108 5.12 -11.17 43.64
C VAL D 108 5.96 -9.93 43.35
N LEU D 109 7.10 -9.83 44.04
CA LEU D 109 7.94 -8.63 43.97
C LEU D 109 9.29 -8.87 43.33
N ASP D 110 9.82 -7.82 42.68
CA ASP D 110 11.14 -7.90 42.09
C ASP D 110 12.14 -7.38 43.11
N VAL D 111 12.90 -8.31 43.69
CA VAL D 111 13.94 -7.99 44.66
C VAL D 111 15.38 -7.87 44.12
N GLY D 112 15.52 -7.85 42.81
CA GLY D 112 16.81 -7.86 42.16
C GLY D 112 17.85 -6.86 42.63
N ASP D 113 17.41 -5.69 43.07
CA ASP D 113 18.38 -4.67 43.52
C ASP D 113 19.17 -5.09 44.75
N ALA D 114 18.51 -5.76 45.68
CA ALA D 114 19.15 -6.23 46.89
C ALA D 114 20.37 -7.09 46.54
N TYR D 115 20.37 -7.67 45.34
CA TYR D 115 21.47 -8.52 44.93
C TYR D 115 22.72 -7.73 44.66
N PHE D 116 22.50 -6.47 44.36
CA PHE D 116 23.56 -5.55 43.96
C PHE D 116 24.38 -4.97 45.14
N SER D 117 23.86 -5.12 46.36
CA SER D 117 24.65 -4.82 47.55
C SER D 117 25.88 -5.69 47.62
N VAL D 118 25.65 -6.96 47.88
CA VAL D 118 26.72 -7.92 48.06
C VAL D 118 27.68 -7.85 46.90
N PRO D 119 28.96 -8.03 47.18
CA PRO D 119 29.96 -8.20 46.13
C PRO D 119 30.00 -9.66 45.76
N LEU D 120 30.78 -10.02 44.75
CA LEU D 120 30.79 -11.38 44.23
C LEU D 120 32.19 -11.95 44.31
N ASP D 121 32.32 -13.25 44.57
CA ASP D 121 33.63 -13.89 44.70
C ASP D 121 34.58 -13.63 43.55
N GLU D 122 35.75 -13.10 43.89
CA GLU D 122 36.70 -12.68 42.89
C GLU D 122 37.02 -13.78 41.88
N ASP D 123 37.12 -15.02 42.35
CA ASP D 123 37.51 -16.09 41.43
C ASP D 123 36.41 -16.44 40.45
N PHE D 124 35.18 -16.14 40.85
CA PHE D 124 33.99 -16.41 40.05
C PHE D 124 33.57 -15.41 38.98
N ARG D 125 33.85 -14.13 39.20
CA ARG D 125 33.35 -13.07 38.34
C ARG D 125 33.65 -13.27 36.85
N LYS D 126 34.75 -13.94 36.52
CA LYS D 126 35.12 -14.16 35.13
C LYS D 126 34.09 -15.05 34.41
N TYR D 127 33.18 -15.66 35.16
CA TYR D 127 32.20 -16.55 34.56
C TYR D 127 30.89 -15.84 34.26
N THR D 128 30.71 -14.63 34.76
CA THR D 128 29.49 -13.88 34.47
C THR D 128 29.70 -13.04 33.22
N ALA D 129 30.77 -13.31 32.48
CA ALA D 129 31.10 -12.53 31.30
C ALA D 129 29.99 -12.53 30.27
N PHE D 130 29.58 -11.33 29.87
CA PHE D 130 28.52 -11.15 28.86
C PHE D 130 28.76 -10.03 27.87
N THR D 131 28.25 -10.18 26.65
CA THR D 131 28.47 -9.22 25.59
C THR D 131 27.22 -8.49 25.16
N ILE D 132 27.27 -7.18 25.11
CA ILE D 132 26.24 -6.43 24.39
C ILE D 132 26.69 -6.36 22.95
N PRO D 133 25.89 -6.89 22.05
CA PRO D 133 26.29 -7.03 20.65
C PRO D 133 26.13 -5.72 19.95
N SER D 134 26.73 -5.59 18.77
CA SER D 134 26.45 -4.44 17.93
C SER D 134 25.77 -4.91 16.67
N ILE D 135 24.87 -4.09 16.15
CA ILE D 135 24.25 -4.36 14.86
C ILE D 135 25.23 -4.56 13.72
N ASN D 136 25.11 -5.70 13.05
CA ASN D 136 25.91 -5.94 11.88
C ASN D 136 27.41 -5.97 12.11
N ASN D 137 27.87 -6.19 13.33
CA ASN D 137 29.32 -6.28 13.52
C ASN D 137 30.00 -4.95 13.18
N GLU D 138 29.29 -3.84 13.34
CA GLU D 138 29.85 -2.58 12.92
C GLU D 138 30.94 -2.19 13.91
N THR D 139 30.81 -2.70 15.12
CA THR D 139 31.75 -2.46 16.22
C THR D 139 32.10 -3.85 16.71
N PRO D 140 33.19 -4.01 17.45
CA PRO D 140 33.02 -5.38 17.93
C PRO D 140 32.15 -5.34 19.19
N GLY D 141 31.94 -6.49 19.83
CA GLY D 141 31.01 -6.52 20.94
C GLY D 141 31.52 -5.90 22.19
N ILE D 142 30.67 -5.15 22.88
CA ILE D 142 31.06 -4.65 24.18
C ILE D 142 30.96 -5.70 25.27
N ARG D 143 32.10 -6.11 25.83
CA ARG D 143 32.06 -7.15 26.85
C ARG D 143 32.21 -6.61 28.25
N TYR D 144 31.41 -7.11 29.17
CA TYR D 144 31.58 -6.73 30.56
C TYR D 144 31.63 -8.00 31.36
N GLN D 145 31.80 -7.81 32.67
CA GLN D 145 31.49 -8.89 33.61
C GLN D 145 31.04 -8.28 34.95
N TYR D 146 30.42 -9.13 35.76
CA TYR D 146 29.68 -8.70 36.95
C TYR D 146 30.61 -8.64 38.15
N ASN D 147 30.64 -7.47 38.78
CA ASN D 147 31.39 -7.27 40.02
C ASN D 147 30.55 -7.70 41.23
N VAL D 148 29.26 -7.33 41.26
CA VAL D 148 28.40 -7.74 42.36
C VAL D 148 27.66 -9.06 42.09
N LEU D 149 26.69 -9.40 42.95
CA LEU D 149 25.84 -10.58 42.73
C LEU D 149 24.80 -10.29 41.64
N PRO D 150 24.92 -10.99 40.49
CA PRO D 150 24.13 -10.79 39.27
C PRO D 150 22.73 -11.36 39.40
N GLN D 151 21.77 -10.62 38.85
CA GLN D 151 20.39 -11.05 38.80
C GLN D 151 20.16 -12.32 37.98
N GLY D 152 19.40 -13.24 38.54
CA GLY D 152 19.00 -14.43 37.82
C GLY D 152 20.00 -15.55 37.93
N TRP D 153 21.11 -15.32 38.62
CA TRP D 153 22.01 -16.41 38.98
C TRP D 153 21.41 -17.16 40.17
N LYS D 154 21.75 -18.42 40.41
CA LYS D 154 21.20 -19.16 41.58
C LYS D 154 21.89 -18.88 42.94
N GLY D 155 23.15 -18.49 42.85
CA GLY D 155 23.85 -18.12 44.06
C GLY D 155 23.34 -16.81 44.59
N SER D 156 23.09 -15.85 43.69
CA SER D 156 22.66 -14.53 44.13
C SER D 156 21.55 -14.70 45.16
N PRO D 157 20.52 -15.49 44.83
CA PRO D 157 19.54 -15.66 45.88
C PRO D 157 20.08 -16.48 47.04
N ALA D 158 21.07 -17.39 46.87
CA ALA D 158 21.51 -18.08 48.10
C ALA D 158 22.26 -17.21 49.14
N ILE D 159 23.33 -16.59 48.69
CA ILE D 159 24.12 -15.78 49.59
C ILE D 159 23.24 -14.64 50.14
N PHE D 160 22.37 -14.11 49.29
CA PHE D 160 21.72 -13.01 49.90
C PHE D 160 20.54 -13.60 50.61
N GLN D 161 20.40 -14.94 50.57
CA GLN D 161 19.27 -15.56 51.28
C GLN D 161 19.62 -15.37 52.75
N SER D 162 20.90 -15.66 53.04
CA SER D 162 21.42 -15.43 54.41
C SER D 162 21.05 -14.00 54.82
N SER D 163 21.47 -13.07 53.96
CA SER D 163 21.20 -11.64 54.24
C SER D 163 19.69 -11.34 54.36
N MET D 164 18.92 -12.09 53.59
CA MET D 164 17.47 -12.03 53.45
C MET D 164 16.81 -12.38 54.76
N THR D 165 17.07 -13.57 55.27
CA THR D 165 16.46 -14.03 56.48
C THR D 165 16.78 -12.98 57.53
N LYS D 166 18.01 -12.47 57.50
CA LYS D 166 18.41 -11.45 58.48
C LYS D 166 17.55 -10.17 58.42
N ILE D 167 17.20 -9.68 57.22
CA ILE D 167 16.29 -8.51 57.13
C ILE D 167 14.80 -8.86 57.33
N LEU D 168 14.44 -10.10 57.05
CA LEU D 168 13.08 -10.64 57.13
C LEU D 168 12.49 -10.99 58.50
N GLU D 169 13.26 -11.67 59.35
CA GLU D 169 12.72 -12.19 60.63
C GLU D 169 11.80 -11.23 61.40
N PRO D 170 12.14 -9.93 61.50
CA PRO D 170 11.20 -8.98 62.09
C PRO D 170 9.78 -9.00 61.52
N PHE D 171 9.66 -9.16 60.21
CA PHE D 171 8.34 -9.16 59.58
C PHE D 171 7.69 -10.53 59.75
N LYS D 172 8.51 -11.58 59.91
CA LYS D 172 7.95 -12.92 60.00
C LYS D 172 7.44 -13.20 61.42
N LYS D 173 8.07 -12.60 62.44
CA LYS D 173 7.55 -12.75 63.80
C LYS D 173 6.44 -11.72 64.00
N GLN D 174 6.42 -10.66 63.18
CA GLN D 174 5.33 -9.69 63.23
C GLN D 174 4.08 -10.22 62.54
N ASN D 175 4.28 -11.07 61.54
CA ASN D 175 3.20 -11.77 60.88
C ASN D 175 3.55 -13.23 60.63
N PRO D 176 3.35 -14.09 61.63
CA PRO D 176 3.72 -15.50 61.53
C PRO D 176 2.79 -16.23 60.57
N ASP D 177 1.64 -15.62 60.28
CA ASP D 177 0.67 -16.22 59.39
C ASP D 177 0.98 -16.02 57.90
N ILE D 178 1.47 -14.84 57.52
CA ILE D 178 1.87 -14.58 56.13
C ILE D 178 2.96 -15.57 55.71
N VAL D 179 2.96 -16.02 54.45
CA VAL D 179 4.07 -16.88 53.97
C VAL D 179 4.92 -16.20 52.91
N ILE D 180 6.25 -16.30 53.10
CA ILE D 180 7.23 -15.85 52.12
C ILE D 180 7.99 -17.01 51.44
N TYR D 181 7.99 -17.00 50.10
CA TYR D 181 8.80 -17.89 49.29
C TYR D 181 9.68 -17.03 48.41
N GLN D 182 10.83 -17.57 48.07
CA GLN D 182 11.76 -16.87 47.23
C GLN D 182 12.25 -17.75 46.09
N TYR D 183 12.04 -17.29 44.86
CA TYR D 183 12.60 -18.00 43.72
C TYR D 183 13.38 -16.97 42.91
N MET D 184 14.69 -17.12 42.86
CA MET D 184 15.51 -16.19 42.10
C MET D 184 15.15 -14.75 42.43
N ASP D 185 15.02 -13.92 41.40
CA ASP D 185 14.80 -12.49 41.60
C ASP D 185 13.46 -12.14 42.16
N ASP D 186 12.60 -13.14 42.32
CA ASP D 186 11.22 -12.88 42.73
C ASP D 186 10.96 -13.27 44.19
N LEU D 187 10.26 -12.40 44.93
CA LEU D 187 9.73 -12.79 46.22
C LEU D 187 8.19 -12.92 46.17
N TYR D 188 7.71 -14.11 46.53
CA TYR D 188 6.30 -14.43 46.51
C TYR D 188 5.82 -14.42 47.92
N VAL D 189 4.94 -13.47 48.22
CA VAL D 189 4.44 -13.27 49.56
C VAL D 189 2.91 -13.36 49.55
N GLY D 190 2.35 -14.18 50.44
CA GLY D 190 0.92 -14.31 50.44
C GLY D 190 0.15 -14.65 51.71
N SER D 191 -1.10 -14.19 51.65
CA SER D 191 -2.04 -14.12 52.75
C SER D 191 -3.49 -14.48 52.40
N ASP D 192 -4.26 -14.78 53.44
CA ASP D 192 -5.69 -14.93 53.34
C ASP D 192 -6.42 -13.60 53.49
N LEU D 193 -5.70 -12.54 53.83
CA LEU D 193 -6.32 -11.23 54.08
C LEU D 193 -6.98 -10.51 52.90
N GLU D 194 -7.83 -9.55 53.23
CA GLU D 194 -8.65 -8.86 52.27
C GLU D 194 -7.77 -8.09 51.29
N ILE D 195 -8.31 -7.80 50.12
CA ILE D 195 -7.58 -7.11 49.06
C ILE D 195 -6.86 -5.82 49.48
N GLY D 196 -7.55 -4.89 50.14
CA GLY D 196 -6.88 -3.69 50.58
C GLY D 196 -5.92 -3.92 51.72
N GLN D 197 -6.25 -4.90 52.56
CA GLN D 197 -5.42 -5.25 53.71
C GLN D 197 -4.23 -6.12 53.30
N HIS D 198 -4.40 -6.89 52.23
CA HIS D 198 -3.29 -7.62 51.68
C HIS D 198 -2.37 -6.63 51.02
N ARG D 199 -2.92 -5.83 50.11
CA ARG D 199 -2.16 -4.80 49.39
C ARG D 199 -1.39 -3.89 50.34
N THR D 200 -1.99 -3.65 51.51
CA THR D 200 -1.36 -2.82 52.52
C THR D 200 -0.24 -3.56 53.24
N LYS D 201 -0.47 -4.81 53.65
CA LYS D 201 0.62 -5.52 54.31
C LYS D 201 1.80 -5.72 53.33
N ILE D 202 1.47 -5.66 52.04
CA ILE D 202 2.46 -5.81 50.99
C ILE D 202 3.29 -4.56 50.88
N GLU D 203 2.63 -3.42 50.83
CA GLU D 203 3.41 -2.20 50.69
C GLU D 203 4.16 -1.94 52.00
N GLU D 204 3.70 -2.60 53.06
CA GLU D 204 4.45 -2.62 54.31
C GLU D 204 5.73 -3.41 54.15
N LEU D 205 5.66 -4.49 53.38
CA LEU D 205 6.87 -5.25 53.12
C LEU D 205 7.74 -4.49 52.10
N ARG D 206 7.12 -3.51 51.46
CA ARG D 206 7.82 -2.69 50.48
C ARG D 206 8.70 -1.74 51.27
N GLN D 207 8.17 -1.14 52.34
CA GLN D 207 9.00 -0.27 53.16
C GLN D 207 10.00 -1.06 54.00
N HIS D 208 9.55 -2.12 54.67
CA HIS D 208 10.45 -2.98 55.48
C HIS D 208 11.65 -3.42 54.62
N LEU D 209 11.42 -3.59 53.32
CA LEU D 209 12.51 -3.87 52.40
C LEU D 209 13.26 -2.62 51.97
N LEU D 210 12.59 -1.47 52.05
CA LEU D 210 13.18 -0.22 51.60
C LEU D 210 14.15 0.39 52.61
N ARG D 211 13.96 0.08 53.89
CA ARG D 211 14.86 0.58 54.91
C ARG D 211 16.23 -0.09 54.87
N TRP D 212 16.33 -1.19 54.13
CA TRP D 212 17.61 -1.83 53.88
C TRP D 212 18.25 -1.40 52.57
N GLY D 213 17.61 -0.44 51.91
CA GLY D 213 18.19 0.19 50.72
C GLY D 213 17.69 -0.27 49.35
N LEU D 214 16.70 -1.15 49.33
CA LEU D 214 16.22 -1.76 48.09
C LEU D 214 15.21 -0.89 47.31
N THR D 215 14.79 -1.35 46.13
CA THR D 215 13.68 -0.73 45.35
C THR D 215 12.87 -1.83 44.62
N THR D 216 11.55 -1.68 44.61
CA THR D 216 10.68 -2.64 43.95
C THR D 216 9.87 -1.94 42.87
N PRO D 217 10.46 -1.87 41.66
CA PRO D 217 9.93 -1.11 40.52
C PRO D 217 8.41 -1.25 40.34
N GLY D 231 -2.99 -7.28 37.60
CA GLY D 231 -2.40 -7.16 38.93
C GLY D 231 -1.52 -8.35 39.29
N TYR D 232 -0.36 -8.06 39.86
CA TYR D 232 0.63 -9.07 40.25
C TYR D 232 0.13 -10.06 41.28
N GLU D 233 -1.07 -9.84 41.82
CA GLU D 233 -1.50 -10.76 42.85
C GLU D 233 -2.02 -11.92 42.05
N LEU D 234 -1.51 -13.10 42.37
CA LEU D 234 -2.11 -14.29 41.85
C LEU D 234 -3.13 -14.68 42.87
N HIS D 235 -3.92 -15.70 42.57
CA HIS D 235 -5.00 -16.04 43.46
C HIS D 235 -5.12 -17.55 43.47
N PRO D 236 -4.08 -18.23 44.00
CA PRO D 236 -3.78 -19.67 44.02
C PRO D 236 -4.90 -20.55 44.54
N ASP D 237 -5.82 -19.99 45.32
CA ASP D 237 -6.92 -20.79 45.88
C ASP D 237 -8.03 -20.98 44.86
N LYS D 238 -7.96 -20.19 43.79
CA LYS D 238 -8.90 -20.29 42.67
C LYS D 238 -8.37 -21.10 41.49
N TRP D 239 -7.14 -21.59 41.57
CA TRP D 239 -6.55 -22.37 40.48
C TRP D 239 -7.19 -23.73 40.29
N THR D 240 -7.69 -23.93 39.07
CA THR D 240 -8.46 -25.12 38.71
C THR D 240 -7.87 -26.06 37.66
N VAL D 241 -7.86 -27.33 38.00
CA VAL D 241 -7.59 -28.37 37.02
C VAL D 241 -8.83 -28.58 36.16
N GLN D 242 -8.66 -28.71 34.85
CA GLN D 242 -9.81 -28.87 33.94
C GLN D 242 -9.95 -30.36 33.54
N PRO D 243 -11.14 -30.93 33.74
CA PRO D 243 -11.41 -32.35 33.57
C PRO D 243 -11.58 -32.80 32.13
N ILE D 244 -11.27 -34.08 31.87
CA ILE D 244 -11.62 -34.66 30.60
C ILE D 244 -13.12 -34.73 30.60
N VAL D 245 -13.71 -34.17 29.55
CA VAL D 245 -15.15 -34.14 29.48
C VAL D 245 -15.59 -34.73 28.14
N LEU D 246 -16.77 -35.36 28.13
CA LEU D 246 -17.25 -36.05 26.94
C LEU D 246 -18.45 -35.33 26.45
N PRO D 247 -18.65 -35.29 25.14
CA PRO D 247 -19.81 -34.54 24.72
C PRO D 247 -21.08 -35.12 25.35
N GLU D 248 -22.06 -34.24 25.44
CA GLU D 248 -23.38 -34.62 25.87
C GLU D 248 -24.19 -34.48 24.61
N LYS D 249 -24.69 -35.58 24.09
CA LYS D 249 -25.22 -35.55 22.75
C LYS D 249 -26.58 -36.17 22.61
N ASP D 250 -27.48 -35.50 21.90
CA ASP D 250 -28.84 -36.01 21.80
C ASP D 250 -29.13 -37.08 20.76
N SER D 251 -28.60 -37.00 19.53
CA SER D 251 -28.44 -38.25 18.73
C SER D 251 -27.04 -38.50 18.22
N TRP D 252 -26.70 -39.75 17.92
CA TRP D 252 -25.31 -40.01 17.50
C TRP D 252 -25.14 -40.63 16.12
N THR D 253 -24.23 -40.08 15.32
CA THR D 253 -23.93 -40.74 14.08
C THR D 253 -22.86 -41.78 14.38
N VAL D 254 -22.54 -42.56 13.37
CA VAL D 254 -21.53 -43.56 13.45
C VAL D 254 -20.18 -42.92 13.78
N ASN D 255 -19.92 -41.81 13.11
CA ASN D 255 -18.74 -41.00 13.36
C ASN D 255 -18.58 -40.65 14.79
N ASP D 256 -19.64 -40.07 15.34
CA ASP D 256 -19.71 -39.72 16.73
C ASP D 256 -19.33 -40.81 17.64
N ILE D 257 -19.93 -41.97 17.48
CA ILE D 257 -19.53 -43.05 18.33
C ILE D 257 -18.05 -43.35 18.15
N GLN D 258 -17.51 -43.11 16.95
CA GLN D 258 -16.11 -43.47 16.75
C GLN D 258 -15.18 -42.57 17.54
N LYS D 259 -15.36 -41.27 17.33
CA LYS D 259 -14.57 -40.26 18.02
C LYS D 259 -14.71 -40.45 19.49
N LEU D 260 -15.91 -40.79 19.92
CA LEU D 260 -16.13 -41.01 21.33
C LEU D 260 -15.26 -42.16 21.77
N VAL D 261 -15.27 -43.26 21.02
CA VAL D 261 -14.50 -44.44 21.44
C VAL D 261 -12.99 -44.21 21.42
N GLY D 262 -12.51 -43.41 20.47
CA GLY D 262 -11.10 -43.07 20.45
C GLY D 262 -10.73 -42.27 21.70
N LYS D 263 -11.46 -41.18 21.92
CA LYS D 263 -11.25 -40.33 23.09
C LYS D 263 -11.26 -41.15 24.34
N LEU D 264 -12.28 -41.99 24.53
CA LEU D 264 -12.35 -42.77 25.75
C LEU D 264 -11.19 -43.72 25.88
N ASN D 265 -10.74 -44.36 24.78
CA ASN D 265 -9.61 -45.29 24.90
C ASN D 265 -8.28 -44.63 25.29
N TRP D 266 -8.17 -43.40 24.82
CA TRP D 266 -6.95 -42.70 25.11
C TRP D 266 -7.06 -42.29 26.54
N ALA D 267 -8.23 -41.82 26.95
CA ALA D 267 -8.44 -41.42 28.33
C ALA D 267 -8.23 -42.62 29.22
N SER D 268 -8.51 -43.80 28.69
CA SER D 268 -8.37 -45.00 29.51
C SER D 268 -6.94 -45.18 29.87
N GLN D 269 -6.06 -44.48 29.16
CA GLN D 269 -4.64 -44.56 29.52
C GLN D 269 -4.36 -43.80 30.80
N ILE D 270 -5.37 -43.12 31.32
CA ILE D 270 -5.20 -42.25 32.47
C ILE D 270 -6.02 -42.87 33.58
N TYR D 271 -7.31 -42.95 33.32
CA TYR D 271 -8.20 -43.67 34.19
C TYR D 271 -8.37 -45.04 33.58
N PRO D 272 -7.80 -46.05 34.22
CA PRO D 272 -7.79 -47.41 33.69
C PRO D 272 -9.17 -48.01 33.72
N GLY D 273 -10.05 -47.40 34.51
CA GLY D 273 -11.39 -47.96 34.65
C GLY D 273 -12.35 -47.72 33.51
N ILE D 274 -11.87 -47.01 32.50
CA ILE D 274 -12.68 -46.67 31.36
C ILE D 274 -12.90 -47.90 30.46
N LYS D 275 -14.12 -48.10 29.97
CA LYS D 275 -14.44 -49.21 29.08
C LYS D 275 -15.08 -48.69 27.79
N VAL D 276 -14.64 -49.21 26.64
CA VAL D 276 -15.27 -48.99 25.33
C VAL D 276 -16.07 -50.12 24.67
N ARG D 277 -16.22 -51.28 25.31
CA ARG D 277 -16.81 -52.47 24.68
C ARG D 277 -18.20 -52.24 24.11
N GLN D 278 -19.15 -51.81 24.92
CA GLN D 278 -20.52 -51.71 24.48
C GLN D 278 -20.70 -50.68 23.39
N LEU D 279 -19.80 -49.73 23.37
CA LEU D 279 -19.92 -48.73 22.37
C LEU D 279 -19.38 -49.34 21.05
N SER D 280 -18.44 -50.27 21.17
CA SER D 280 -18.01 -50.83 19.91
C SER D 280 -19.07 -51.78 19.43
N LYS D 281 -19.68 -52.57 20.29
CA LYS D 281 -20.75 -53.43 19.82
C LYS D 281 -21.78 -52.56 19.08
N LEU D 282 -21.72 -51.26 19.32
CA LEU D 282 -22.71 -50.37 18.69
C LEU D 282 -22.26 -50.18 17.28
N LEU D 283 -20.96 -50.33 17.10
CA LEU D 283 -20.38 -50.09 15.76
C LEU D 283 -20.24 -51.30 14.79
N ARG D 284 -20.81 -52.44 15.18
CA ARG D 284 -20.39 -53.76 14.72
C ARG D 284 -20.41 -54.06 13.22
N GLY D 285 -21.28 -53.44 12.43
CA GLY D 285 -21.15 -53.60 10.98
C GLY D 285 -20.05 -52.84 10.21
N THR D 286 -20.27 -52.61 8.93
CA THR D 286 -19.39 -51.70 8.19
C THR D 286 -20.30 -50.56 7.74
N LYS D 287 -20.31 -49.44 8.45
CA LYS D 287 -21.45 -48.48 8.34
C LYS D 287 -21.18 -47.12 7.70
N ALA D 288 -22.23 -46.49 7.18
CA ALA D 288 -22.06 -45.11 6.71
C ALA D 288 -21.70 -44.23 7.91
N LEU D 289 -20.86 -43.23 7.74
CA LEU D 289 -20.39 -42.44 8.88
C LEU D 289 -21.54 -41.64 9.46
N THR D 290 -22.45 -41.30 8.59
CA THR D 290 -23.54 -40.43 8.88
C THR D 290 -24.71 -41.23 9.41
N GLU D 291 -24.56 -42.53 9.49
CA GLU D 291 -25.65 -43.38 9.96
C GLU D 291 -25.97 -43.06 11.44
N VAL D 292 -27.24 -42.98 11.80
CA VAL D 292 -27.62 -42.71 13.18
C VAL D 292 -27.67 -43.97 13.99
N ILE D 293 -27.13 -43.98 15.17
CA ILE D 293 -27.09 -45.24 15.89
C ILE D 293 -27.86 -45.15 17.18
N PRO D 294 -28.89 -45.99 17.33
CA PRO D 294 -29.55 -46.03 18.63
C PRO D 294 -28.54 -46.58 19.64
N LEU D 295 -28.51 -46.05 20.85
CA LEU D 295 -27.60 -46.56 21.85
C LEU D 295 -28.15 -47.79 22.51
N THR D 296 -27.37 -48.87 22.62
CA THR D 296 -27.90 -50.02 23.36
C THR D 296 -27.94 -49.67 24.83
N GLU D 297 -28.77 -50.40 25.55
CA GLU D 297 -28.88 -50.22 26.97
C GLU D 297 -27.55 -50.38 27.70
N GLU D 298 -26.77 -51.37 27.30
CA GLU D 298 -25.49 -51.60 27.97
C GLU D 298 -24.48 -50.51 27.61
N ALA D 299 -24.61 -49.99 26.39
CA ALA D 299 -23.84 -48.84 26.02
C ALA D 299 -24.14 -47.68 26.96
N GLU D 300 -25.40 -47.50 27.32
CA GLU D 300 -25.76 -46.42 28.23
C GLU D 300 -25.12 -46.58 29.55
N LEU D 301 -25.15 -47.80 30.10
CA LEU D 301 -24.54 -48.00 31.41
C LEU D 301 -23.04 -47.81 31.37
N GLU D 302 -22.45 -48.00 30.19
CA GLU D 302 -21.01 -47.84 30.07
C GLU D 302 -20.68 -46.39 30.02
N LEU D 303 -21.41 -45.64 29.22
CA LEU D 303 -21.20 -44.22 29.15
C LEU D 303 -21.42 -43.54 30.53
N ALA D 304 -22.36 -44.07 31.33
CA ALA D 304 -22.62 -43.50 32.66
C ALA D 304 -21.47 -43.87 33.58
N GLU D 305 -21.11 -45.14 33.65
CA GLU D 305 -19.98 -45.45 34.51
C GLU D 305 -18.72 -44.71 34.05
N ASN D 306 -18.63 -44.41 32.78
CA ASN D 306 -17.44 -43.74 32.30
C ASN D 306 -17.40 -42.31 32.70
N ARG D 307 -18.49 -41.62 32.41
CA ARG D 307 -18.67 -40.23 32.81
C ARG D 307 -18.34 -40.10 34.27
N GLU D 308 -18.91 -41.01 35.05
CA GLU D 308 -18.60 -41.15 36.47
C GLU D 308 -17.11 -41.29 36.77
N ILE D 309 -16.44 -42.17 36.07
CA ILE D 309 -15.00 -42.25 36.27
C ILE D 309 -14.35 -40.90 36.02
N LEU D 310 -14.66 -40.29 34.90
CA LEU D 310 -14.06 -39.01 34.57
C LEU D 310 -14.37 -37.90 35.56
N LYS D 311 -15.41 -38.07 36.39
CA LYS D 311 -15.73 -37.08 37.44
C LYS D 311 -14.77 -37.05 38.60
N GLU D 312 -14.20 -38.20 38.91
CA GLU D 312 -13.30 -38.37 40.04
C GLU D 312 -11.88 -37.90 39.77
N PRO D 313 -11.07 -37.79 40.83
CA PRO D 313 -9.63 -37.57 40.67
C PRO D 313 -8.87 -38.83 40.32
N VAL D 314 -7.63 -38.65 39.89
CA VAL D 314 -6.80 -39.78 39.59
C VAL D 314 -6.19 -40.36 40.84
N HIS D 315 -6.02 -41.67 40.85
CA HIS D 315 -5.40 -42.34 41.98
C HIS D 315 -3.88 -42.37 41.76
N GLY D 316 -3.11 -42.22 42.84
CA GLY D 316 -1.70 -42.52 42.73
C GLY D 316 -0.83 -41.46 42.09
N VAL D 317 -1.22 -40.20 42.23
CA VAL D 317 -0.37 -39.14 41.72
C VAL D 317 0.44 -38.45 42.82
N TYR D 318 1.72 -38.76 42.89
CA TYR D 318 2.58 -38.14 43.87
C TYR D 318 3.76 -37.49 43.18
N TYR D 319 4.07 -36.28 43.64
CA TYR D 319 5.22 -35.53 43.18
C TYR D 319 6.53 -36.14 43.69
N ASP D 320 7.44 -36.46 42.79
CA ASP D 320 8.75 -36.96 43.20
C ASP D 320 9.85 -35.89 43.01
N PRO D 321 10.35 -35.33 44.13
CA PRO D 321 11.39 -34.29 43.98
C PRO D 321 12.63 -34.75 43.27
N SER D 322 12.82 -36.06 43.13
CA SER D 322 13.94 -36.59 42.37
C SER D 322 13.81 -36.16 40.92
N LYS D 323 12.66 -36.49 40.35
CA LYS D 323 12.40 -36.30 38.93
C LYS D 323 12.01 -34.88 38.53
N ASP D 324 12.24 -34.60 37.25
CA ASP D 324 11.88 -33.34 36.64
C ASP D 324 10.40 -33.05 36.37
N LEU D 325 10.05 -31.78 36.42
CA LEU D 325 8.75 -31.36 35.94
C LEU D 325 8.70 -31.13 34.44
N ILE D 326 7.73 -31.78 33.81
CA ILE D 326 7.48 -31.57 32.40
C ILE D 326 6.16 -30.82 32.23
N ALA D 327 6.17 -29.77 31.40
CA ALA D 327 4.95 -29.07 31.05
C ALA D 327 4.88 -29.37 29.60
N GLU D 328 3.68 -29.73 29.14
CA GLU D 328 3.34 -29.99 27.75
C GLU D 328 2.26 -29.00 27.38
N ILE D 329 2.32 -28.43 26.20
CA ILE D 329 1.28 -27.50 25.78
C ILE D 329 0.66 -27.87 24.45
N GLN D 330 -0.67 -27.82 24.35
CA GLN D 330 -1.30 -27.97 23.06
C GLN D 330 -2.12 -26.77 22.64
N LYS D 331 -1.92 -26.32 21.41
CA LYS D 331 -2.76 -25.27 20.86
C LYS D 331 -4.12 -25.74 20.36
N GLN D 332 -5.16 -25.23 21.00
CA GLN D 332 -6.56 -25.54 20.76
C GLN D 332 -7.23 -24.46 19.92
N GLY D 333 -6.56 -23.41 19.54
CA GLY D 333 -7.26 -22.53 18.62
C GLY D 333 -8.26 -21.54 19.17
N GLN D 334 -8.53 -20.47 18.43
CA GLN D 334 -9.52 -19.53 18.90
C GLN D 334 -8.93 -19.20 20.22
N GLY D 335 -7.67 -18.83 20.27
CA GLY D 335 -7.18 -18.56 21.58
C GLY D 335 -7.14 -19.78 22.50
N GLN D 336 -7.43 -21.05 22.10
CA GLN D 336 -7.46 -21.89 23.27
C GLN D 336 -6.18 -22.64 23.42
N TRP D 337 -5.64 -22.68 24.63
CA TRP D 337 -4.40 -23.43 24.80
C TRP D 337 -4.54 -24.35 25.98
N THR D 338 -4.41 -25.66 25.82
CA THR D 338 -4.43 -26.59 26.98
C THR D 338 -3.04 -26.95 27.46
N TYR D 339 -2.81 -27.15 28.75
CA TYR D 339 -1.47 -27.54 29.17
C TYR D 339 -1.54 -28.61 30.24
N GLN D 340 -0.46 -29.38 30.38
CA GLN D 340 -0.36 -30.37 31.46
C GLN D 340 1.02 -30.44 32.05
N ILE D 341 1.09 -30.50 33.38
CA ILE D 341 2.36 -30.67 34.07
C ILE D 341 2.38 -32.04 34.71
N TYR D 342 3.44 -32.77 34.41
CA TYR D 342 3.57 -34.16 34.81
C TYR D 342 5.02 -34.63 34.94
N GLN D 343 5.27 -35.55 35.87
CA GLN D 343 6.56 -36.26 35.96
C GLN D 343 6.62 -37.50 35.10
N GLU D 344 5.51 -38.22 35.02
CA GLU D 344 5.48 -39.37 34.15
C GLU D 344 4.16 -39.53 33.38
N PRO D 345 4.23 -40.13 32.18
CA PRO D 345 3.11 -40.15 31.24
C PRO D 345 1.79 -40.54 31.81
N PHE D 346 0.79 -39.71 31.55
CA PHE D 346 -0.58 -40.00 31.88
C PHE D 346 -0.86 -39.85 33.37
N LYS D 347 0.18 -39.66 34.18
CA LYS D 347 -0.06 -39.25 35.55
C LYS D 347 0.35 -37.80 35.64
N ASN D 348 -0.63 -36.92 35.60
CA ASN D 348 -0.38 -35.49 35.55
C ASN D 348 -0.46 -34.94 36.96
N LEU D 349 0.49 -34.10 37.35
CA LEU D 349 0.34 -33.39 38.61
C LEU D 349 -0.70 -32.28 38.48
N LYS D 350 -0.78 -31.62 37.33
CA LYS D 350 -1.81 -30.58 37.18
C LYS D 350 -2.18 -30.46 35.70
N THR D 351 -3.43 -30.09 35.36
CA THR D 351 -3.80 -29.85 33.96
C THR D 351 -4.60 -28.59 33.91
N GLY D 352 -4.44 -27.78 32.87
CA GLY D 352 -5.11 -26.49 32.83
C GLY D 352 -5.45 -25.93 31.47
N LYS D 353 -6.11 -24.78 31.42
CA LYS D 353 -6.38 -24.13 30.15
C LYS D 353 -6.15 -22.62 30.18
N TYR D 354 -5.52 -22.07 29.17
CA TYR D 354 -5.39 -20.61 29.08
C TYR D 354 -6.11 -20.06 27.86
N ALA D 355 -6.83 -18.95 28.05
CA ALA D 355 -7.67 -18.38 27.01
C ALA D 355 -7.46 -16.90 26.78
N ARG D 356 -7.84 -16.41 25.59
CA ARG D 356 -8.10 -14.98 25.32
C ARG D 356 -7.06 -14.06 26.00
N MET D 357 -5.81 -14.52 25.95
CA MET D 357 -4.66 -13.75 26.43
C MET D 357 -4.47 -12.50 25.53
N ARG D 358 -3.66 -11.50 25.92
CA ARG D 358 -3.37 -10.34 25.04
C ARG D 358 -2.95 -10.77 23.62
N GLY D 359 -3.39 -10.04 22.60
CA GLY D 359 -3.06 -10.44 21.23
C GLY D 359 -3.80 -11.73 20.96
N ALA D 360 -5.03 -11.81 21.51
CA ALA D 360 -5.90 -13.00 21.40
C ALA D 360 -6.67 -13.17 20.11
N HIS D 361 -6.66 -14.42 19.64
CA HIS D 361 -7.32 -14.82 18.39
C HIS D 361 -6.64 -14.19 17.16
N THR D 362 -5.56 -13.45 17.41
CA THR D 362 -4.71 -12.83 16.39
C THR D 362 -3.24 -13.31 16.36
N ASN D 363 -2.47 -13.13 17.44
CA ASN D 363 -1.03 -13.49 17.43
C ASN D 363 -0.71 -14.64 18.37
N ASP D 364 -0.40 -15.77 17.73
CA ASP D 364 -0.06 -17.01 18.39
C ASP D 364 1.16 -17.00 19.27
N VAL D 365 2.27 -16.52 18.76
CA VAL D 365 3.49 -16.57 19.54
C VAL D 365 3.35 -15.79 20.84
N LYS D 366 2.75 -14.61 20.79
CA LYS D 366 2.53 -13.89 22.03
C LYS D 366 1.71 -14.71 23.05
N GLN D 367 0.66 -15.36 22.57
CA GLN D 367 -0.18 -16.16 23.46
C GLN D 367 0.54 -17.31 24.09
N LEU D 368 1.32 -18.00 23.29
CA LEU D 368 2.08 -19.12 23.78
C LEU D 368 3.12 -18.70 24.79
N THR D 369 3.84 -17.63 24.50
CA THR D 369 4.86 -17.15 25.44
C THR D 369 4.26 -16.81 26.78
N GLU D 370 3.17 -16.06 26.72
CA GLU D 370 2.38 -15.77 27.91
C GLU D 370 2.03 -17.03 28.67
N ALA D 371 1.51 -18.04 27.98
CA ALA D 371 1.09 -19.24 28.68
C ALA D 371 2.26 -19.95 29.32
N VAL D 372 3.42 -19.97 28.67
CA VAL D 372 4.60 -20.61 29.28
C VAL D 372 4.95 -19.87 30.58
N GLN D 373 4.87 -18.55 30.55
CA GLN D 373 5.11 -17.77 31.74
C GLN D 373 4.12 -18.17 32.82
N LYS D 374 2.83 -18.21 32.48
CA LYS D 374 1.82 -18.57 33.45
C LYS D 374 2.02 -19.98 34.06
N ILE D 375 2.41 -20.94 33.27
CA ILE D 375 2.62 -22.27 33.80
C ILE D 375 3.87 -22.29 34.66
N THR D 376 4.84 -21.46 34.33
CA THR D 376 6.02 -21.39 35.17
C THR D 376 5.69 -20.78 36.52
N THR D 377 5.04 -19.62 36.51
CA THR D 377 4.62 -19.02 37.76
C THR D 377 3.93 -20.06 38.62
N GLU D 378 2.92 -20.71 38.04
CA GLU D 378 2.22 -21.75 38.78
C GLU D 378 3.13 -22.88 39.33
N SER D 379 4.13 -23.31 38.56
CA SER D 379 4.97 -24.41 39.07
C SER D 379 5.77 -23.93 40.25
N ILE D 380 6.23 -22.69 40.16
CA ILE D 380 7.01 -22.14 41.24
C ILE D 380 6.13 -22.09 42.51
N VAL D 381 4.98 -21.45 42.39
CA VAL D 381 4.05 -21.35 43.48
C VAL D 381 3.59 -22.71 44.00
N ILE D 382 3.86 -23.79 43.27
CA ILE D 382 3.25 -25.04 43.71
C ILE D 382 4.30 -26.02 44.20
N TRP D 383 5.25 -26.40 43.35
CA TRP D 383 6.40 -27.17 43.81
C TRP D 383 7.67 -26.35 43.97
N GLY D 384 7.60 -25.06 43.65
CA GLY D 384 8.82 -24.28 43.68
C GLY D 384 9.95 -24.84 42.86
N LYS D 385 9.62 -25.19 41.62
CA LYS D 385 10.55 -25.78 40.68
C LYS D 385 9.97 -25.39 39.34
N THR D 386 10.76 -25.33 38.28
CA THR D 386 10.17 -25.01 36.99
C THR D 386 10.27 -26.17 36.00
N PRO D 387 9.25 -26.29 35.13
CA PRO D 387 9.02 -27.39 34.19
C PRO D 387 9.81 -27.22 32.93
N LYS D 388 10.04 -28.30 32.18
CA LYS D 388 10.59 -28.20 30.85
C LYS D 388 9.44 -28.07 29.88
N PHE D 389 9.35 -26.97 29.16
CA PHE D 389 8.19 -26.93 28.29
C PHE D 389 8.56 -27.71 27.03
N LYS D 390 7.58 -28.40 26.43
CA LYS D 390 7.74 -28.91 25.10
C LYS D 390 6.83 -28.04 24.29
N LEU D 391 7.45 -27.17 23.52
CA LEU D 391 6.75 -26.12 22.88
C LEU D 391 6.31 -26.40 21.44
N PRO D 392 5.01 -26.31 21.16
CA PRO D 392 4.49 -26.54 19.82
C PRO D 392 4.79 -25.37 18.88
N ILE D 393 6.04 -25.20 18.50
CA ILE D 393 6.45 -24.05 17.68
C ILE D 393 7.78 -24.35 17.00
N GLN D 394 8.08 -23.66 15.91
CA GLN D 394 9.34 -23.93 15.26
C GLN D 394 10.36 -23.11 16.02
N LYS D 395 11.50 -23.72 16.27
CA LYS D 395 12.53 -23.15 17.12
C LYS D 395 12.88 -21.69 16.85
N GLU D 396 13.00 -21.34 15.59
CA GLU D 396 13.45 -20.03 15.17
C GLU D 396 12.46 -18.89 15.43
N THR D 397 11.19 -19.17 15.11
CA THR D 397 10.09 -18.27 15.39
C THR D 397 10.15 -18.00 16.87
N TRP D 398 10.40 -19.09 17.58
CA TRP D 398 10.39 -19.03 19.01
C TRP D 398 11.56 -18.19 19.47
N GLU D 399 12.77 -18.33 18.95
CA GLU D 399 13.79 -17.50 19.54
C GLU D 399 13.61 -16.01 19.32
N THR D 400 13.16 -15.71 18.11
CA THR D 400 12.93 -14.33 17.78
C THR D 400 11.83 -13.62 18.57
N TRP D 401 10.70 -14.27 18.66
CA TRP D 401 9.71 -13.41 19.23
C TRP D 401 9.72 -13.68 20.70
N TRP D 402 10.26 -14.82 21.12
CA TRP D 402 9.93 -15.17 22.48
C TRP D 402 10.57 -14.01 23.20
N THR D 403 11.81 -13.68 22.80
CA THR D 403 12.40 -12.54 23.54
C THR D 403 11.62 -11.24 23.35
N GLU D 404 10.85 -11.13 22.24
CA GLU D 404 10.08 -9.84 22.06
C GLU D 404 8.88 -9.72 23.05
N TYR D 405 8.25 -10.83 23.44
CA TYR D 405 7.06 -10.75 24.32
C TYR D 405 7.29 -11.10 25.81
N TRP D 406 8.54 -11.38 26.20
CA TRP D 406 8.84 -11.96 27.53
C TRP D 406 9.08 -10.99 28.69
N GLN D 407 8.22 -11.02 29.71
CA GLN D 407 8.37 -10.17 30.90
C GLN D 407 8.85 -10.79 32.24
N ALA D 408 9.02 -12.11 32.35
CA ALA D 408 9.42 -12.75 33.60
C ALA D 408 10.92 -12.68 33.84
N THR D 409 11.33 -12.80 35.10
CA THR D 409 12.76 -12.74 35.45
C THR D 409 13.48 -14.10 35.40
N TRP D 410 12.77 -15.20 35.20
CA TRP D 410 13.47 -16.45 35.04
C TRP D 410 13.33 -16.89 33.60
N ILE D 411 14.02 -17.94 33.21
CA ILE D 411 13.96 -18.45 31.85
C ILE D 411 13.95 -19.96 31.86
N PRO D 412 12.77 -20.58 31.68
CA PRO D 412 12.57 -22.04 31.74
C PRO D 412 13.34 -22.89 30.77
N GLU D 413 13.19 -24.19 30.96
CA GLU D 413 13.84 -25.13 30.07
C GLU D 413 12.90 -25.45 28.94
N TRP D 414 13.41 -25.54 27.71
CA TRP D 414 12.46 -25.79 26.66
C TRP D 414 13.04 -26.61 25.53
N GLU D 415 12.19 -27.42 24.93
CA GLU D 415 12.59 -28.12 23.73
C GLU D 415 11.46 -27.92 22.77
N PHE D 416 11.65 -28.23 21.49
CA PHE D 416 10.62 -27.92 20.49
C PHE D 416 10.06 -29.19 19.88
N VAL D 417 8.75 -29.20 19.64
CA VAL D 417 8.18 -30.39 19.07
C VAL D 417 7.71 -30.17 17.66
N ASN D 418 8.10 -31.13 16.82
CA ASN D 418 7.84 -31.10 15.38
C ASN D 418 6.64 -31.98 15.01
N THR D 419 6.06 -32.64 15.99
CA THR D 419 4.97 -33.58 15.71
C THR D 419 3.63 -33.16 16.35
N PRO D 420 2.50 -33.44 15.63
CA PRO D 420 1.15 -33.10 16.09
C PRO D 420 0.67 -34.02 17.22
N PRO D 421 -0.47 -33.70 17.82
CA PRO D 421 -1.22 -34.67 18.64
C PRO D 421 -2.46 -35.46 18.11
N LEU D 422 -2.83 -36.48 18.90
CA LEU D 422 -4.22 -36.98 19.11
C LEU D 422 -4.59 -36.37 20.44
N VAL D 423 -3.61 -35.68 20.99
CA VAL D 423 -3.66 -35.21 22.35
C VAL D 423 -4.50 -33.92 22.42
N LYS D 424 -5.03 -33.49 21.27
CA LYS D 424 -6.07 -32.45 21.24
C LYS D 424 -7.32 -33.02 21.94
N LEU D 425 -7.26 -34.30 22.29
CA LEU D 425 -8.32 -34.98 23.03
C LEU D 425 -8.17 -34.62 24.52
N TRP D 426 -7.31 -33.64 24.81
CA TRP D 426 -7.22 -32.94 26.13
C TRP D 426 -8.19 -31.80 26.24
N TYR D 427 -9.06 -31.64 25.25
CA TYR D 427 -10.07 -30.61 25.32
C TYR D 427 -11.20 -30.98 24.38
N GLN D 428 -12.38 -30.40 24.66
CA GLN D 428 -13.62 -30.73 23.94
C GLN D 428 -13.46 -30.60 22.41
#